data_7EEA
#
_entry.id   7EEA
#
_cell.length_a   123.580
_cell.length_b   241.272
_cell.length_c   176.429
_cell.angle_alpha   90.000
_cell.angle_beta   90.000
_cell.angle_gamma   90.000
#
_symmetry.space_group_name_H-M   'C 2 2 21'
#
loop_
_entity.id
_entity.type
_entity.pdbx_description
1 polymer 'Short-tailed cyanophage tailspike receptor-binding domain'
2 water water
#
_entity_poly.entity_id   1
_entity_poly.type   'polypeptide(L)'
_entity_poly.pdbx_seq_one_letter_code
;MGHHHHHHGAASIGYKRESGARLRTTADMFKDHLNLKEYCPGDGTNQTTAFNAAIARAVSEGISRIIVPAGHYLVTDLSV
TANGLVFEGQGESSRIQVASNNSRCFSLSGDRLTFRGLKFIGDGTASASANGIGILAGDATDLLVEDVWFDSFGFGGVNA
GFTTLARGPKFIRTRHRNTGTGGAEIYLRGLYEGADVIDIDAATSNADWAVFAFDEGYAGQRDLEVTRGDFSGYKRYSIG
VSDENPSGEDRGFGVKINGGHHKNAGLGAVKVKNYRGVLIQGVTTDNCGIVPIAGISNTGESGTFYINSAGLVDIGGCKL
RDNGMDGITVIQGAPYPTTNADGTARNQYIVHDNQIDGCGTASYAGTGTGFRIKSGVHQAFLTNNSARGCTRFVAELGND
PSNISETITVIGNDFSQNLSATNGIYARYINRLKMDMNQIENTGAQVVYGLDIDTVYSGPGDRFGNNTVADFHVRFDSCR
DLTLLGDYSSTDYTQWVTATAVPVGAKRWNGANAYVAEAAGTTGATAPTHTSGTVSDGGVNWRYIGKRRIAAAAVALRGT
AAALVRMGGTTRTNSTSTAHGIDFSPSPTRWEWSDIDAGTATLAAGTVTVNITDNRRQVDGNYRVLVTGTVNETFYVSAR
AASNFTITSSNAASTATVMWKIFR
;
_entity_poly.pdbx_strand_id   A,B,C
#
# COMPACT_ATOMS: atom_id res chain seq x y z
C GLY A 9 -39.95 38.09 -36.33
N ALA A 10 -39.33 37.35 -35.41
CA ALA A 10 -37.90 37.07 -35.52
C ALA A 10 -37.58 36.13 -36.67
N ALA A 11 -38.55 35.33 -37.12
CA ALA A 11 -38.33 34.43 -38.23
C ALA A 11 -38.19 35.16 -39.56
N SER A 12 -38.43 36.47 -39.59
CA SER A 12 -38.24 37.28 -40.79
C SER A 12 -36.98 38.13 -40.77
N ILE A 13 -36.34 38.27 -39.61
CA ILE A 13 -35.13 39.08 -39.49
C ILE A 13 -33.95 38.22 -39.93
N GLY A 14 -33.42 38.51 -41.13
CA GLY A 14 -32.30 37.74 -41.62
C GLY A 14 -31.02 38.03 -40.87
N TYR A 15 -30.18 36.99 -40.74
CA TYR A 15 -28.91 37.12 -40.05
C TYR A 15 -27.84 36.35 -40.81
N LYS A 16 -26.65 36.95 -40.91
CA LYS A 16 -25.53 36.34 -41.62
C LYS A 16 -24.24 36.82 -40.99
N ARG A 17 -23.35 35.88 -40.66
CA ARG A 17 -22.05 36.24 -40.10
C ARG A 17 -21.20 36.98 -41.13
N GLU A 18 -20.99 36.36 -42.29
CA GLU A 18 -20.29 36.97 -43.40
C GLU A 18 -20.87 36.39 -44.68
N SER A 19 -20.39 36.89 -45.82
CA SER A 19 -20.98 36.50 -47.11
C SER A 19 -20.91 34.99 -47.34
N GLY A 20 -19.85 34.35 -46.86
CA GLY A 20 -19.67 32.92 -47.08
C GLY A 20 -20.47 32.01 -46.18
N ALA A 21 -21.29 32.55 -45.28
CA ALA A 21 -22.06 31.73 -44.36
C ALA A 21 -23.45 31.44 -44.96
N ARG A 22 -24.26 30.71 -44.19
CA ARG A 22 -25.63 30.45 -44.59
C ARG A 22 -26.52 31.62 -44.21
N LEU A 23 -27.51 31.90 -45.06
CA LEU A 23 -28.51 32.91 -44.73
C LEU A 23 -29.52 32.31 -43.76
N ARG A 24 -29.58 32.86 -42.56
CA ARG A 24 -30.44 32.34 -41.52
C ARG A 24 -31.21 33.49 -40.87
N THR A 25 -32.28 33.13 -40.16
CA THR A 25 -33.04 34.09 -39.39
C THR A 25 -32.47 34.18 -37.98
N THR A 26 -32.86 35.24 -37.26
CA THR A 26 -32.53 35.31 -35.84
C THR A 26 -33.27 34.22 -35.06
N ALA A 27 -34.43 33.77 -35.57
CA ALA A 27 -35.13 32.68 -34.93
C ALA A 27 -34.42 31.34 -35.15
N ASP A 28 -33.73 31.19 -36.29
CA ASP A 28 -32.96 29.98 -36.53
C ASP A 28 -31.83 29.84 -35.51
N MET A 29 -31.18 30.96 -35.18
CA MET A 29 -30.09 30.91 -34.20
C MET A 29 -30.59 30.47 -32.84
N PHE A 30 -31.85 30.80 -32.49
CA PHE A 30 -32.40 30.38 -31.21
C PHE A 30 -32.85 28.92 -31.25
N LYS A 31 -33.50 28.51 -32.33
CA LYS A 31 -34.06 27.16 -32.42
C LYS A 31 -33.01 26.08 -32.51
N ASP A 32 -31.73 26.43 -32.70
CA ASP A 32 -30.68 25.42 -32.61
C ASP A 32 -30.60 24.83 -31.20
N HIS A 33 -30.97 25.61 -30.19
CA HIS A 33 -30.99 25.19 -28.81
C HIS A 33 -32.43 25.20 -28.30
N LEU A 34 -32.59 24.91 -27.01
CA LEU A 34 -33.91 24.95 -26.38
C LEU A 34 -33.75 25.60 -25.01
N ASN A 35 -34.15 26.87 -24.92
CA ASN A 35 -34.17 27.58 -23.65
C ASN A 35 -35.41 27.18 -22.86
N LEU A 36 -35.21 26.78 -21.60
CA LEU A 36 -36.34 26.39 -20.76
C LEU A 36 -37.32 27.54 -20.58
N LYS A 37 -36.82 28.78 -20.58
CA LYS A 37 -37.70 29.93 -20.42
C LYS A 37 -38.50 30.23 -21.69
N GLU A 38 -38.28 29.51 -22.78
CA GLU A 38 -39.21 29.55 -23.91
C GLU A 38 -40.55 28.92 -23.54
N TYR A 39 -40.61 28.18 -22.44
CA TYR A 39 -41.83 27.55 -21.96
C TYR A 39 -42.16 27.90 -20.52
N CYS A 40 -41.14 28.05 -19.66
CA CYS A 40 -41.35 28.29 -18.24
C CYS A 40 -41.01 29.73 -17.89
N PRO A 41 -41.91 30.45 -17.23
CA PRO A 41 -41.58 31.83 -16.82
C PRO A 41 -40.47 31.89 -15.78
N GLY A 42 -40.32 30.86 -14.97
CA GLY A 42 -39.31 30.90 -13.91
C GLY A 42 -39.57 31.94 -12.85
N ASP A 43 -40.84 32.19 -12.52
CA ASP A 43 -41.22 33.24 -11.59
C ASP A 43 -41.66 32.72 -10.24
N GLY A 44 -41.45 31.43 -9.96
CA GLY A 44 -41.83 30.84 -8.70
C GLY A 44 -43.16 30.12 -8.72
N THR A 45 -43.92 30.20 -9.80
CA THR A 45 -45.19 29.50 -9.87
C THR A 45 -44.97 28.04 -10.23
N ASN A 46 -46.00 27.24 -9.97
CA ASN A 46 -46.00 25.84 -10.39
C ASN A 46 -45.90 25.75 -11.90
N GLN A 47 -44.82 25.15 -12.40
CA GLN A 47 -44.53 25.15 -13.82
C GLN A 47 -44.31 23.75 -14.38
N THR A 48 -44.89 22.72 -13.75
CA THR A 48 -44.68 21.36 -14.22
C THR A 48 -45.20 21.17 -15.64
N THR A 49 -46.36 21.74 -15.96
CA THR A 49 -46.93 21.57 -17.28
C THR A 49 -46.02 22.17 -18.35
N ALA A 50 -45.51 23.38 -18.12
CA ALA A 50 -44.62 24.02 -19.08
C ALA A 50 -43.27 23.30 -19.14
N PHE A 51 -42.76 22.86 -17.99
CA PHE A 51 -41.50 22.12 -17.98
C PHE A 51 -41.61 20.82 -18.76
N ASN A 52 -42.74 20.12 -18.61
CA ASN A 52 -42.96 18.90 -19.37
C ASN A 52 -43.00 19.18 -20.88
N ALA A 53 -43.59 20.32 -21.26
CA ALA A 53 -43.68 20.66 -22.68
C ALA A 53 -42.31 20.94 -23.27
N ALA A 54 -41.43 21.59 -22.50
CA ALA A 54 -40.06 21.78 -22.94
C ALA A 54 -39.37 20.43 -23.15
N ILE A 55 -39.51 19.52 -22.19
CA ILE A 55 -38.90 18.20 -22.32
C ILE A 55 -39.47 17.48 -23.54
N ALA A 56 -40.80 17.52 -23.69
CA ALA A 56 -41.43 16.87 -24.83
C ALA A 56 -41.03 17.53 -26.15
N ARG A 57 -40.80 18.84 -26.14
CA ARG A 57 -40.41 19.52 -27.37
C ARG A 57 -38.98 19.17 -27.76
N ALA A 58 -38.08 19.13 -26.78
CA ALA A 58 -36.69 18.76 -27.06
C ALA A 58 -36.61 17.37 -27.68
N VAL A 59 -37.39 16.43 -27.17
CA VAL A 59 -37.36 15.07 -27.70
C VAL A 59 -37.90 15.04 -29.13
N SER A 60 -38.96 15.79 -29.40
CA SER A 60 -39.54 15.78 -30.74
C SER A 60 -38.65 16.48 -31.75
N GLU A 61 -37.92 17.52 -31.33
CA GLU A 61 -37.00 18.21 -32.22
C GLU A 61 -35.66 17.50 -32.36
N GLY A 62 -35.42 16.44 -31.59
CA GLY A 62 -34.14 15.77 -31.61
C GLY A 62 -33.04 16.54 -30.92
N ILE A 63 -33.40 17.38 -29.95
CA ILE A 63 -32.45 18.22 -29.22
C ILE A 63 -32.16 17.58 -27.87
N SER A 64 -30.88 17.54 -27.49
CA SER A 64 -30.47 16.95 -26.23
C SER A 64 -30.47 17.97 -25.09
N ARG A 65 -29.81 19.11 -25.30
CA ARG A 65 -29.57 20.04 -24.20
C ARG A 65 -30.76 20.96 -23.98
N ILE A 66 -31.15 21.10 -22.71
CA ILE A 66 -32.17 22.05 -22.29
C ILE A 66 -31.50 23.03 -21.34
N ILE A 67 -31.30 24.27 -21.81
CA ILE A 67 -30.62 25.29 -21.01
C ILE A 67 -31.58 25.80 -19.95
N VAL A 68 -31.15 25.77 -18.69
CA VAL A 68 -31.98 26.22 -17.58
C VAL A 68 -31.39 27.50 -17.00
N PRO A 69 -31.80 28.68 -17.49
CA PRO A 69 -31.22 29.93 -17.00
C PRO A 69 -31.58 30.22 -15.56
N ALA A 70 -31.04 31.32 -15.04
CA ALA A 70 -31.42 31.78 -13.71
C ALA A 70 -32.94 31.94 -13.62
N GLY A 71 -33.52 31.29 -12.62
CA GLY A 71 -34.96 31.33 -12.46
C GLY A 71 -35.37 30.43 -11.32
N HIS A 72 -36.65 30.49 -10.99
CA HIS A 72 -37.24 29.71 -9.92
C HIS A 72 -38.37 28.86 -10.52
N TYR A 73 -38.14 27.56 -10.64
CA TYR A 73 -39.05 26.65 -11.32
C TYR A 73 -39.61 25.67 -10.30
N LEU A 74 -40.90 25.79 -9.99
CA LEU A 74 -41.58 24.89 -9.07
C LEU A 74 -42.17 23.73 -9.86
N VAL A 75 -41.87 22.51 -9.43
CA VAL A 75 -42.01 21.34 -10.30
C VAL A 75 -42.37 20.12 -9.45
N THR A 76 -43.15 19.22 -10.05
CA THR A 76 -43.55 17.99 -9.37
C THR A 76 -43.58 16.84 -10.37
N ASP A 77 -42.81 15.78 -10.08
CA ASP A 77 -42.79 14.51 -10.81
C ASP A 77 -42.72 14.73 -12.33
N LEU A 78 -41.58 15.27 -12.75
CA LEU A 78 -41.28 15.40 -14.17
C LEU A 78 -40.74 14.07 -14.67
N SER A 79 -41.54 13.36 -15.45
CA SER A 79 -41.12 12.10 -16.04
C SER A 79 -40.40 12.38 -17.36
N VAL A 80 -39.21 11.81 -17.51
CA VAL A 80 -38.50 11.82 -18.77
C VAL A 80 -38.07 10.39 -19.08
N THR A 81 -38.46 9.90 -20.25
CA THR A 81 -38.14 8.55 -20.68
C THR A 81 -37.14 8.50 -21.83
N ALA A 82 -36.91 9.63 -22.51
CA ALA A 82 -35.96 9.67 -23.61
C ALA A 82 -34.53 9.68 -23.07
N ASN A 83 -33.57 9.60 -23.99
CA ASN A 83 -32.20 9.25 -23.63
C ASN A 83 -31.17 10.35 -23.81
N GLY A 84 -31.39 11.32 -24.70
CA GLY A 84 -30.29 12.23 -24.96
C GLY A 84 -30.16 13.42 -24.03
N LEU A 85 -31.12 13.60 -23.13
CA LEU A 85 -31.37 14.91 -22.55
C LEU A 85 -30.25 15.36 -21.63
N VAL A 86 -29.90 16.65 -21.75
CA VAL A 86 -28.92 17.32 -20.90
C VAL A 86 -29.63 18.50 -20.24
N PHE A 87 -29.84 18.41 -18.93
CA PHE A 87 -30.44 19.51 -18.17
C PHE A 87 -29.30 20.38 -17.66
N GLU A 88 -29.02 21.46 -18.38
CA GLU A 88 -27.82 22.27 -18.18
C GLU A 88 -28.21 23.59 -17.54
N GLY A 89 -28.08 23.67 -16.22
CA GLY A 89 -28.24 24.94 -15.53
C GLY A 89 -27.00 25.80 -15.64
N GLN A 90 -27.17 27.09 -15.37
CA GLN A 90 -26.09 28.06 -15.50
C GLN A 90 -25.44 28.41 -14.17
N GLY A 91 -25.83 27.74 -13.09
CA GLY A 91 -25.32 28.03 -11.76
C GLY A 91 -26.40 27.83 -10.73
N GLU A 92 -26.10 28.29 -9.51
CA GLU A 92 -26.98 28.02 -8.37
C GLU A 92 -28.27 28.82 -8.40
N SER A 93 -28.37 29.86 -9.22
CA SER A 93 -29.63 30.58 -9.36
C SER A 93 -30.59 29.89 -10.32
N SER A 94 -30.16 28.83 -11.01
CA SER A 94 -31.04 27.99 -11.79
C SER A 94 -31.71 27.00 -10.83
N ARG A 95 -32.75 27.49 -10.15
CA ARG A 95 -33.34 26.80 -9.02
C ARG A 95 -34.56 25.99 -9.46
N ILE A 96 -34.60 24.72 -9.07
CA ILE A 96 -35.73 23.83 -9.32
C ILE A 96 -36.24 23.35 -7.97
N GLN A 97 -37.47 23.72 -7.63
CA GLN A 97 -38.07 23.40 -6.34
C GLN A 97 -39.20 22.39 -6.51
N VAL A 98 -39.29 21.47 -5.56
CA VAL A 98 -40.45 20.58 -5.51
C VAL A 98 -41.69 21.40 -5.16
N ALA A 99 -42.81 21.07 -5.78
CA ALA A 99 -44.05 21.83 -5.60
C ALA A 99 -45.12 21.04 -4.86
N SER A 100 -44.72 20.01 -4.11
CA SER A 100 -45.70 19.17 -3.43
C SER A 100 -45.01 18.44 -2.28
N ASN A 101 -45.75 18.23 -1.19
CA ASN A 101 -45.24 17.42 -0.10
C ASN A 101 -45.10 15.97 -0.52
N ASN A 102 -44.11 15.30 0.07
CA ASN A 102 -43.90 13.86 -0.12
C ASN A 102 -43.81 13.50 -1.60
N SER A 103 -43.04 14.28 -2.35
CA SER A 103 -42.91 14.04 -3.78
C SER A 103 -41.51 14.45 -4.23
N ARG A 104 -41.31 14.48 -5.55
CA ARG A 104 -39.99 14.65 -6.13
C ARG A 104 -40.09 15.62 -7.30
N CYS A 105 -38.92 16.02 -7.81
CA CYS A 105 -38.88 16.90 -8.96
C CYS A 105 -38.82 16.13 -10.28
N PHE A 106 -38.16 14.97 -10.31
CA PHE A 106 -38.00 14.19 -11.52
C PHE A 106 -38.20 12.71 -11.22
N SER A 107 -38.67 11.98 -12.23
CA SER A 107 -38.68 10.52 -12.23
C SER A 107 -38.10 10.06 -13.56
N LEU A 108 -36.93 9.44 -13.52
CA LEU A 108 -36.17 9.11 -14.72
C LEU A 108 -36.20 7.61 -14.99
N SER A 109 -36.48 7.24 -16.24
CA SER A 109 -36.17 5.93 -16.76
C SER A 109 -35.29 5.99 -17.99
N GLY A 110 -35.12 7.17 -18.58
CA GLY A 110 -34.29 7.29 -19.76
C GLY A 110 -32.82 7.14 -19.46
N ASP A 111 -32.09 6.62 -20.43
CA ASP A 111 -30.68 6.32 -20.29
C ASP A 111 -29.83 7.52 -20.72
N ARG A 112 -28.58 7.53 -20.26
CA ARG A 112 -27.61 8.57 -20.63
C ARG A 112 -28.11 9.98 -20.30
N LEU A 113 -28.91 10.11 -19.26
CA LEU A 113 -29.35 11.42 -18.83
C LEU A 113 -28.24 12.13 -18.04
N THR A 114 -28.32 13.45 -18.00
CA THR A 114 -27.32 14.21 -17.28
C THR A 114 -27.92 15.50 -16.75
N PHE A 115 -27.53 15.86 -15.53
CA PHE A 115 -27.94 17.10 -14.87
C PHE A 115 -26.69 17.87 -14.47
N ARG A 116 -26.72 19.19 -14.66
CA ARG A 116 -25.50 19.98 -14.57
C ARG A 116 -25.82 21.42 -14.16
N GLY A 117 -25.11 21.92 -13.16
CA GLY A 117 -25.18 23.31 -12.76
C GLY A 117 -26.53 23.75 -12.25
N LEU A 118 -27.11 22.97 -11.34
CA LEU A 118 -28.46 23.22 -10.84
C LEU A 118 -28.46 23.29 -9.32
N LYS A 119 -29.53 23.83 -8.77
CA LYS A 119 -29.78 23.79 -7.33
C LYS A 119 -31.20 23.29 -7.11
N PHE A 120 -31.31 22.05 -6.65
CA PHE A 120 -32.61 21.47 -6.32
C PHE A 120 -32.96 21.79 -4.88
N ILE A 121 -34.19 22.26 -4.67
CA ILE A 121 -34.69 22.59 -3.34
C ILE A 121 -35.95 21.77 -3.08
N GLY A 122 -35.99 21.14 -1.90
CA GLY A 122 -37.16 20.42 -1.45
C GLY A 122 -37.97 21.22 -0.45
N ASP A 123 -38.87 20.52 0.26
CA ASP A 123 -39.70 21.18 1.26
C ASP A 123 -39.62 20.50 2.61
N GLY A 124 -38.56 19.75 2.89
CA GLY A 124 -38.35 19.14 4.18
C GLY A 124 -39.31 18.03 4.56
N THR A 125 -40.23 17.66 3.67
CA THR A 125 -41.20 16.62 3.95
C THR A 125 -40.86 15.36 3.17
N ALA A 126 -41.27 14.22 3.71
CA ALA A 126 -41.02 12.92 3.11
C ALA A 126 -41.88 11.88 3.82
N SER A 127 -42.28 10.86 3.06
CA SER A 127 -43.00 9.72 3.63
C SER A 127 -42.38 8.38 3.27
N ALA A 128 -41.53 8.31 2.24
CA ALA A 128 -40.82 7.08 1.89
C ALA A 128 -39.55 7.48 1.17
N SER A 129 -38.73 6.47 0.86
CA SER A 129 -37.43 6.73 0.26
C SER A 129 -37.53 7.30 -1.15
N ALA A 130 -38.71 7.21 -1.78
CA ALA A 130 -38.94 7.81 -3.09
C ALA A 130 -39.67 9.15 -2.99
N ASN A 131 -39.89 9.66 -1.78
CA ASN A 131 -40.43 10.99 -1.56
C ASN A 131 -39.39 11.83 -0.83
N GLY A 132 -39.63 13.13 -0.76
CA GLY A 132 -38.61 14.02 -0.19
C GLY A 132 -37.30 13.90 -0.93
N ILE A 133 -37.38 13.67 -2.23
CA ILE A 133 -36.24 13.37 -3.09
C ILE A 133 -36.20 14.39 -4.21
N GLY A 134 -35.00 14.76 -4.61
CA GLY A 134 -34.86 15.59 -5.80
C GLY A 134 -35.15 14.82 -7.07
N ILE A 135 -34.47 13.69 -7.26
CA ILE A 135 -34.56 12.91 -8.48
C ILE A 135 -34.70 11.44 -8.13
N LEU A 136 -35.75 10.80 -8.65
CA LEU A 136 -35.88 9.35 -8.56
C LEU A 136 -35.53 8.73 -9.90
N ALA A 137 -34.74 7.67 -9.86
CA ALA A 137 -34.32 6.97 -11.07
C ALA A 137 -34.65 5.49 -10.94
N GLY A 138 -35.30 4.95 -11.97
CA GLY A 138 -35.53 3.53 -12.08
C GLY A 138 -35.05 3.03 -13.42
N ASP A 139 -33.96 2.26 -13.42
CA ASP A 139 -33.36 1.74 -14.63
C ASP A 139 -32.97 2.88 -15.59
N ALA A 140 -32.54 4.00 -15.03
CA ALA A 140 -31.98 5.11 -15.79
C ALA A 140 -30.47 4.90 -15.85
N THR A 141 -29.97 4.42 -16.98
CA THR A 141 -28.57 4.06 -17.10
C THR A 141 -27.74 5.25 -17.54
N ASP A 142 -26.47 5.24 -17.13
CA ASP A 142 -25.50 6.28 -17.49
C ASP A 142 -25.95 7.66 -16.98
N LEU A 143 -26.55 7.70 -15.80
CA LEU A 143 -26.97 8.96 -15.21
C LEU A 143 -25.75 9.74 -14.72
N LEU A 144 -25.52 10.91 -15.29
CA LEU A 144 -24.48 11.82 -14.84
C LEU A 144 -25.13 12.99 -14.12
N VAL A 145 -24.65 13.28 -12.91
CA VAL A 145 -25.21 14.34 -12.09
C VAL A 145 -24.03 15.11 -11.51
N GLU A 146 -23.83 16.34 -11.99
CA GLU A 146 -22.57 17.04 -11.80
C GLU A 146 -22.79 18.50 -11.44
N ASP A 147 -22.08 18.97 -10.42
CA ASP A 147 -22.10 20.37 -9.99
C ASP A 147 -23.52 20.86 -9.75
N VAL A 148 -24.28 20.07 -9.00
CA VAL A 148 -25.66 20.39 -8.66
C VAL A 148 -25.81 20.26 -7.16
N TRP A 149 -26.64 21.12 -6.59
CA TRP A 149 -26.77 21.31 -5.14
C TRP A 149 -28.17 20.89 -4.72
N PHE A 150 -28.25 20.00 -3.73
CA PHE A 150 -29.51 19.49 -3.20
C PHE A 150 -29.69 20.03 -1.79
N ASP A 151 -30.77 20.79 -1.57
CA ASP A 151 -31.00 21.47 -0.31
C ASP A 151 -32.43 21.30 0.17
N SER A 152 -32.58 21.00 1.46
CA SER A 152 -33.87 20.97 2.16
C SER A 152 -34.78 19.85 1.65
N PHE A 153 -34.21 18.67 1.41
CA PHE A 153 -34.97 17.53 0.91
C PHE A 153 -35.23 16.56 2.06
N GLY A 154 -36.51 16.31 2.34
CA GLY A 154 -36.89 15.53 3.51
C GLY A 154 -36.24 14.17 3.61
N PHE A 155 -35.84 13.61 2.49
CA PHE A 155 -35.12 12.33 2.52
C PHE A 155 -33.74 12.38 1.90
N GLY A 156 -33.57 13.04 0.77
CA GLY A 156 -32.26 13.08 0.15
C GLY A 156 -32.32 13.70 -1.24
N GLY A 157 -31.20 13.59 -1.94
CA GLY A 157 -31.05 14.19 -3.25
C GLY A 157 -31.48 13.31 -4.40
N VAL A 158 -30.82 12.17 -4.57
CA VAL A 158 -31.06 11.27 -5.69
C VAL A 158 -31.33 9.87 -5.17
N ASN A 159 -32.38 9.23 -5.68
CA ASN A 159 -32.70 7.83 -5.42
C ASN A 159 -32.64 7.11 -6.76
N ALA A 160 -31.66 6.23 -6.93
CA ALA A 160 -31.42 5.54 -8.19
C ALA A 160 -31.50 4.04 -7.98
N GLY A 161 -32.48 3.40 -8.62
CA GLY A 161 -32.64 1.96 -8.52
C GLY A 161 -32.50 1.26 -9.86
N PHE A 162 -32.17 -0.02 -9.84
CA PHE A 162 -31.94 -0.78 -11.07
C PHE A 162 -32.47 -2.19 -10.90
N THR A 163 -33.15 -2.68 -11.95
CA THR A 163 -33.65 -4.05 -11.97
C THR A 163 -32.91 -4.95 -12.94
N THR A 164 -32.01 -4.40 -13.75
CA THR A 164 -31.20 -5.19 -14.67
C THR A 164 -29.83 -4.51 -14.77
N LEU A 165 -28.81 -5.32 -15.07
CA LEU A 165 -27.43 -4.83 -15.04
C LEU A 165 -27.19 -3.79 -16.11
N ALA A 166 -26.67 -2.63 -15.69
CA ALA A 166 -26.34 -1.54 -16.61
C ALA A 166 -25.40 -0.58 -15.89
N ARG A 167 -25.13 0.57 -16.51
CA ARG A 167 -24.22 1.55 -15.95
C ARG A 167 -24.87 2.27 -14.77
N GLY A 168 -24.23 2.19 -13.61
CA GLY A 168 -24.69 2.90 -12.44
C GLY A 168 -24.49 4.39 -12.56
N PRO A 169 -25.00 5.14 -11.59
CA PRO A 169 -24.93 6.61 -11.68
C PRO A 169 -23.53 7.15 -11.41
N LYS A 170 -23.34 8.41 -11.83
CA LYS A 170 -22.10 9.14 -11.61
C LYS A 170 -22.47 10.48 -10.97
N PHE A 171 -22.05 10.68 -9.72
CA PHE A 171 -22.30 11.92 -8.98
C PHE A 171 -20.97 12.63 -8.78
N ILE A 172 -20.79 13.75 -9.48
CA ILE A 172 -19.53 14.49 -9.47
C ILE A 172 -19.77 15.84 -8.84
N ARG A 173 -19.11 16.10 -7.70
CA ARG A 173 -19.17 17.38 -7.01
C ARG A 173 -20.61 17.79 -6.70
N THR A 174 -21.40 16.84 -6.20
CA THR A 174 -22.74 17.15 -5.74
C THR A 174 -22.70 17.68 -4.32
N ARG A 175 -23.54 18.66 -4.04
CA ARG A 175 -23.60 19.31 -2.74
C ARG A 175 -24.94 19.01 -2.08
N HIS A 176 -24.90 18.63 -0.80
CA HIS A 176 -26.09 18.22 -0.07
C HIS A 176 -26.13 18.94 1.28
N ARG A 177 -27.28 19.53 1.59
CA ARG A 177 -27.46 20.30 2.83
C ARG A 177 -28.90 20.16 3.32
N ASN A 178 -29.05 20.23 4.64
CA ASN A 178 -30.36 20.37 5.30
C ASN A 178 -31.33 19.28 4.88
N THR A 179 -30.87 18.03 4.94
CA THR A 179 -31.71 16.94 4.43
C THR A 179 -32.88 16.65 5.37
N GLY A 180 -32.63 16.08 6.54
CA GLY A 180 -33.76 15.71 7.38
C GLY A 180 -33.65 14.33 8.00
N THR A 181 -34.36 14.14 9.11
CA THR A 181 -34.17 12.96 9.95
C THR A 181 -34.41 11.67 9.17
N GLY A 182 -33.50 10.72 9.34
CA GLY A 182 -33.64 9.42 8.71
C GLY A 182 -33.37 9.41 7.23
N GLY A 183 -32.73 10.44 6.69
CA GLY A 183 -32.54 10.58 5.27
C GLY A 183 -31.20 10.04 4.78
N ALA A 184 -31.13 9.88 3.46
CA ALA A 184 -29.91 9.43 2.78
C ALA A 184 -29.73 10.31 1.56
N GLU A 185 -28.57 10.96 1.44
CA GLU A 185 -28.35 11.91 0.35
C GLU A 185 -28.38 11.20 -1.00
N ILE A 186 -27.78 10.02 -1.09
CA ILE A 186 -27.72 9.26 -2.33
C ILE A 186 -28.22 7.85 -2.02
N TYR A 187 -29.37 7.49 -2.58
CA TYR A 187 -29.95 6.16 -2.42
C TYR A 187 -29.63 5.34 -3.65
N LEU A 188 -29.09 4.13 -3.44
CA LEU A 188 -28.73 3.22 -4.52
C LEU A 188 -29.43 1.90 -4.29
N ARG A 189 -30.20 1.45 -5.28
CA ARG A 189 -30.98 0.22 -5.17
C ARG A 189 -30.65 -0.71 -6.33
N GLY A 190 -30.51 -2.00 -6.02
CA GLY A 190 -30.42 -3.02 -7.05
C GLY A 190 -29.02 -3.36 -7.50
N LEU A 191 -28.90 -3.79 -8.75
CA LEU A 191 -27.63 -4.22 -9.33
C LEU A 191 -27.20 -3.23 -10.42
N TYR A 192 -25.90 -2.95 -10.46
CA TYR A 192 -25.36 -1.96 -11.38
C TYR A 192 -23.86 -2.15 -11.45
N GLU A 193 -23.25 -1.53 -12.46
CA GLU A 193 -21.81 -1.53 -12.62
C GLU A 193 -21.32 -0.10 -12.82
N GLY A 194 -20.13 0.18 -12.29
CA GLY A 194 -19.48 1.45 -12.54
C GLY A 194 -20.13 2.66 -11.88
N ALA A 195 -20.68 2.49 -10.68
CA ALA A 195 -21.24 3.62 -9.95
C ALA A 195 -20.12 4.42 -9.30
N ASP A 196 -20.19 5.74 -9.43
CA ASP A 196 -19.11 6.62 -8.97
C ASP A 196 -19.68 7.78 -8.18
N VAL A 197 -19.05 8.08 -7.03
CA VAL A 197 -19.36 9.24 -6.22
C VAL A 197 -18.03 9.98 -6.02
N ILE A 198 -17.82 11.05 -6.78
CA ILE A 198 -16.53 11.74 -6.84
C ILE A 198 -16.68 13.12 -6.23
N ASP A 199 -15.89 13.40 -5.20
CA ASP A 199 -15.76 14.73 -4.61
C ASP A 199 -17.11 15.28 -4.13
N ILE A 200 -17.79 14.48 -3.31
CA ILE A 200 -19.10 14.89 -2.80
C ILE A 200 -18.92 15.85 -1.64
N ASP A 201 -19.81 16.83 -1.53
CA ASP A 201 -19.84 17.79 -0.44
C ASP A 201 -21.13 17.53 0.33
N ALA A 202 -21.03 16.68 1.36
CA ALA A 202 -22.18 16.15 2.07
C ALA A 202 -22.10 16.52 3.55
N ALA A 203 -23.11 17.21 4.04
CA ALA A 203 -23.16 17.63 5.44
C ALA A 203 -24.61 17.79 5.87
N THR A 204 -24.94 17.26 7.05
CA THR A 204 -26.28 17.43 7.62
C THR A 204 -26.19 17.53 9.14
N SER A 205 -27.32 17.92 9.74
CA SER A 205 -27.55 17.78 11.16
C SER A 205 -28.51 16.64 11.50
N ASN A 206 -29.27 16.16 10.52
CA ASN A 206 -30.35 15.21 10.77
C ASN A 206 -30.30 13.94 9.94
N ALA A 207 -29.66 13.94 8.77
CA ALA A 207 -29.72 12.78 7.90
C ALA A 207 -28.92 11.62 8.48
N ASP A 208 -29.23 10.42 8.00
CA ASP A 208 -28.60 9.19 8.49
C ASP A 208 -27.38 8.79 7.67
N TRP A 209 -27.45 8.92 6.34
CA TRP A 209 -26.37 8.48 5.46
C TRP A 209 -26.11 9.53 4.39
N ALA A 210 -24.87 9.53 3.89
CA ALA A 210 -24.57 10.28 2.67
C ALA A 210 -24.69 9.41 1.44
N VAL A 211 -24.28 8.16 1.54
CA VAL A 211 -24.41 7.17 0.46
C VAL A 211 -24.94 5.89 1.09
N PHE A 212 -26.11 5.45 0.63
CA PHE A 212 -26.74 4.22 1.12
C PHE A 212 -27.08 3.34 -0.07
N ALA A 213 -26.64 2.09 -0.02
CA ALA A 213 -26.84 1.13 -1.11
C ALA A 213 -27.33 -0.19 -0.55
N PHE A 214 -28.40 -0.72 -1.13
CA PHE A 214 -28.92 -2.03 -0.76
C PHE A 214 -29.50 -2.69 -2.01
N ASP A 215 -29.62 -4.02 -1.93
CA ASP A 215 -29.98 -4.81 -3.11
C ASP A 215 -31.48 -4.71 -3.44
N GLU A 216 -32.33 -4.58 -2.43
CA GLU A 216 -33.78 -4.57 -2.61
C GLU A 216 -34.24 -5.82 -3.37
N GLY A 217 -33.64 -6.97 -3.03
CA GLY A 217 -34.03 -8.24 -3.61
C GLY A 217 -33.36 -8.59 -4.93
N TYR A 218 -32.59 -7.69 -5.51
CA TYR A 218 -32.00 -7.91 -6.83
C TYR A 218 -30.54 -8.33 -6.65
N ALA A 219 -30.26 -9.59 -6.91
CA ALA A 219 -28.89 -10.09 -6.87
C ALA A 219 -28.15 -9.69 -8.14
N GLY A 220 -26.84 -9.58 -8.01
CA GLY A 220 -26.00 -9.29 -9.15
C GLY A 220 -24.81 -8.44 -8.75
N GLN A 221 -24.06 -8.04 -9.77
CA GLN A 221 -22.94 -7.14 -9.59
C GLN A 221 -23.43 -5.77 -9.12
N ARG A 222 -22.74 -5.20 -8.14
CA ARG A 222 -23.07 -3.89 -7.60
C ARG A 222 -21.76 -3.16 -7.29
N ASP A 223 -21.21 -2.49 -8.30
CA ASP A 223 -19.89 -1.86 -8.19
C ASP A 223 -20.07 -0.36 -7.93
N LEU A 224 -19.75 0.05 -6.70
CA LEU A 224 -19.75 1.46 -6.31
C LEU A 224 -18.34 1.86 -5.91
N GLU A 225 -17.92 3.04 -6.38
CA GLU A 225 -16.62 3.61 -6.03
C GLU A 225 -16.82 5.03 -5.53
N VAL A 226 -16.22 5.34 -4.38
CA VAL A 226 -16.28 6.66 -3.77
C VAL A 226 -14.86 7.21 -3.68
N THR A 227 -14.65 8.41 -4.21
CA THR A 227 -13.33 9.03 -4.21
C THR A 227 -13.42 10.47 -3.70
N ARG A 228 -12.67 10.76 -2.64
CA ARG A 228 -12.34 12.13 -2.24
C ARG A 228 -13.57 12.97 -1.90
N GLY A 229 -14.44 12.43 -1.06
CA GLY A 229 -15.61 13.16 -0.64
C GLY A 229 -15.33 14.09 0.54
N ASP A 230 -16.42 14.66 1.06
CA ASP A 230 -16.41 15.39 2.33
C ASP A 230 -17.71 15.06 3.03
N PHE A 231 -17.62 14.43 4.21
CA PHE A 231 -18.77 13.91 4.93
C PHE A 231 -18.73 14.41 6.36
N SER A 232 -19.81 15.05 6.81
CA SER A 232 -19.88 15.55 8.18
C SER A 232 -21.29 15.45 8.73
N GLY A 233 -21.44 14.85 9.91
CA GLY A 233 -22.63 14.98 10.72
C GLY A 233 -23.61 13.83 10.64
N TYR A 234 -23.42 12.88 9.74
CA TYR A 234 -24.43 11.86 9.50
C TYR A 234 -24.56 10.93 10.71
N LYS A 235 -25.80 10.76 11.18
CA LYS A 235 -26.05 10.11 12.45
C LYS A 235 -25.87 8.60 12.40
N ARG A 236 -25.96 8.00 11.21
CA ARG A 236 -25.46 6.64 11.03
C ARG A 236 -24.06 6.73 10.43
N TYR A 237 -23.75 5.87 9.47
CA TYR A 237 -22.47 5.95 8.81
C TYR A 237 -22.55 6.89 7.61
N SER A 238 -21.41 7.50 7.27
CA SER A 238 -21.35 8.33 6.08
C SER A 238 -21.66 7.50 4.84
N ILE A 239 -21.03 6.34 4.72
CA ILE A 239 -21.25 5.40 3.62
C ILE A 239 -21.74 4.10 4.21
N GLY A 240 -22.96 3.72 3.88
CA GLY A 240 -23.52 2.45 4.29
C GLY A 240 -23.88 1.63 3.06
N VAL A 241 -23.58 0.34 3.11
CA VAL A 241 -23.60 -0.51 1.93
C VAL A 241 -23.94 -1.93 2.35
N SER A 242 -24.92 -2.54 1.68
CA SER A 242 -25.49 -3.81 2.14
C SER A 242 -25.88 -4.69 0.96
N ASP A 243 -25.52 -5.97 1.05
CA ASP A 243 -25.96 -6.99 0.12
C ASP A 243 -26.55 -8.15 0.91
N GLU A 244 -27.53 -8.83 0.31
CA GLU A 244 -28.21 -9.92 0.99
C GLU A 244 -28.11 -11.26 0.26
N ASN A 245 -27.58 -11.28 -0.97
CA ASN A 245 -27.29 -12.53 -1.69
C ASN A 245 -25.97 -12.36 -2.42
N PRO A 246 -24.85 -12.33 -1.68
CA PRO A 246 -23.56 -12.02 -2.31
C PRO A 246 -23.01 -13.15 -3.17
N SER A 247 -23.54 -14.37 -3.07
CA SER A 247 -23.12 -15.43 -3.96
C SER A 247 -23.52 -15.16 -5.40
N GLY A 248 -24.54 -14.33 -5.60
CA GLY A 248 -24.99 -13.99 -6.94
C GLY A 248 -24.40 -12.69 -7.45
N GLU A 249 -23.23 -12.30 -6.94
CA GLU A 249 -22.62 -11.03 -7.33
C GLU A 249 -21.96 -11.07 -8.70
N ASP A 250 -21.97 -12.21 -9.39
CA ASP A 250 -21.65 -12.29 -10.81
C ASP A 250 -20.24 -11.83 -11.14
N ARG A 251 -20.11 -10.92 -12.10
CA ARG A 251 -18.80 -10.49 -12.59
C ARG A 251 -18.32 -9.19 -11.97
N GLY A 252 -18.74 -8.90 -10.73
CA GLY A 252 -18.37 -7.68 -10.06
C GLY A 252 -17.37 -7.87 -8.92
N PHE A 253 -17.08 -6.78 -8.25
CA PHE A 253 -16.18 -6.78 -7.10
C PHE A 253 -16.86 -6.30 -5.83
N GLY A 254 -17.54 -5.15 -5.88
CA GLY A 254 -18.15 -4.60 -4.68
C GLY A 254 -17.93 -3.11 -4.53
N VAL A 255 -17.37 -2.70 -3.39
CA VAL A 255 -17.28 -1.29 -3.03
C VAL A 255 -15.80 -0.91 -2.90
N LYS A 256 -15.46 0.27 -3.44
CA LYS A 256 -14.14 0.85 -3.34
C LYS A 256 -14.25 2.26 -2.80
N ILE A 257 -13.49 2.58 -1.76
CA ILE A 257 -13.50 3.90 -1.14
C ILE A 257 -12.07 4.40 -1.10
N ASN A 258 -11.79 5.49 -1.81
CA ASN A 258 -10.42 5.87 -2.15
C ASN A 258 -9.87 7.04 -1.36
N GLY A 259 -10.70 7.96 -0.89
CA GLY A 259 -10.17 9.08 -0.14
C GLY A 259 -11.20 9.75 0.74
N GLY A 260 -11.22 11.08 0.74
CA GLY A 260 -12.24 11.81 1.44
C GLY A 260 -12.02 11.88 2.94
N HIS A 261 -12.65 12.87 3.56
CA HIS A 261 -12.55 13.09 4.99
C HIS A 261 -13.93 13.02 5.61
N HIS A 262 -14.05 12.27 6.70
CA HIS A 262 -15.30 12.11 7.43
C HIS A 262 -15.14 12.74 8.81
N LYS A 263 -16.20 13.40 9.29
CA LYS A 263 -16.15 13.98 10.62
C LYS A 263 -17.53 14.02 11.23
N ASN A 264 -17.58 14.00 12.57
CA ASN A 264 -18.79 14.19 13.35
C ASN A 264 -19.88 13.18 12.98
N ALA A 265 -19.48 11.99 12.56
CA ALA A 265 -20.43 10.94 12.25
C ALA A 265 -20.91 10.26 13.53
N GLY A 266 -22.20 9.89 13.53
CA GLY A 266 -22.80 9.30 14.71
C GLY A 266 -22.26 7.94 15.05
N LEU A 267 -22.31 7.00 14.10
CA LEU A 267 -21.81 5.65 14.31
C LEU A 267 -20.43 5.44 13.71
N GLY A 268 -20.22 5.88 12.47
CA GLY A 268 -18.91 5.74 11.87
C GLY A 268 -18.89 6.33 10.47
N ALA A 269 -17.80 6.02 9.76
CA ALA A 269 -17.58 6.53 8.41
C ALA A 269 -18.02 5.55 7.32
N VAL A 270 -17.83 4.25 7.53
CA VAL A 270 -18.11 3.24 6.51
C VAL A 270 -18.74 2.03 7.20
N LYS A 271 -19.86 1.56 6.65
CA LYS A 271 -20.47 0.29 7.06
C LYS A 271 -20.68 -0.58 5.83
N VAL A 272 -20.26 -1.83 5.92
CA VAL A 272 -20.42 -2.82 4.87
C VAL A 272 -21.03 -4.07 5.47
N LYS A 273 -21.95 -4.70 4.76
CA LYS A 273 -22.49 -6.00 5.14
C LYS A 273 -22.54 -6.90 3.92
N ASN A 274 -21.84 -8.04 4.00
CA ASN A 274 -21.94 -9.14 3.06
C ASN A 274 -21.43 -8.82 1.66
N TYR A 275 -20.75 -7.69 1.46
CA TYR A 275 -20.22 -7.42 0.13
C TYR A 275 -19.05 -8.35 -0.18
N ARG A 276 -19.00 -8.83 -1.42
CA ARG A 276 -17.98 -9.82 -1.77
C ARG A 276 -16.58 -9.22 -1.68
N GLY A 277 -16.44 -7.94 -2.02
CA GLY A 277 -15.14 -7.28 -1.96
C GLY A 277 -15.21 -5.87 -1.39
N VAL A 278 -14.27 -5.55 -0.52
CA VAL A 278 -14.19 -4.23 0.10
C VAL A 278 -12.76 -3.71 -0.04
N LEU A 279 -12.63 -2.53 -0.66
CA LEU A 279 -11.34 -1.85 -0.81
C LEU A 279 -11.49 -0.45 -0.23
N ILE A 280 -10.84 -0.22 0.91
CA ILE A 280 -10.85 1.09 1.57
C ILE A 280 -9.40 1.54 1.71
N GLN A 281 -9.06 2.63 1.04
CA GLN A 281 -7.67 3.09 0.96
C GLN A 281 -7.60 4.58 1.25
N GLY A 282 -6.65 4.97 2.11
CA GLY A 282 -6.34 6.37 2.30
C GLY A 282 -7.47 7.24 2.78
N VAL A 283 -8.39 6.68 3.56
CA VAL A 283 -9.51 7.45 4.12
C VAL A 283 -9.11 7.98 5.48
N THR A 284 -9.47 9.24 5.75
CA THR A 284 -9.18 9.87 7.03
C THR A 284 -10.47 10.32 7.68
N THR A 285 -10.56 10.11 8.99
CA THR A 285 -11.73 10.49 9.77
C THR A 285 -11.30 11.21 11.03
N ASP A 286 -12.22 11.99 11.60
CA ASP A 286 -11.99 12.66 12.87
C ASP A 286 -13.31 12.88 13.57
N ASN A 287 -13.38 12.51 14.85
CA ASN A 287 -14.59 12.68 15.66
C ASN A 287 -15.76 11.89 15.10
N CYS A 288 -15.51 10.64 14.71
CA CYS A 288 -16.53 9.77 14.14
C CYS A 288 -16.89 8.67 15.12
N GLY A 289 -18.16 8.29 15.15
CA GLY A 289 -18.65 7.36 16.15
C GLY A 289 -18.92 8.02 17.49
N ILE A 290 -19.38 9.27 17.48
CA ILE A 290 -19.49 10.06 18.70
C ILE A 290 -20.88 10.06 19.32
N VAL A 291 -21.89 9.58 18.60
CA VAL A 291 -23.24 9.49 19.16
C VAL A 291 -23.70 8.04 19.13
N PRO A 292 -23.39 7.25 20.16
CA PRO A 292 -23.88 5.87 20.20
C PRO A 292 -25.40 5.82 20.19
N ILE A 293 -25.93 4.72 19.65
CA ILE A 293 -27.36 4.48 19.56
C ILE A 293 -27.67 3.19 20.32
N ALA A 294 -28.47 3.30 21.37
CA ALA A 294 -28.86 2.13 22.14
C ALA A 294 -29.63 1.16 21.26
N GLY A 295 -29.32 -0.13 21.43
CA GLY A 295 -29.87 -1.16 20.55
C GLY A 295 -29.00 -1.47 19.36
N ILE A 296 -27.97 -0.67 19.11
CA ILE A 296 -27.02 -0.92 18.02
C ILE A 296 -25.62 -0.93 18.61
N SER A 297 -25.21 0.20 19.18
CA SER A 297 -23.83 0.38 19.63
C SER A 297 -23.43 -0.57 20.75
N ASN A 298 -24.39 -1.10 21.49
CA ASN A 298 -24.08 -2.01 22.60
C ASN A 298 -24.30 -3.48 22.23
N THR A 299 -24.51 -3.79 20.96
CA THR A 299 -24.72 -5.15 20.50
C THR A 299 -23.51 -5.75 19.81
N GLY A 300 -22.40 -5.02 19.73
CA GLY A 300 -21.23 -5.44 19.00
C GLY A 300 -21.00 -4.67 17.71
N GLU A 301 -22.00 -3.94 17.23
CA GLU A 301 -21.81 -3.06 16.08
C GLU A 301 -21.17 -1.78 16.58
N SER A 302 -19.86 -1.65 16.37
CA SER A 302 -19.13 -0.48 16.83
C SER A 302 -17.89 -0.31 15.98
N GLY A 303 -17.46 0.94 15.82
CA GLY A 303 -16.27 1.20 15.01
C GLY A 303 -16.61 2.13 13.87
N THR A 304 -15.76 3.15 13.67
CA THR A 304 -16.00 4.09 12.59
C THR A 304 -15.87 3.44 11.21
N PHE A 305 -15.13 2.34 11.12
CA PHE A 305 -15.26 1.39 10.02
C PHE A 305 -15.89 0.12 10.59
N TYR A 306 -17.00 -0.32 9.99
CA TYR A 306 -17.69 -1.54 10.44
C TYR A 306 -17.93 -2.43 9.22
N ILE A 307 -17.09 -3.43 9.06
CA ILE A 307 -17.15 -4.34 7.91
C ILE A 307 -17.60 -5.70 8.43
N ASN A 308 -18.82 -6.09 8.08
CA ASN A 308 -19.45 -7.29 8.64
C ASN A 308 -19.65 -8.31 7.53
N SER A 309 -18.92 -9.44 7.63
CA SER A 309 -19.14 -10.63 6.80
C SER A 309 -18.89 -10.34 5.31
N ALA A 310 -17.86 -9.55 5.03
CA ALA A 310 -17.42 -9.37 3.66
C ALA A 310 -16.51 -10.52 3.24
N GLY A 311 -16.50 -10.82 1.94
CA GLY A 311 -15.68 -11.90 1.45
C GLY A 311 -14.22 -11.54 1.31
N LEU A 312 -13.93 -10.28 1.01
CA LEU A 312 -12.55 -9.80 0.85
C LEU A 312 -12.48 -8.38 1.40
N VAL A 313 -11.54 -8.16 2.31
CA VAL A 313 -11.36 -6.84 2.93
C VAL A 313 -9.90 -6.46 2.82
N ASP A 314 -9.65 -5.26 2.28
CA ASP A 314 -8.30 -4.69 2.16
C ASP A 314 -8.42 -3.22 2.49
N ILE A 315 -8.11 -2.86 3.73
CA ILE A 315 -8.07 -1.45 4.15
C ILE A 315 -6.63 -1.09 4.47
N GLY A 316 -6.18 0.03 3.92
CA GLY A 316 -4.80 0.44 4.06
C GLY A 316 -4.67 1.94 3.93
N GLY A 317 -3.68 2.49 4.64
CA GLY A 317 -3.42 3.91 4.57
C GLY A 317 -4.50 4.78 5.17
N CYS A 318 -5.36 4.21 6.02
CA CYS A 318 -6.46 4.95 6.62
C CYS A 318 -6.07 5.44 8.00
N LYS A 319 -6.31 6.72 8.26
CA LYS A 319 -5.91 7.39 9.50
C LYS A 319 -7.17 7.90 10.19
N LEU A 320 -7.54 7.26 11.30
CA LEU A 320 -8.82 7.48 11.97
C LEU A 320 -8.56 8.15 13.31
N ARG A 321 -9.00 9.39 13.45
CA ARG A 321 -8.69 10.23 14.60
C ARG A 321 -9.91 10.43 15.49
N ASP A 322 -9.68 10.38 16.80
CA ASP A 322 -10.68 10.69 17.83
C ASP A 322 -11.99 9.95 17.57
N ASN A 323 -11.90 8.62 17.62
CA ASN A 323 -13.06 7.77 17.43
C ASN A 323 -13.87 7.72 18.72
N GLY A 324 -15.15 8.09 18.64
CA GLY A 324 -15.99 8.04 19.81
C GLY A 324 -16.20 6.63 20.33
N MET A 325 -16.07 5.64 19.44
CA MET A 325 -16.22 4.25 19.85
C MET A 325 -15.01 3.43 19.42
N ASP A 326 -15.23 2.35 18.68
CA ASP A 326 -14.12 1.57 18.18
C ASP A 326 -13.55 2.20 16.91
N GLY A 327 -12.39 1.69 16.48
CA GLY A 327 -11.72 2.21 15.31
C GLY A 327 -12.05 1.47 14.03
N ILE A 328 -11.40 0.33 13.81
CA ILE A 328 -11.62 -0.48 12.61
C ILE A 328 -12.09 -1.86 13.04
N THR A 329 -13.30 -2.23 12.62
CA THR A 329 -13.92 -3.50 12.96
C THR A 329 -14.17 -4.29 11.70
N VAL A 330 -13.66 -5.52 11.64
CA VAL A 330 -13.85 -6.42 10.52
C VAL A 330 -14.31 -7.76 11.08
N ILE A 331 -15.59 -8.08 10.88
CA ILE A 331 -16.26 -9.20 11.53
C ILE A 331 -16.75 -10.17 10.48
N GLN A 332 -16.72 -11.47 10.81
CA GLN A 332 -17.25 -12.52 9.95
C GLN A 332 -18.31 -13.31 10.70
N GLY A 333 -19.33 -13.74 9.96
CA GLY A 333 -20.35 -14.64 10.49
C GLY A 333 -20.31 -15.99 9.82
N ALA A 334 -21.47 -16.46 9.35
CA ALA A 334 -21.54 -17.72 8.61
C ALA A 334 -22.71 -17.70 7.63
N ALA A 345 -15.86 -15.21 -1.35
CA ALA A 345 -16.43 -16.11 -0.36
C ALA A 345 -15.53 -16.20 0.87
N ARG A 346 -14.33 -16.76 0.68
CA ARG A 346 -13.35 -16.95 1.76
C ARG A 346 -12.02 -16.38 1.29
N ASN A 347 -11.85 -15.07 1.44
CA ASN A 347 -10.65 -14.42 0.95
C ASN A 347 -9.94 -13.63 2.05
N GLN A 348 -8.93 -12.87 1.66
CA GLN A 348 -8.03 -12.24 2.61
C GLN A 348 -8.73 -11.13 3.40
N TYR A 349 -8.28 -10.94 4.63
CA TYR A 349 -8.59 -9.77 5.43
C TYR A 349 -7.26 -9.08 5.71
N ILE A 350 -6.97 -7.99 5.00
CA ILE A 350 -5.74 -7.24 5.20
C ILE A 350 -6.08 -5.91 5.83
N VAL A 351 -5.48 -5.64 7.00
CA VAL A 351 -5.53 -4.35 7.65
C VAL A 351 -4.08 -3.91 7.83
N HIS A 352 -3.63 -2.97 7.00
CA HIS A 352 -2.23 -2.63 6.90
C HIS A 352 -2.04 -1.12 6.76
N ASP A 353 -0.93 -0.64 7.30
CA ASP A 353 -0.52 0.77 7.14
C ASP A 353 -1.59 1.75 7.60
N ASN A 354 -2.38 1.36 8.60
CA ASN A 354 -3.42 2.22 9.15
C ASN A 354 -2.96 2.82 10.49
N GLN A 355 -3.76 3.76 10.98
CA GLN A 355 -3.43 4.46 12.23
C GLN A 355 -4.70 4.83 12.96
N ILE A 356 -4.73 4.56 14.27
CA ILE A 356 -5.77 5.04 15.17
C ILE A 356 -5.12 5.98 16.17
N ASP A 357 -5.63 7.19 16.26
CA ASP A 357 -5.04 8.17 17.15
C ASP A 357 -5.71 8.19 18.51
N GLY A 358 -6.99 7.84 18.58
CA GLY A 358 -7.72 7.82 19.84
C GLY A 358 -9.05 7.10 19.71
N CYS A 359 -9.49 6.42 20.78
CA CYS A 359 -10.71 5.63 20.73
C CYS A 359 -11.50 5.81 22.01
N GLY A 360 -12.79 5.46 21.94
CA GLY A 360 -13.63 5.49 23.12
C GLY A 360 -13.84 6.87 23.71
N THR A 361 -13.80 7.92 22.89
CA THR A 361 -13.97 9.27 23.40
C THR A 361 -15.39 9.57 23.85
N ALA A 362 -16.36 8.73 23.48
CA ALA A 362 -17.73 8.89 23.96
C ALA A 362 -17.96 8.19 25.30
N SER A 363 -16.96 7.48 25.82
CA SER A 363 -17.05 6.78 27.10
C SER A 363 -18.22 5.79 27.12
N TYR A 364 -18.41 5.09 26.01
CA TYR A 364 -19.44 4.07 25.90
C TYR A 364 -18.92 2.73 26.40
N ALA A 365 -19.77 2.00 27.11
CA ALA A 365 -19.34 0.74 27.72
C ALA A 365 -19.15 -0.35 26.67
N GLY A 366 -18.14 -1.19 26.89
CA GLY A 366 -17.79 -2.23 25.92
C GLY A 366 -17.18 -1.69 24.66
N THR A 367 -16.58 -0.50 24.72
CA THR A 367 -16.27 0.28 23.53
C THR A 367 -14.98 1.06 23.75
N GLY A 368 -14.17 1.12 22.70
CA GLY A 368 -12.91 1.84 22.77
C GLY A 368 -11.73 1.03 22.26
N THR A 369 -12.02 0.00 21.46
CA THR A 369 -11.00 -0.89 20.93
C THR A 369 -10.49 -0.36 19.60
N GLY A 370 -9.18 -0.33 19.43
CA GLY A 370 -8.56 0.18 18.23
C GLY A 370 -8.83 -0.67 17.00
N PHE A 371 -8.48 -1.95 17.07
CA PHE A 371 -8.67 -2.90 15.97
C PHE A 371 -9.48 -4.08 16.47
N ARG A 372 -10.48 -4.48 15.68
CA ARG A 372 -11.27 -5.68 15.94
C ARG A 372 -11.21 -6.55 14.70
N ILE A 373 -10.50 -7.67 14.77
CA ILE A 373 -10.35 -8.59 13.65
C ILE A 373 -10.87 -9.95 14.11
N LYS A 374 -12.08 -10.30 13.70
CA LYS A 374 -12.68 -11.61 13.90
C LYS A 374 -12.88 -12.21 12.52
N SER A 375 -11.91 -12.99 12.07
CA SER A 375 -11.79 -13.34 10.66
C SER A 375 -12.39 -14.68 10.30
N GLY A 376 -12.58 -15.58 11.25
CA GLY A 376 -13.15 -16.88 10.94
C GLY A 376 -12.32 -17.63 9.92
N VAL A 377 -12.93 -17.94 8.79
CA VAL A 377 -12.26 -18.70 7.74
C VAL A 377 -11.32 -17.84 6.91
N HIS A 378 -11.46 -16.52 6.96
CA HIS A 378 -10.56 -15.64 6.22
C HIS A 378 -9.17 -15.63 6.83
N GLN A 379 -8.16 -15.72 5.99
CA GLN A 379 -6.77 -15.61 6.45
C GLN A 379 -6.43 -14.13 6.59
N ALA A 380 -6.19 -13.68 7.81
CA ALA A 380 -6.05 -12.27 8.13
C ALA A 380 -4.58 -11.85 8.21
N PHE A 381 -4.32 -10.60 7.84
CA PHE A 381 -2.99 -10.00 7.89
C PHE A 381 -3.09 -8.65 8.61
N LEU A 382 -2.34 -8.50 9.70
CA LEU A 382 -2.23 -7.22 10.42
C LEU A 382 -0.77 -6.76 10.30
N THR A 383 -0.53 -5.77 9.45
CA THR A 383 0.83 -5.42 9.05
C THR A 383 1.04 -3.91 9.10
N ASN A 384 2.03 -3.47 9.89
CA ASN A 384 2.48 -2.09 9.88
C ASN A 384 1.37 -1.10 10.23
N ASN A 385 0.55 -1.45 11.20
CA ASN A 385 -0.44 -0.54 11.74
C ASN A 385 0.05 0.04 13.06
N SER A 386 -0.62 1.09 13.51
CA SER A 386 -0.30 1.68 14.81
C SER A 386 -1.55 2.31 15.40
N ALA A 387 -1.59 2.36 16.73
CA ALA A 387 -2.78 2.83 17.42
C ALA A 387 -2.38 3.56 18.70
N ARG A 388 -3.10 4.64 19.00
CA ARG A 388 -2.89 5.40 20.22
C ARG A 388 -4.25 5.75 20.81
N GLY A 389 -4.25 6.04 22.12
CA GLY A 389 -5.45 6.54 22.77
C GLY A 389 -6.60 5.56 22.84
N CYS A 390 -6.31 4.26 22.88
CA CYS A 390 -7.35 3.25 23.02
C CYS A 390 -7.63 3.00 24.49
N THR A 391 -8.89 2.74 24.82
CA THR A 391 -9.33 2.56 26.20
C THR A 391 -9.64 1.12 26.57
N ARG A 392 -10.22 0.34 25.65
CA ARG A 392 -10.47 -1.08 25.89
C ARG A 392 -9.24 -1.90 25.50
N PHE A 393 -9.26 -2.52 24.33
CA PHE A 393 -8.09 -3.20 23.79
C PHE A 393 -7.53 -2.38 22.65
N VAL A 394 -6.21 -2.47 22.44
CA VAL A 394 -5.64 -1.85 21.26
C VAL A 394 -6.02 -2.67 20.03
N ALA A 395 -5.96 -3.99 20.14
CA ALA A 395 -6.47 -4.90 19.12
C ALA A 395 -7.03 -6.12 19.81
N GLU A 396 -8.25 -6.52 19.43
CA GLU A 396 -8.80 -7.80 19.84
C GLU A 396 -8.98 -8.67 18.61
N LEU A 397 -8.45 -9.89 18.69
CA LEU A 397 -8.43 -10.82 17.57
C LEU A 397 -9.26 -12.04 17.93
N GLY A 398 -10.14 -12.46 17.02
CA GLY A 398 -11.06 -13.54 17.29
C GLY A 398 -12.08 -13.15 18.35
N ASN A 399 -12.08 -13.86 19.48
CA ASN A 399 -12.97 -13.58 20.61
C ASN A 399 -14.43 -13.82 20.25
N ASP A 400 -14.70 -14.91 19.54
CA ASP A 400 -16.07 -15.38 19.30
C ASP A 400 -16.12 -16.87 19.62
N PRO A 401 -16.74 -17.28 20.72
CA PRO A 401 -16.81 -18.71 21.01
C PRO A 401 -17.60 -19.50 19.97
N SER A 402 -18.54 -18.84 19.30
CA SER A 402 -19.28 -19.50 18.22
C SER A 402 -18.38 -19.76 17.02
N ASN A 403 -17.71 -18.72 16.54
CA ASN A 403 -16.98 -18.77 15.27
C ASN A 403 -15.48 -18.65 15.54
N ILE A 404 -14.72 -19.65 15.09
CA ILE A 404 -13.29 -19.74 15.36
C ILE A 404 -12.51 -19.10 14.22
N SER A 405 -11.57 -18.22 14.55
CA SER A 405 -10.71 -17.59 13.56
C SER A 405 -9.54 -18.52 13.23
N GLU A 406 -9.36 -18.81 11.94
CA GLU A 406 -8.37 -19.79 11.52
C GLU A 406 -6.94 -19.30 11.73
N THR A 407 -6.51 -18.32 10.93
CA THR A 407 -5.15 -17.83 10.98
C THR A 407 -5.13 -16.31 10.97
N ILE A 408 -4.39 -15.72 11.90
CA ILE A 408 -4.16 -14.28 11.95
C ILE A 408 -2.67 -14.09 12.21
N THR A 409 -1.95 -13.57 11.22
CA THR A 409 -0.54 -13.27 11.38
C THR A 409 -0.33 -11.77 11.48
N VAL A 410 0.54 -11.36 12.39
CA VAL A 410 0.67 -9.98 12.85
C VAL A 410 2.12 -9.57 12.70
N ILE A 411 2.40 -8.70 11.74
CA ILE A 411 3.77 -8.30 11.42
C ILE A 411 3.92 -6.81 11.66
N GLY A 412 4.95 -6.44 12.43
CA GLY A 412 5.40 -5.06 12.56
C GLY A 412 4.35 -4.03 12.91
N ASN A 413 3.61 -4.23 13.99
CA ASN A 413 2.62 -3.25 14.44
C ASN A 413 3.15 -2.51 15.65
N ASP A 414 2.69 -1.27 15.81
CA ASP A 414 3.10 -0.39 16.91
C ASP A 414 1.85 -0.07 17.75
N PHE A 415 1.69 -0.77 18.85
CA PHE A 415 0.57 -0.54 19.76
C PHE A 415 1.03 0.04 21.09
N SER A 416 2.06 0.88 21.05
CA SER A 416 2.68 1.40 22.26
C SER A 416 1.94 2.63 22.77
N GLN A 417 2.24 3.01 24.02
CA GLN A 417 1.80 4.25 24.63
C GLN A 417 0.27 4.38 24.63
N ASN A 418 -0.41 3.30 24.98
CA ASN A 418 -1.84 3.31 25.22
C ASN A 418 -2.08 3.05 26.70
N LEU A 419 -1.77 4.06 27.52
CA LEU A 419 -1.78 3.89 28.97
C LEU A 419 -3.17 3.56 29.51
N SER A 420 -4.23 3.87 28.76
CA SER A 420 -5.59 3.62 29.22
C SER A 420 -6.13 2.25 28.84
N ALA A 421 -5.48 1.55 27.91
CA ALA A 421 -5.98 0.25 27.48
C ALA A 421 -5.78 -0.81 28.55
N THR A 422 -6.69 -1.77 28.60
CA THR A 422 -6.53 -2.89 29.50
C THR A 422 -5.67 -4.00 28.91
N ASN A 423 -5.57 -4.07 27.58
CA ASN A 423 -4.73 -5.05 26.91
C ASN A 423 -4.20 -4.43 25.63
N GLY A 424 -2.93 -4.70 25.34
CA GLY A 424 -2.40 -4.34 24.03
C GLY A 424 -3.05 -5.21 22.97
N ILE A 425 -2.82 -6.51 23.04
CA ILE A 425 -3.48 -7.47 22.17
C ILE A 425 -4.27 -8.44 23.04
N TYR A 426 -5.57 -8.54 22.78
CA TYR A 426 -6.44 -9.52 23.42
C TYR A 426 -6.88 -10.51 22.34
N ALA A 427 -6.36 -11.72 22.39
CA ALA A 427 -6.63 -12.73 21.38
C ALA A 427 -7.32 -13.93 22.00
N ARG A 428 -8.36 -14.43 21.33
CA ARG A 428 -9.08 -15.60 21.82
C ARG A 428 -9.74 -16.29 20.65
N TYR A 429 -9.90 -17.61 20.78
CA TYR A 429 -10.64 -18.43 19.82
C TYR A 429 -10.02 -18.32 18.42
N ILE A 430 -8.71 -18.50 18.38
CA ILE A 430 -7.94 -18.56 17.14
C ILE A 430 -7.26 -19.91 17.07
N ASN A 431 -7.13 -20.46 15.87
CA ASN A 431 -6.40 -21.71 15.71
C ASN A 431 -4.90 -21.49 15.64
N ARG A 432 -4.45 -20.46 14.92
CA ARG A 432 -3.03 -20.18 14.75
C ARG A 432 -2.82 -18.67 14.70
N LEU A 433 -2.00 -18.16 15.62
CA LEU A 433 -1.67 -16.74 15.70
C LEU A 433 -0.17 -16.57 15.51
N LYS A 434 0.23 -15.93 14.41
CA LYS A 434 1.63 -15.76 14.05
C LYS A 434 2.01 -14.30 14.25
N MET A 435 3.05 -14.04 15.04
CA MET A 435 3.46 -12.67 15.33
C MET A 435 4.97 -12.55 15.26
N ASP A 436 5.42 -11.38 14.83
CA ASP A 436 6.83 -11.00 14.83
C ASP A 436 6.92 -9.52 14.54
N MET A 437 8.02 -8.91 14.99
CA MET A 437 8.39 -7.53 14.69
C MET A 437 7.42 -6.50 15.28
N ASN A 438 6.57 -6.91 16.22
CA ASN A 438 5.63 -5.98 16.84
C ASN A 438 6.29 -5.23 18.00
N GLN A 439 5.72 -4.08 18.33
CA GLN A 439 6.27 -3.21 19.37
C GLN A 439 5.12 -2.69 20.22
N ILE A 440 5.00 -3.20 21.44
CA ILE A 440 3.99 -2.74 22.38
C ILE A 440 4.68 -2.46 23.71
N GLU A 441 4.84 -1.19 24.05
CA GLU A 441 5.36 -0.78 25.35
C GLU A 441 4.36 0.15 26.03
N ASN A 442 4.23 -0.01 27.34
CA ASN A 442 3.45 0.91 28.17
C ASN A 442 1.97 0.90 27.81
N THR A 443 1.40 -0.29 27.58
CA THR A 443 -0.03 -0.42 27.36
C THR A 443 -0.53 -1.69 28.03
N GLY A 444 -1.67 -1.59 28.70
CA GLY A 444 -2.39 -2.75 29.20
C GLY A 444 -1.91 -3.21 30.55
N ALA A 445 -2.86 -3.73 31.34
CA ALA A 445 -2.48 -4.49 32.53
C ALA A 445 -1.71 -5.74 32.14
N GLN A 446 -2.15 -6.41 31.08
CA GLN A 446 -1.36 -7.41 30.38
C GLN A 446 -1.14 -6.92 28.96
N VAL A 447 0.11 -6.93 28.50
CA VAL A 447 0.40 -6.40 27.18
C VAL A 447 -0.25 -7.27 26.11
N VAL A 448 0.01 -8.57 26.14
CA VAL A 448 -0.62 -9.51 25.22
C VAL A 448 -1.32 -10.58 26.05
N TYR A 449 -2.62 -10.75 25.82
CA TYR A 449 -3.45 -11.68 26.56
C TYR A 449 -4.10 -12.64 25.56
N GLY A 450 -3.62 -13.87 25.51
CA GLY A 450 -4.16 -14.89 24.63
C GLY A 450 -4.91 -15.94 25.41
N LEU A 451 -6.05 -16.37 24.86
CA LEU A 451 -6.88 -17.41 25.48
C LEU A 451 -7.40 -18.35 24.43
N ASP A 452 -7.38 -19.64 24.72
CA ASP A 452 -7.99 -20.67 23.88
C ASP A 452 -7.49 -20.58 22.44
N ILE A 453 -6.17 -20.53 22.28
CA ILE A 453 -5.51 -20.52 20.98
C ILE A 453 -4.71 -21.81 20.86
N ASP A 454 -4.83 -22.48 19.71
CA ASP A 454 -4.17 -23.77 19.56
C ASP A 454 -2.66 -23.60 19.37
N THR A 455 -2.25 -22.68 18.51
CA THR A 455 -0.85 -22.47 18.18
C THR A 455 -0.54 -20.98 18.22
N VAL A 456 0.42 -20.59 19.04
CA VAL A 456 0.86 -19.20 19.14
C VAL A 456 2.35 -19.16 18.82
N TYR A 457 2.72 -18.28 17.89
CA TYR A 457 4.12 -18.05 17.56
C TYR A 457 4.41 -16.56 17.70
N SER A 458 5.40 -16.23 18.53
CA SER A 458 5.86 -14.86 18.71
C SER A 458 7.36 -14.83 18.40
N GLY A 459 7.71 -14.19 17.29
CA GLY A 459 9.06 -14.21 16.78
C GLY A 459 10.05 -13.40 17.60
N PRO A 460 11.34 -13.49 17.25
CA PRO A 460 12.36 -12.79 18.04
C PRO A 460 12.21 -11.27 17.99
N GLY A 461 11.60 -10.72 16.95
CA GLY A 461 11.39 -9.30 16.86
C GLY A 461 10.25 -8.76 17.68
N ASP A 462 9.42 -9.62 18.23
CA ASP A 462 8.31 -9.16 19.07
C ASP A 462 8.83 -8.58 20.38
N ARG A 463 8.28 -7.44 20.76
CA ARG A 463 8.61 -6.78 22.02
C ARG A 463 7.32 -6.38 22.70
N PHE A 464 6.94 -7.13 23.74
CA PHE A 464 5.77 -6.83 24.56
C PHE A 464 6.24 -6.68 26.01
N GLY A 465 6.17 -5.47 26.53
CA GLY A 465 6.63 -5.26 27.89
C GLY A 465 6.25 -3.90 28.42
N ASN A 466 6.65 -3.67 29.66
CA ASN A 466 6.38 -2.44 30.41
C ASN A 466 4.89 -2.30 30.69
N ASN A 467 4.42 -3.04 31.69
CA ASN A 467 3.04 -2.98 32.13
C ASN A 467 2.69 -1.58 32.65
N THR A 468 1.40 -1.38 32.90
CA THR A 468 0.93 -0.25 33.69
C THR A 468 0.40 -0.68 35.05
N VAL A 469 0.26 -1.98 35.29
CA VAL A 469 -0.25 -2.54 36.54
C VAL A 469 0.63 -3.72 36.92
N ALA A 470 0.79 -3.95 38.22
CA ALA A 470 1.49 -5.13 38.71
C ALA A 470 0.80 -6.41 38.24
N ASP A 471 1.17 -6.87 37.05
CA ASP A 471 0.50 -8.00 36.40
C ASP A 471 1.49 -8.60 35.41
N PHE A 472 0.99 -9.43 34.49
CA PHE A 472 1.82 -10.18 33.57
C PHE A 472 1.95 -9.45 32.24
N HIS A 473 3.19 -9.38 31.73
CA HIS A 473 3.42 -8.81 30.41
C HIS A 473 2.66 -9.61 29.34
N VAL A 474 2.84 -10.93 29.35
CA VAL A 474 2.26 -11.81 28.34
C VAL A 474 1.60 -12.97 29.09
N ARG A 475 0.28 -13.08 28.98
CA ARG A 475 -0.49 -14.11 29.63
C ARG A 475 -1.19 -14.98 28.58
N PHE A 476 -1.19 -16.28 28.81
CA PHE A 476 -1.87 -17.23 27.93
C PHE A 476 -2.70 -18.19 28.77
N ASP A 477 -3.98 -18.34 28.40
CA ASP A 477 -4.91 -19.20 29.11
C ASP A 477 -5.39 -20.29 28.16
N SER A 478 -5.19 -21.56 28.57
CA SER A 478 -5.72 -22.71 27.85
C SER A 478 -5.26 -22.75 26.40
N CYS A 479 -4.01 -22.36 26.16
CA CYS A 479 -3.41 -22.40 24.84
C CYS A 479 -2.51 -23.62 24.73
N ARG A 480 -2.65 -24.38 23.63
CA ARG A 480 -2.00 -25.68 23.54
C ARG A 480 -0.52 -25.57 23.19
N ASP A 481 -0.19 -24.84 22.14
CA ASP A 481 1.16 -24.82 21.58
C ASP A 481 1.66 -23.38 21.56
N LEU A 482 2.69 -23.09 22.36
CA LEU A 482 3.20 -21.74 22.53
C LEU A 482 4.68 -21.69 22.18
N THR A 483 5.04 -20.81 21.24
CA THR A 483 6.42 -20.58 20.83
C THR A 483 6.70 -19.09 21.02
N LEU A 484 7.48 -18.76 22.03
CA LEU A 484 7.69 -17.38 22.47
C LEU A 484 9.17 -17.03 22.43
N LEU A 485 9.61 -16.40 21.34
CA LEU A 485 11.02 -16.07 21.14
C LEU A 485 11.30 -14.57 21.26
N GLY A 486 10.32 -13.78 21.67
CA GLY A 486 10.46 -12.34 21.67
C GLY A 486 11.01 -11.77 22.96
N ASP A 487 11.06 -10.44 23.01
CA ASP A 487 11.55 -9.70 24.17
C ASP A 487 10.34 -9.31 25.01
N TYR A 488 10.07 -10.09 26.06
CA TYR A 488 8.96 -9.84 26.98
C TYR A 488 9.44 -9.29 28.31
N SER A 489 10.57 -8.58 28.31
CA SER A 489 11.18 -8.08 29.53
C SER A 489 10.59 -6.74 29.93
N SER A 490 11.00 -6.27 31.11
CA SER A 490 10.80 -4.89 31.50
C SER A 490 12.05 -4.11 31.13
N THR A 491 11.85 -2.89 30.62
CA THR A 491 12.99 -2.02 30.32
C THR A 491 13.67 -1.62 31.61
N ASP A 492 14.97 -1.92 31.71
CA ASP A 492 15.75 -1.56 32.90
C ASP A 492 16.24 -0.13 32.73
N TYR A 493 15.35 0.82 33.01
CA TYR A 493 15.69 2.23 32.88
C TYR A 493 16.83 2.60 33.82
N THR A 494 17.68 3.52 33.36
CA THR A 494 18.67 4.12 34.24
C THR A 494 18.02 5.22 35.06
N GLN A 495 18.51 5.42 36.27
CA GLN A 495 17.83 6.26 37.24
C GLN A 495 18.04 7.75 36.95
N TRP A 496 17.02 8.53 37.26
CA TRP A 496 17.13 9.99 37.22
C TRP A 496 18.18 10.46 38.22
N VAL A 497 19.08 11.33 37.77
CA VAL A 497 20.15 11.88 38.58
C VAL A 497 20.14 13.39 38.45
N THR A 498 20.47 14.08 39.55
CA THR A 498 20.64 15.52 39.52
C THR A 498 22.00 15.88 38.94
N ALA A 499 22.08 17.06 38.33
CA ALA A 499 23.34 17.64 37.84
C ALA A 499 23.99 16.76 36.78
N THR A 500 23.17 16.12 35.96
CA THR A 500 23.64 15.28 34.88
C THR A 500 22.96 15.69 33.58
N ALA A 501 23.75 15.76 32.51
CA ALA A 501 23.23 16.18 31.22
C ALA A 501 22.50 15.02 30.54
N VAL A 502 21.26 15.27 30.13
CA VAL A 502 20.46 14.26 29.44
C VAL A 502 20.11 14.76 28.04
N PRO A 503 20.21 13.92 27.02
CA PRO A 503 19.72 14.31 25.70
C PRO A 503 18.21 14.20 25.63
N VAL A 504 17.62 14.97 24.72
CA VAL A 504 16.18 14.88 24.52
C VAL A 504 15.85 13.50 23.95
N GLY A 505 14.83 12.85 24.52
CA GLY A 505 14.51 11.48 24.21
C GLY A 505 15.06 10.48 25.21
N ALA A 506 15.84 10.93 26.18
CA ALA A 506 16.39 10.03 27.19
C ALA A 506 15.30 9.59 28.15
N LYS A 507 15.43 8.35 28.64
CA LYS A 507 14.45 7.75 29.53
C LYS A 507 15.09 7.51 30.90
N ARG A 508 14.47 8.07 31.94
CA ARG A 508 14.94 7.91 33.31
C ARG A 508 13.76 7.54 34.21
N TRP A 509 14.06 6.84 35.29
CA TRP A 509 13.03 6.40 36.23
C TRP A 509 13.27 7.03 37.60
N ASN A 510 12.17 7.24 38.33
CA ASN A 510 12.22 7.63 39.73
C ASN A 510 10.96 7.11 40.41
N GLY A 511 11.15 6.35 41.48
CA GLY A 511 10.00 5.73 42.12
C GLY A 511 9.42 4.64 41.24
N ALA A 512 8.11 4.67 41.06
CA ALA A 512 7.43 3.69 40.23
C ALA A 512 7.30 4.10 38.78
N ASN A 513 7.61 5.34 38.44
CA ASN A 513 7.31 5.90 37.14
C ASN A 513 8.58 6.07 36.30
N ALA A 514 8.40 6.00 34.98
CA ALA A 514 9.45 6.27 34.01
C ALA A 514 9.09 7.52 33.22
N TYR A 515 10.12 8.21 32.73
CA TYR A 515 9.93 9.51 32.09
C TYR A 515 10.85 9.62 30.88
N VAL A 516 10.44 10.48 29.94
CA VAL A 516 11.25 10.81 28.77
C VAL A 516 11.49 12.31 28.77
N ALA A 517 12.66 12.71 28.30
CA ALA A 517 13.07 14.11 28.32
C ALA A 517 12.48 14.86 27.12
N GLU A 518 11.84 16.00 27.40
CA GLU A 518 11.29 16.83 26.33
C GLU A 518 12.31 17.80 25.75
N ALA A 519 13.37 18.10 26.48
CA ALA A 519 14.42 18.98 25.99
C ALA A 519 15.75 18.52 26.54
N ALA A 520 16.80 18.73 25.75
CA ALA A 520 18.15 18.46 26.24
C ALA A 520 18.53 19.50 27.29
N GLY A 521 19.29 19.06 28.29
CA GLY A 521 19.69 19.97 29.34
C GLY A 521 20.24 19.20 30.52
N THR A 522 20.46 19.93 31.61
CA THR A 522 21.01 19.36 32.83
C THR A 522 19.92 19.31 33.90
N THR A 523 19.76 18.14 34.51
CA THR A 523 18.66 17.90 35.42
C THR A 523 18.68 18.86 36.59
N GLY A 524 17.49 19.19 37.08
CA GLY A 524 17.34 20.00 38.26
C GLY A 524 17.33 19.17 39.53
N ALA A 525 16.89 19.80 40.61
CA ALA A 525 17.03 19.20 41.93
C ALA A 525 15.81 18.42 42.39
N THR A 526 14.62 18.73 41.86
CA THR A 526 13.39 18.08 42.32
C THR A 526 13.08 16.89 41.41
N ALA A 527 13.21 15.68 41.96
CA ALA A 527 13.03 14.47 41.18
C ALA A 527 11.59 14.36 40.68
N PRO A 528 11.39 13.80 39.48
CA PRO A 528 10.03 13.66 38.94
C PRO A 528 9.24 12.60 39.69
N THR A 529 8.02 12.98 40.11
CA THR A 529 7.15 12.08 40.87
C THR A 529 5.72 12.06 40.35
N HIS A 530 5.47 12.59 39.15
CA HIS A 530 4.12 12.68 38.63
C HIS A 530 3.76 11.41 37.86
N THR A 531 2.45 11.13 37.80
CA THR A 531 1.93 9.97 37.10
C THR A 531 1.19 10.34 35.82
N SER A 532 1.30 11.61 35.38
CA SER A 532 0.65 12.07 34.16
C SER A 532 1.30 13.38 33.74
N GLY A 533 1.18 13.68 32.45
CA GLY A 533 1.68 14.94 31.92
C GLY A 533 3.19 15.08 32.02
N THR A 534 3.63 16.33 31.93
CA THR A 534 5.04 16.68 31.99
C THR A 534 5.26 17.71 33.09
N VAL A 535 6.13 17.39 34.04
CA VAL A 535 6.53 18.32 35.09
C VAL A 535 8.02 18.55 34.95
N SER A 536 8.47 19.74 35.36
CA SER A 536 9.86 20.12 35.25
C SER A 536 10.61 19.77 36.53
N ASP A 537 11.73 19.06 36.39
CA ASP A 537 12.76 19.25 37.39
C ASP A 537 13.40 20.62 37.13
N GLY A 538 14.29 21.03 38.02
CA GLY A 538 14.87 22.36 37.94
C GLY A 538 15.34 22.81 36.56
N GLY A 539 15.73 21.86 35.71
CA GLY A 539 16.27 22.23 34.41
C GLY A 539 15.87 21.39 33.21
N VAL A 540 15.03 20.36 33.40
CA VAL A 540 14.63 19.48 32.31
C VAL A 540 13.16 19.13 32.48
N ASN A 541 12.40 19.18 31.39
CA ASN A 541 10.99 18.80 31.37
C ASN A 541 10.89 17.30 31.13
N TRP A 542 10.23 16.59 32.04
CA TRP A 542 10.10 15.14 31.98
C TRP A 542 8.63 14.77 31.74
N ARG A 543 8.38 14.02 30.67
CA ARG A 543 7.05 13.54 30.33
C ARG A 543 6.87 12.12 30.84
N TYR A 544 5.77 11.88 31.55
CA TYR A 544 5.46 10.55 32.05
C TYR A 544 5.09 9.63 30.89
N ILE A 545 5.60 8.39 30.91
CA ILE A 545 5.39 7.49 29.79
C ILE A 545 4.94 6.11 30.25
N GLY A 546 5.11 5.81 31.53
CA GLY A 546 4.68 4.53 32.06
C GLY A 546 5.37 4.22 33.37
N LYS A 547 5.31 2.93 33.72
CA LYS A 547 5.81 2.44 34.99
C LYS A 547 7.06 1.62 34.78
N ARG A 548 7.96 1.63 35.78
CA ARG A 548 9.22 0.92 35.73
C ARG A 548 9.10 -0.42 36.44
N ARG A 549 9.39 -1.50 35.71
CA ARG A 549 9.59 -2.84 36.29
C ARG A 549 8.47 -3.23 37.26
N ILE A 550 7.24 -2.81 36.94
CA ILE A 550 6.09 -3.08 37.81
C ILE A 550 5.53 -4.46 37.62
N ALA A 551 5.90 -5.16 36.53
CA ALA A 551 5.24 -6.40 36.17
C ALA A 551 5.44 -7.47 37.23
N ALA A 552 4.40 -8.27 37.46
CA ALA A 552 4.51 -9.41 38.36
C ALA A 552 5.26 -10.57 37.72
N ALA A 553 5.26 -10.63 36.39
CA ALA A 553 5.93 -11.67 35.63
C ALA A 553 5.95 -11.25 34.18
N ALA A 554 6.89 -11.81 33.43
CA ALA A 554 6.99 -11.56 32.00
C ALA A 554 6.08 -12.49 31.20
N VAL A 555 6.13 -13.78 31.48
CA VAL A 555 5.32 -14.79 30.80
C VAL A 555 4.56 -15.59 31.84
N ALA A 556 3.24 -15.65 31.69
CA ALA A 556 2.38 -16.36 32.62
C ALA A 556 1.45 -17.30 31.86
N LEU A 557 1.09 -18.40 32.52
CA LEU A 557 0.19 -19.40 31.96
C LEU A 557 -0.88 -19.76 32.98
N ARG A 558 -2.13 -19.85 32.51
CA ARG A 558 -3.26 -20.23 33.34
C ARG A 558 -4.15 -21.17 32.54
N GLY A 559 -5.27 -21.58 33.15
CA GLY A 559 -6.23 -22.41 32.46
C GLY A 559 -5.79 -23.87 32.38
N THR A 560 -6.20 -24.54 31.31
CA THR A 560 -5.74 -25.90 31.07
C THR A 560 -4.30 -25.86 30.60
N ALA A 561 -3.53 -26.87 31.03
CA ALA A 561 -2.09 -26.85 30.82
C ALA A 561 -1.74 -26.80 29.33
N ALA A 562 -0.74 -26.00 29.00
CA ALA A 562 -0.23 -25.98 27.63
C ALA A 562 0.48 -27.28 27.33
N ALA A 563 0.34 -27.74 26.07
CA ALA A 563 1.02 -28.96 25.68
C ALA A 563 2.51 -28.73 25.45
N LEU A 564 2.87 -27.56 24.91
CA LEU A 564 4.27 -27.24 24.63
C LEU A 564 4.49 -25.75 24.79
N VAL A 565 5.53 -25.40 25.56
CA VAL A 565 6.02 -24.03 25.65
C VAL A 565 7.47 -24.04 25.18
N ARG A 566 7.74 -23.34 24.09
CA ARG A 566 9.05 -23.37 23.46
C ARG A 566 9.65 -21.96 23.46
N MET A 567 10.77 -21.81 24.14
CA MET A 567 11.54 -20.58 24.17
C MET A 567 12.95 -20.87 23.64
N GLY A 568 13.71 -19.79 23.43
CA GLY A 568 15.05 -19.93 22.89
C GLY A 568 16.04 -18.93 23.43
N GLY A 569 17.21 -18.84 22.79
CA GLY A 569 18.24 -17.91 23.20
C GLY A 569 17.88 -16.45 23.05
N THR A 570 16.82 -16.13 22.31
CA THR A 570 16.37 -14.76 22.14
C THR A 570 15.27 -14.37 23.12
N THR A 571 14.66 -15.34 23.81
CA THR A 571 13.56 -15.04 24.72
C THR A 571 14.07 -14.22 25.91
N ARG A 572 13.46 -13.06 26.14
CA ARG A 572 13.82 -12.18 27.24
C ARG A 572 12.68 -12.16 28.25
N THR A 573 12.98 -12.53 29.50
CA THR A 573 11.99 -12.54 30.57
C THR A 573 12.49 -11.77 31.79
N ASN A 574 13.40 -10.84 31.61
CA ASN A 574 14.18 -10.30 32.71
C ASN A 574 13.60 -9.00 33.25
N SER A 575 14.02 -8.66 34.46
CA SER A 575 13.89 -7.34 35.06
C SER A 575 12.47 -7.00 35.48
N THR A 576 11.62 -7.99 35.74
CA THR A 576 10.31 -7.72 36.32
C THR A 576 10.42 -7.79 37.85
N SER A 577 9.29 -7.92 38.54
CA SER A 577 9.30 -8.04 40.00
C SER A 577 10.23 -9.17 40.44
N THR A 578 10.16 -10.31 39.75
CA THR A 578 11.00 -11.45 40.04
C THR A 578 12.21 -11.46 39.10
N ALA A 579 13.23 -12.21 39.49
CA ALA A 579 14.42 -12.34 38.65
C ALA A 579 14.13 -13.16 37.40
N HIS A 580 13.20 -14.10 37.50
CA HIS A 580 12.94 -15.04 36.41
C HIS A 580 11.81 -14.58 35.49
N GLY A 581 10.78 -13.96 36.06
CA GLY A 581 9.66 -13.51 35.24
C GLY A 581 8.75 -14.60 34.73
N ILE A 582 8.71 -15.75 35.42
CA ILE A 582 7.89 -16.89 35.02
C ILE A 582 6.81 -17.10 36.08
N ASP A 583 5.59 -17.42 35.62
CA ASP A 583 4.47 -17.70 36.52
C ASP A 583 3.53 -18.68 35.80
N PHE A 584 3.76 -19.97 36.01
CA PHE A 584 2.95 -21.03 35.40
C PHE A 584 2.18 -21.72 36.51
N SER A 585 0.95 -21.23 36.78
CA SER A 585 0.15 -21.85 37.85
C SER A 585 -0.27 -23.27 37.47
N PRO A 586 -0.87 -23.51 36.29
CA PRO A 586 -0.79 -24.87 35.74
C PRO A 586 0.45 -25.01 34.87
N SER A 587 1.43 -25.78 35.35
CA SER A 587 2.69 -25.89 34.64
C SER A 587 2.48 -26.60 33.29
N PRO A 588 3.16 -26.16 32.25
CA PRO A 588 3.01 -26.83 30.94
C PRO A 588 3.55 -28.25 31.00
N THR A 589 2.90 -29.14 30.25
CA THR A 589 3.33 -30.53 30.23
C THR A 589 4.73 -30.67 29.60
N ARG A 590 5.11 -29.74 28.73
CA ARG A 590 6.45 -29.72 28.16
C ARG A 590 6.95 -28.28 28.06
N TRP A 591 8.19 -28.06 28.47
CA TRP A 591 8.78 -26.73 28.47
C TRP A 591 10.20 -26.82 27.91
N GLU A 592 10.37 -26.39 26.67
CA GLU A 592 11.67 -26.34 26.02
C GLU A 592 12.17 -24.90 26.01
N TRP A 593 13.40 -24.71 26.50
CA TRP A 593 14.04 -23.38 26.49
C TRP A 593 15.52 -23.61 26.19
N SER A 594 15.90 -23.44 24.93
CA SER A 594 17.27 -23.66 24.51
C SER A 594 18.12 -22.42 24.75
N ASP A 595 19.40 -22.66 25.02
CA ASP A 595 20.42 -21.61 25.10
C ASP A 595 20.10 -20.62 26.22
N ILE A 596 19.77 -21.16 27.39
CA ILE A 596 19.49 -20.30 28.54
C ILE A 596 20.76 -19.59 28.99
N ASP A 597 21.82 -20.33 29.24
CA ASP A 597 23.08 -19.76 29.68
C ASP A 597 24.20 -20.75 29.40
N ALA A 598 25.43 -20.26 29.42
CA ALA A 598 26.61 -21.08 29.19
C ALA A 598 27.84 -20.33 29.67
N GLY A 599 28.94 -21.05 29.84
CA GLY A 599 30.19 -20.44 30.24
C GLY A 599 31.20 -21.48 30.66
N THR A 600 32.29 -20.99 31.26
CA THR A 600 33.33 -21.86 31.81
C THR A 600 33.66 -21.40 33.23
N ALA A 601 33.74 -22.37 34.14
CA ALA A 601 34.15 -22.11 35.52
C ALA A 601 35.40 -22.91 35.83
N THR A 602 36.19 -22.40 36.77
CA THR A 602 37.40 -23.08 37.24
C THR A 602 37.18 -23.53 38.68
N LEU A 603 37.31 -24.82 38.92
CA LEU A 603 36.97 -25.39 40.22
C LEU A 603 37.97 -24.99 41.30
N ALA A 604 37.54 -25.10 42.55
CA ALA A 604 38.38 -24.85 43.70
C ALA A 604 37.94 -25.78 44.82
N ALA A 605 38.88 -26.54 45.36
CA ALA A 605 38.57 -27.59 46.33
C ALA A 605 37.52 -28.54 45.78
N GLY A 606 37.62 -28.82 44.48
CA GLY A 606 36.76 -29.78 43.82
C GLY A 606 35.37 -29.31 43.46
N THR A 607 35.04 -28.03 43.67
CA THR A 607 33.69 -27.54 43.43
C THR A 607 33.71 -26.11 42.91
N VAL A 608 32.68 -25.78 42.13
CA VAL A 608 32.28 -24.41 41.86
C VAL A 608 30.76 -24.35 41.95
N THR A 609 30.24 -23.27 42.52
CA THR A 609 28.83 -22.94 42.41
C THR A 609 28.73 -21.73 41.48
N VAL A 610 28.13 -21.92 40.33
CA VAL A 610 28.04 -20.90 39.29
C VAL A 610 26.76 -20.10 39.47
N ASN A 611 26.84 -18.80 39.23
CA ASN A 611 25.67 -17.94 39.20
C ASN A 611 25.17 -17.80 37.77
N ILE A 612 23.90 -18.08 37.56
CA ILE A 612 23.28 -17.80 36.26
C ILE A 612 23.27 -16.30 36.01
N THR A 613 23.42 -15.90 34.76
CA THR A 613 23.34 -14.49 34.41
C THR A 613 22.04 -13.89 34.95
N ASP A 614 22.12 -12.62 35.36
CA ASP A 614 20.98 -11.97 36.00
C ASP A 614 19.72 -12.10 35.16
N ASN A 615 19.84 -11.87 33.84
CA ASN A 615 18.67 -11.83 32.97
C ASN A 615 18.09 -13.21 32.71
N ARG A 616 18.82 -14.28 32.98
CA ARG A 616 18.37 -15.63 32.68
C ARG A 616 18.19 -16.49 33.92
N ARG A 617 18.08 -15.87 35.10
CA ARG A 617 17.77 -16.62 36.30
C ARG A 617 16.42 -17.33 36.13
N GLN A 618 16.34 -18.54 36.67
CA GLN A 618 15.22 -19.44 36.39
C GLN A 618 14.22 -19.44 37.53
N VAL A 619 13.05 -20.01 37.24
CA VAL A 619 11.99 -20.11 38.23
C VAL A 619 12.20 -21.28 39.18
N ASP A 620 12.94 -22.30 38.77
CA ASP A 620 13.23 -23.46 39.62
C ASP A 620 14.59 -24.01 39.23
N GLY A 621 14.97 -25.13 39.83
CA GLY A 621 16.21 -25.79 39.51
C GLY A 621 16.01 -27.04 38.67
N ASN A 622 14.96 -27.06 37.86
CA ASN A 622 14.65 -28.21 37.02
C ASN A 622 15.17 -28.06 35.60
N TYR A 623 16.02 -27.08 35.34
CA TYR A 623 16.68 -26.99 34.05
C TYR A 623 17.76 -28.06 33.95
N ARG A 624 18.23 -28.28 32.72
CA ARG A 624 19.28 -29.25 32.45
C ARG A 624 20.64 -28.59 32.43
N VAL A 625 21.64 -29.30 32.92
CA VAL A 625 23.02 -28.85 32.95
C VAL A 625 23.88 -29.86 32.22
N LEU A 626 24.61 -29.41 31.21
CA LEU A 626 25.65 -30.21 30.58
C LEU A 626 27.00 -29.57 30.89
N VAL A 627 28.02 -30.42 31.03
CA VAL A 627 29.34 -29.98 31.44
C VAL A 627 30.38 -31.04 31.11
N THR A 628 31.50 -30.63 30.51
CA THR A 628 32.64 -31.51 30.31
C THR A 628 33.89 -30.82 30.82
N GLY A 629 34.88 -31.64 31.18
CA GLY A 629 36.06 -31.16 31.86
C GLY A 629 37.24 -30.93 30.94
N THR A 630 38.26 -30.28 31.50
CA THR A 630 39.51 -30.02 30.81
C THR A 630 40.58 -31.08 31.09
N VAL A 631 40.37 -31.93 32.09
CA VAL A 631 41.37 -32.89 32.54
C VAL A 631 40.69 -34.24 32.81
N ASN A 632 41.48 -35.23 33.23
CA ASN A 632 41.00 -36.59 33.43
C ASN A 632 40.35 -36.71 34.81
N GLU A 633 39.15 -36.16 34.91
CA GLU A 633 38.33 -36.26 36.11
C GLU A 633 36.88 -36.43 35.70
N THR A 634 36.10 -37.06 36.56
CA THR A 634 34.66 -37.14 36.37
C THR A 634 34.02 -35.89 36.96
N PHE A 635 33.23 -35.19 36.15
CA PHE A 635 32.58 -33.95 36.55
C PHE A 635 31.07 -34.14 36.49
N TYR A 636 30.38 -33.71 37.56
CA TYR A 636 28.95 -33.90 37.66
C TYR A 636 28.33 -32.70 38.37
N VAL A 637 27.02 -32.55 38.16
CA VAL A 637 26.26 -31.44 38.74
C VAL A 637 25.51 -31.97 39.95
N SER A 638 25.93 -31.53 41.14
CA SER A 638 25.40 -32.07 42.38
C SER A 638 24.23 -31.26 42.94
N ALA A 639 24.00 -30.04 42.47
CA ALA A 639 22.91 -29.23 42.99
C ALA A 639 22.47 -28.24 41.92
N ARG A 640 21.17 -27.95 41.90
CA ARG A 640 20.58 -27.00 40.97
C ARG A 640 19.47 -26.24 41.67
N ALA A 641 19.56 -24.91 41.67
CA ALA A 641 18.57 -24.05 42.28
C ALA A 641 18.04 -23.07 41.23
N ALA A 642 17.22 -22.11 41.67
CA ALA A 642 16.63 -21.16 40.75
C ALA A 642 17.69 -20.22 40.19
N SER A 643 18.65 -19.79 41.01
CA SER A 643 19.62 -18.79 40.60
C SER A 643 21.05 -19.30 40.52
N ASN A 644 21.35 -20.48 41.08
CA ASN A 644 22.70 -21.00 41.02
C ASN A 644 22.67 -22.52 40.91
N PHE A 645 23.84 -23.09 40.62
CA PHE A 645 24.04 -24.53 40.54
C PHE A 645 25.51 -24.81 40.79
N THR A 646 25.80 -26.02 41.25
CA THR A 646 27.14 -26.39 41.67
C THR A 646 27.68 -27.52 40.80
N ILE A 647 28.96 -27.44 40.48
CA ILE A 647 29.67 -28.48 39.74
C ILE A 647 30.79 -29.00 40.63
N THR A 648 30.81 -30.31 40.84
CA THR A 648 31.84 -30.96 41.65
C THR A 648 32.57 -32.01 40.83
N SER A 649 33.74 -32.41 41.33
CA SER A 649 34.59 -33.38 40.65
C SER A 649 34.95 -34.52 41.58
N SER A 650 35.44 -35.61 40.98
CA SER A 650 35.93 -36.73 41.77
C SER A 650 37.12 -36.32 42.61
N ASN A 651 38.09 -35.64 41.99
CA ASN A 651 39.26 -35.14 42.70
C ASN A 651 38.82 -34.05 43.68
N ALA A 652 38.83 -34.39 44.98
CA ALA A 652 38.42 -33.43 46.00
C ALA A 652 39.36 -32.23 46.08
N ALA A 653 40.48 -32.26 45.38
CA ALA A 653 41.37 -31.12 45.26
C ALA A 653 41.40 -30.57 43.83
N SER A 654 40.27 -30.62 43.14
CA SER A 654 40.21 -30.20 41.75
C SER A 654 40.38 -28.69 41.63
N THR A 655 41.12 -28.28 40.61
CA THR A 655 41.23 -26.88 40.22
C THR A 655 40.94 -26.69 38.74
N ALA A 656 40.25 -27.65 38.14
CA ALA A 656 40.10 -27.70 36.69
C ALA A 656 39.09 -26.66 36.20
N THR A 657 39.21 -26.34 34.91
CA THR A 657 38.22 -25.52 34.22
C THR A 657 37.22 -26.43 33.54
N VAL A 658 35.93 -26.10 33.67
CA VAL A 658 34.87 -26.88 33.05
C VAL A 658 34.01 -25.96 32.20
N MET A 659 33.50 -26.50 31.10
CA MET A 659 32.61 -25.79 30.20
C MET A 659 31.21 -26.35 30.36
N TRP A 660 30.24 -25.45 30.56
CA TRP A 660 28.88 -25.85 30.90
C TRP A 660 27.86 -25.15 30.00
N LYS A 661 26.63 -25.63 30.06
CA LYS A 661 25.54 -25.10 29.26
C LYS A 661 24.21 -25.39 29.97
N ILE A 662 23.30 -24.43 29.95
CA ILE A 662 22.03 -24.49 30.67
C ILE A 662 20.89 -24.40 29.66
N PHE A 663 19.90 -25.27 29.81
CA PHE A 663 18.78 -25.34 28.88
C PHE A 663 17.66 -26.14 29.54
N ARG A 664 16.53 -26.25 28.84
CA ARG A 664 15.40 -27.04 29.30
C ARG A 664 14.91 -28.00 28.23
N GLY B 9 -30.57 43.46 -41.84
CA GLY B 9 -31.33 42.49 -41.07
C GLY B 9 -31.03 42.54 -39.60
N ALA B 10 -30.39 41.49 -39.08
CA ALA B 10 -30.05 41.43 -37.67
C ALA B 10 -29.04 42.51 -37.27
N ALA B 11 -28.24 42.98 -38.21
CA ALA B 11 -27.22 43.99 -37.92
C ALA B 11 -27.79 45.40 -37.76
N SER B 12 -29.08 45.59 -38.01
CA SER B 12 -29.72 46.88 -37.84
C SER B 12 -30.70 46.90 -36.67
N ILE B 13 -30.85 45.78 -35.97
CA ILE B 13 -31.74 45.68 -34.81
C ILE B 13 -30.86 45.86 -33.57
N GLY B 14 -30.92 47.04 -32.98
CA GLY B 14 -30.13 47.30 -31.79
C GLY B 14 -30.68 46.58 -30.58
N TYR B 15 -29.76 46.17 -29.70
CA TYR B 15 -30.12 45.49 -28.46
C TYR B 15 -29.40 46.14 -27.29
N LYS B 16 -30.12 46.31 -26.19
CA LYS B 16 -29.56 46.91 -24.98
C LYS B 16 -30.25 46.31 -23.78
N ARG B 17 -29.48 45.69 -22.88
CA ARG B 17 -30.05 45.11 -21.67
C ARG B 17 -30.64 46.19 -20.77
N GLU B 18 -29.88 47.28 -20.59
CA GLU B 18 -30.35 48.44 -19.84
C GLU B 18 -29.56 49.65 -20.32
N SER B 19 -29.92 50.82 -19.79
CA SER B 19 -29.32 52.06 -20.28
C SER B 19 -27.81 52.09 -20.07
N GLY B 20 -27.31 51.47 -19.00
CA GLY B 20 -25.89 51.46 -18.72
C GLY B 20 -25.06 50.52 -19.55
N ALA B 21 -25.69 49.64 -20.32
CA ALA B 21 -24.95 48.68 -21.13
C ALA B 21 -24.47 49.33 -22.43
N ARG B 22 -23.64 48.60 -23.17
CA ARG B 22 -23.26 49.02 -24.51
C ARG B 22 -24.47 48.96 -25.45
N LEU B 23 -24.40 49.72 -26.53
CA LEU B 23 -25.39 49.64 -27.60
C LEU B 23 -24.86 48.69 -28.66
N ARG B 24 -25.47 47.52 -28.77
CA ARG B 24 -25.08 46.51 -29.74
C ARG B 24 -26.29 46.11 -30.57
N THR B 25 -26.03 45.38 -31.64
CA THR B 25 -27.08 44.82 -32.47
C THR B 25 -27.26 43.34 -32.14
N THR B 26 -28.43 42.80 -32.54
CA THR B 26 -28.66 41.37 -32.32
C THR B 26 -27.64 40.53 -33.09
N ALA B 27 -27.10 41.06 -34.18
CA ALA B 27 -26.03 40.37 -34.88
C ALA B 27 -24.76 40.31 -34.04
N ASP B 28 -24.49 41.38 -33.28
CA ASP B 28 -23.30 41.39 -32.42
C ASP B 28 -23.40 40.32 -31.34
N MET B 29 -24.60 40.13 -30.78
CA MET B 29 -24.77 39.10 -29.76
C MET B 29 -24.47 37.71 -30.32
N PHE B 30 -24.78 37.48 -31.59
CA PHE B 30 -24.48 36.21 -32.22
C PHE B 30 -23.01 36.10 -32.59
N LYS B 31 -22.41 37.18 -33.08
CA LYS B 31 -21.04 37.14 -33.58
C LYS B 31 -20.00 37.00 -32.48
N ASP B 32 -20.37 37.22 -31.21
CA ASP B 32 -19.44 36.99 -30.12
C ASP B 32 -19.04 35.52 -30.04
N HIS B 33 -19.92 34.62 -30.48
CA HIS B 33 -19.66 33.19 -30.52
C HIS B 33 -19.62 32.74 -31.98
N LEU B 34 -19.44 31.43 -32.18
CA LEU B 34 -19.45 30.85 -33.51
C LEU B 34 -20.30 29.58 -33.47
N ASN B 35 -21.52 29.67 -33.99
CA ASN B 35 -22.39 28.52 -34.12
C ASN B 35 -22.01 27.72 -35.37
N LEU B 36 -21.85 26.41 -35.22
CA LEU B 36 -21.50 25.58 -36.37
C LEU B 36 -22.60 25.59 -37.42
N LYS B 37 -23.86 25.70 -36.99
CA LYS B 37 -24.96 25.68 -37.94
C LYS B 37 -25.11 26.99 -38.71
N GLU B 38 -24.33 28.01 -38.38
CA GLU B 38 -24.18 29.16 -39.27
C GLU B 38 -23.56 28.76 -40.60
N TYR B 39 -22.81 27.65 -40.62
CA TYR B 39 -22.20 27.14 -41.83
C TYR B 39 -22.73 25.77 -42.25
N CYS B 40 -23.08 24.91 -41.29
CA CYS B 40 -23.50 23.55 -41.62
C CYS B 40 -25.00 23.38 -41.41
N PRO B 41 -25.71 22.74 -42.35
CA PRO B 41 -27.13 22.48 -42.13
C PRO B 41 -27.40 21.44 -41.06
N GLY B 42 -26.53 20.44 -40.92
CA GLY B 42 -26.76 19.39 -39.95
C GLY B 42 -27.85 18.43 -40.33
N ASP B 43 -28.08 18.24 -41.63
CA ASP B 43 -29.21 17.46 -42.14
C ASP B 43 -28.79 16.06 -42.61
N GLY B 44 -27.62 15.59 -42.21
CA GLY B 44 -27.15 14.28 -42.64
C GLY B 44 -26.45 14.24 -43.98
N THR B 45 -26.34 15.38 -44.66
CA THR B 45 -25.62 15.43 -45.92
C THR B 45 -24.12 15.57 -45.66
N ASN B 46 -23.35 15.42 -46.74
CA ASN B 46 -21.90 15.64 -46.67
C ASN B 46 -21.63 17.12 -46.47
N GLN B 47 -20.98 17.47 -45.36
CA GLN B 47 -20.82 18.87 -44.97
C GLN B 47 -19.37 19.21 -44.64
N THR B 48 -18.41 18.52 -45.26
CA THR B 48 -17.00 18.79 -44.94
C THR B 48 -16.60 20.20 -45.33
N THR B 49 -17.04 20.66 -46.51
CA THR B 49 -16.64 21.98 -46.98
C THR B 49 -17.18 23.07 -46.06
N ALA B 50 -18.43 22.92 -45.59
CA ALA B 50 -19.00 23.89 -44.67
C ALA B 50 -18.30 23.84 -43.32
N PHE B 51 -18.05 22.63 -42.81
CA PHE B 51 -17.35 22.47 -41.54
C PHE B 51 -15.95 23.08 -41.60
N ASN B 52 -15.24 22.84 -42.70
CA ASN B 52 -13.89 23.41 -42.86
C ASN B 52 -13.94 24.93 -42.86
N ALA B 53 -15.00 25.51 -43.43
CA ALA B 53 -15.11 26.97 -43.46
C ALA B 53 -15.37 27.53 -42.07
N ALA B 54 -16.16 26.82 -41.26
CA ALA B 54 -16.44 27.29 -39.90
C ALA B 54 -15.20 27.24 -39.03
N ILE B 55 -14.40 26.18 -39.18
CA ILE B 55 -13.12 26.11 -38.45
C ILE B 55 -12.23 27.27 -38.85
N ALA B 56 -12.12 27.54 -40.15
CA ALA B 56 -11.28 28.62 -40.62
C ALA B 56 -11.82 29.98 -40.22
N ARG B 57 -13.14 30.12 -40.11
CA ARG B 57 -13.71 31.40 -39.69
C ARG B 57 -13.40 31.69 -38.23
N ALA B 58 -13.46 30.66 -37.38
CA ALA B 58 -13.09 30.84 -35.97
C ALA B 58 -11.64 31.26 -35.85
N VAL B 59 -10.75 30.62 -36.63
CA VAL B 59 -9.34 31.00 -36.60
C VAL B 59 -9.16 32.43 -37.07
N SER B 60 -9.91 32.85 -38.10
CA SER B 60 -9.76 34.19 -38.64
C SER B 60 -10.29 35.24 -37.68
N GLU B 61 -11.42 34.96 -37.02
CA GLU B 61 -12.00 35.91 -36.08
C GLU B 61 -11.34 35.85 -34.70
N GLY B 62 -10.43 34.92 -34.47
CA GLY B 62 -9.82 34.77 -33.17
C GLY B 62 -10.73 34.19 -32.11
N ILE B 63 -11.60 33.27 -32.50
CA ILE B 63 -12.59 32.66 -31.61
C ILE B 63 -12.17 31.23 -31.33
N SER B 64 -12.29 30.81 -30.06
CA SER B 64 -11.92 29.45 -29.67
C SER B 64 -13.08 28.48 -29.83
N ARG B 65 -14.18 28.71 -29.12
CA ARG B 65 -15.25 27.73 -29.04
C ARG B 65 -16.08 27.71 -30.31
N ILE B 66 -16.34 26.51 -30.83
CA ILE B 66 -17.27 26.29 -31.92
C ILE B 66 -18.42 25.46 -31.37
N ILE B 67 -19.60 26.06 -31.24
CA ILE B 67 -20.75 25.35 -30.71
C ILE B 67 -21.27 24.38 -31.77
N VAL B 68 -21.41 23.12 -31.38
CA VAL B 68 -21.97 22.10 -32.26
C VAL B 68 -23.35 21.72 -31.73
N PRO B 69 -24.43 22.33 -32.24
CA PRO B 69 -25.76 22.02 -31.71
C PRO B 69 -26.26 20.66 -32.16
N ALA B 70 -27.45 20.29 -31.71
CA ALA B 70 -28.07 19.06 -32.17
C ALA B 70 -28.15 19.02 -33.69
N GLY B 71 -27.58 17.97 -34.28
CA GLY B 71 -27.55 17.86 -35.73
C GLY B 71 -26.81 16.63 -36.15
N HIS B 72 -26.77 16.43 -37.46
CA HIS B 72 -26.09 15.28 -38.08
C HIS B 72 -25.12 15.82 -39.11
N TYR B 73 -23.83 15.72 -38.83
CA TYR B 73 -22.79 16.33 -39.66
C TYR B 73 -21.92 15.21 -40.25
N LEU B 74 -22.20 14.86 -41.51
CA LEU B 74 -21.41 13.88 -42.24
C LEU B 74 -20.21 14.58 -42.86
N VAL B 75 -19.02 14.05 -42.62
CA VAL B 75 -17.81 14.86 -42.67
C VAL B 75 -16.60 13.94 -42.80
N THR B 76 -15.60 14.38 -43.59
CA THR B 76 -14.45 13.56 -43.94
C THR B 76 -13.14 14.29 -43.65
N ASP B 77 -12.31 13.69 -42.79
CA ASP B 77 -10.89 14.03 -42.62
C ASP B 77 -10.67 15.55 -42.46
N LEU B 78 -11.26 16.11 -41.40
CA LEU B 78 -11.12 17.53 -41.13
C LEU B 78 -9.76 17.84 -40.52
N SER B 79 -9.08 18.82 -41.10
CA SER B 79 -7.78 19.24 -40.61
C SER B 79 -7.93 20.54 -39.83
N VAL B 80 -7.42 20.55 -38.60
CA VAL B 80 -7.35 21.77 -37.80
C VAL B 80 -5.92 21.90 -37.28
N THR B 81 -5.23 22.96 -37.70
CA THR B 81 -3.86 23.21 -37.29
C THR B 81 -3.73 24.35 -36.30
N ALA B 82 -4.81 25.11 -36.05
CA ALA B 82 -4.78 26.16 -35.06
C ALA B 82 -4.80 25.55 -33.66
N ASN B 83 -4.68 26.42 -32.64
CA ASN B 83 -4.41 25.95 -31.29
C ASN B 83 -5.64 25.97 -30.38
N GLY B 84 -6.19 27.14 -30.10
CA GLY B 84 -7.12 27.22 -28.98
C GLY B 84 -8.51 26.68 -29.17
N LEU B 85 -8.79 25.96 -30.26
CA LEU B 85 -10.17 25.70 -30.64
C LEU B 85 -10.85 24.70 -29.71
N VAL B 86 -12.10 25.00 -29.37
CA VAL B 86 -12.93 24.17 -28.50
C VAL B 86 -14.14 23.72 -29.31
N PHE B 87 -14.25 22.41 -29.52
CA PHE B 87 -15.39 21.84 -30.24
C PHE B 87 -16.40 21.37 -29.21
N GLU B 88 -17.36 22.24 -28.90
CA GLU B 88 -18.27 22.06 -27.77
C GLU B 88 -19.63 21.60 -28.28
N GLY B 89 -19.85 20.29 -28.23
CA GLY B 89 -21.17 19.76 -28.53
C GLY B 89 -22.13 19.92 -27.35
N GLN B 90 -23.41 19.83 -27.66
CA GLN B 90 -24.45 20.01 -26.66
C GLN B 90 -24.98 18.70 -26.11
N GLY B 91 -24.56 17.56 -26.66
CA GLY B 91 -25.02 16.27 -26.21
C GLY B 91 -24.79 15.22 -27.27
N GLU B 92 -25.41 14.06 -27.04
CA GLU B 92 -25.29 12.95 -27.99
C GLU B 92 -26.09 13.18 -29.27
N SER B 93 -26.93 14.20 -29.32
CA SER B 93 -27.59 14.59 -30.57
C SER B 93 -26.71 15.50 -31.43
N SER B 94 -25.53 15.88 -30.94
CA SER B 94 -24.52 16.56 -31.75
C SER B 94 -23.67 15.47 -32.41
N ARG B 95 -24.21 14.92 -33.49
CA ARG B 95 -23.65 13.74 -34.13
C ARG B 95 -22.69 14.15 -35.23
N ILE B 96 -21.45 13.67 -35.15
CA ILE B 96 -20.43 13.87 -36.18
C ILE B 96 -20.09 12.51 -36.74
N GLN B 97 -20.45 12.27 -37.99
CA GLN B 97 -20.27 10.98 -38.64
C GLN B 97 -19.16 11.07 -39.68
N VAL B 98 -18.45 9.95 -39.86
CA VAL B 98 -17.57 9.81 -41.01
C VAL B 98 -18.43 9.72 -42.27
N ALA B 99 -17.94 10.28 -43.36
CA ALA B 99 -18.68 10.31 -44.60
C ALA B 99 -18.19 9.31 -45.64
N SER B 100 -17.06 8.65 -45.39
CA SER B 100 -16.48 7.76 -46.38
C SER B 100 -15.94 6.50 -45.69
N ASN B 101 -15.79 5.45 -46.48
CA ASN B 101 -15.09 4.26 -46.01
C ASN B 101 -13.63 4.56 -45.76
N ASN B 102 -13.04 3.84 -44.79
CA ASN B 102 -11.61 3.88 -44.52
C ASN B 102 -11.10 5.32 -44.36
N SER B 103 -11.79 6.09 -43.53
CA SER B 103 -11.32 7.45 -43.29
C SER B 103 -11.66 7.82 -41.85
N ARG B 104 -11.64 9.12 -41.55
CA ARG B 104 -11.77 9.62 -40.20
C ARG B 104 -12.48 10.96 -40.25
N CYS B 105 -12.86 11.46 -39.07
CA CYS B 105 -13.56 12.74 -39.00
C CYS B 105 -12.61 13.93 -38.86
N PHE B 106 -11.53 13.77 -38.10
CA PHE B 106 -10.62 14.87 -37.82
C PHE B 106 -9.17 14.41 -37.98
N SER B 107 -8.33 15.32 -38.44
CA SER B 107 -6.87 15.17 -38.41
C SER B 107 -6.32 16.34 -37.62
N LEU B 108 -5.69 16.04 -36.48
CA LEU B 108 -5.28 17.07 -35.54
C LEU B 108 -3.77 17.25 -35.56
N SER B 109 -3.33 18.51 -35.68
CA SER B 109 -1.96 18.88 -35.41
C SER B 109 -1.84 20.08 -34.47
N GLY B 110 -2.94 20.79 -34.22
CA GLY B 110 -2.89 21.94 -33.35
C GLY B 110 -2.83 21.56 -31.88
N ASP B 111 -2.18 22.41 -31.10
CA ASP B 111 -1.99 22.20 -29.68
C ASP B 111 -3.15 22.77 -28.88
N ARG B 112 -3.37 22.22 -27.69
CA ARG B 112 -4.38 22.71 -26.75
C ARG B 112 -5.80 22.64 -27.34
N LEU B 113 -6.06 21.64 -28.18
CA LEU B 113 -7.40 21.40 -28.69
C LEU B 113 -8.22 20.61 -27.66
N THR B 114 -9.53 20.87 -27.66
CA THR B 114 -10.42 20.18 -26.73
C THR B 114 -11.75 19.86 -27.40
N PHE B 115 -12.18 18.61 -27.26
CA PHE B 115 -13.45 18.13 -27.78
C PHE B 115 -14.35 17.72 -26.62
N ARG B 116 -15.63 18.08 -26.70
CA ARG B 116 -16.51 17.96 -25.55
C ARG B 116 -17.96 17.80 -26.00
N GLY B 117 -18.68 16.93 -25.30
CA GLY B 117 -20.12 16.80 -25.50
C GLY B 117 -20.55 16.37 -26.88
N LEU B 118 -19.75 15.54 -27.55
CA LEU B 118 -20.06 15.12 -28.91
C LEU B 118 -20.26 13.61 -28.96
N LYS B 119 -20.91 13.17 -30.05
CA LYS B 119 -21.01 11.75 -30.39
C LYS B 119 -20.38 11.56 -31.76
N PHE B 120 -19.26 10.83 -31.80
CA PHE B 120 -18.61 10.49 -33.06
C PHE B 120 -19.12 9.13 -33.51
N ILE B 121 -19.39 9.00 -34.81
CA ILE B 121 -19.92 7.77 -35.39
C ILE B 121 -19.10 7.42 -36.62
N GLY B 122 -18.69 6.16 -36.72
CA GLY B 122 -18.03 5.64 -37.90
C GLY B 122 -18.95 4.84 -38.79
N ASP B 123 -18.34 4.06 -39.68
CA ASP B 123 -19.09 3.23 -40.61
C ASP B 123 -18.71 1.76 -40.49
N GLY B 124 -18.01 1.39 -39.41
CA GLY B 124 -17.57 0.03 -39.21
C GLY B 124 -16.47 -0.44 -40.13
N THR B 125 -15.91 0.44 -40.96
CA THR B 125 -14.86 0.08 -41.89
C THR B 125 -13.54 0.70 -41.47
N ALA B 126 -12.45 0.00 -41.79
CA ALA B 126 -11.10 0.49 -41.51
C ALA B 126 -10.12 -0.25 -42.42
N SER B 127 -9.14 0.49 -42.94
CA SER B 127 -8.09 -0.09 -43.76
C SER B 127 -6.71 0.15 -43.16
N ALA B 128 -6.64 0.70 -41.96
CA ALA B 128 -5.40 1.02 -41.26
C ALA B 128 -5.76 1.51 -39.87
N SER B 129 -4.78 1.45 -38.96
CA SER B 129 -4.96 2.05 -37.65
C SER B 129 -5.08 3.56 -37.71
N ALA B 130 -4.91 4.16 -38.89
CA ALA B 130 -5.12 5.59 -39.10
C ALA B 130 -6.47 5.89 -39.75
N ASN B 131 -7.25 4.86 -40.08
CA ASN B 131 -8.61 5.00 -40.60
C ASN B 131 -9.59 4.31 -39.65
N GLY B 132 -10.87 4.40 -39.99
CA GLY B 132 -11.89 3.84 -39.11
C GLY B 132 -11.81 4.43 -37.72
N ILE B 133 -11.50 5.71 -37.63
CA ILE B 133 -11.13 6.37 -36.39
C ILE B 133 -11.90 7.68 -36.30
N GLY B 134 -12.33 8.05 -35.10
CA GLY B 134 -12.97 9.35 -34.93
C GLY B 134 -12.02 10.49 -35.18
N ILE B 135 -10.86 10.47 -34.53
CA ILE B 135 -9.92 11.59 -34.52
C ILE B 135 -8.51 11.04 -34.65
N LEU B 136 -7.77 11.49 -35.65
CA LEU B 136 -6.34 11.23 -35.76
C LEU B 136 -5.58 12.49 -35.39
N ALA B 137 -4.69 12.38 -34.41
CA ALA B 137 -3.87 13.48 -33.97
C ALA B 137 -2.41 13.20 -34.30
N GLY B 138 -1.70 14.25 -34.75
CA GLY B 138 -0.28 14.16 -35.01
C GLY B 138 0.44 15.34 -34.42
N ASP B 139 1.16 15.11 -33.31
CA ASP B 139 1.83 16.18 -32.57
C ASP B 139 0.85 17.27 -32.18
N ALA B 140 -0.36 16.85 -31.79
CA ALA B 140 -1.38 17.75 -31.23
C ALA B 140 -1.26 17.67 -29.72
N THR B 141 -0.57 18.64 -29.13
CA THR B 141 -0.25 18.60 -27.71
C THR B 141 -1.41 19.11 -26.88
N ASP B 142 -1.46 18.65 -25.63
CA ASP B 142 -2.49 19.08 -24.67
C ASP B 142 -3.90 18.87 -25.20
N LEU B 143 -4.13 17.70 -25.80
CA LEU B 143 -5.45 17.39 -26.36
C LEU B 143 -6.39 16.95 -25.24
N LEU B 144 -7.53 17.63 -25.12
CA LEU B 144 -8.54 17.31 -24.12
C LEU B 144 -9.76 16.72 -24.81
N VAL B 145 -10.16 15.52 -24.39
CA VAL B 145 -11.28 14.80 -24.98
C VAL B 145 -12.16 14.34 -23.83
N GLU B 146 -13.30 15.02 -23.65
CA GLU B 146 -14.11 14.86 -22.44
C GLU B 146 -15.58 14.68 -22.81
N ASP B 147 -16.23 13.70 -22.20
CA ASP B 147 -17.66 13.44 -22.35
C ASP B 147 -18.04 13.35 -23.83
N VAL B 148 -17.44 12.38 -24.51
CA VAL B 148 -17.66 12.17 -25.94
C VAL B 148 -17.84 10.67 -26.18
N TRP B 149 -18.78 10.35 -27.06
CA TRP B 149 -19.17 8.97 -27.34
C TRP B 149 -18.66 8.59 -28.74
N PHE B 150 -17.88 7.51 -28.80
CA PHE B 150 -17.38 6.97 -30.06
C PHE B 150 -18.10 5.65 -30.33
N ASP B 151 -18.85 5.60 -31.42
CA ASP B 151 -19.71 4.46 -31.71
C ASP B 151 -19.52 3.99 -33.15
N SER B 152 -19.33 2.68 -33.32
CA SER B 152 -19.32 2.02 -34.62
C SER B 152 -18.13 2.42 -35.49
N PHE B 153 -16.97 2.67 -34.89
CA PHE B 153 -15.76 2.97 -35.65
C PHE B 153 -15.01 1.68 -35.93
N GLY B 154 -14.53 1.54 -37.17
CA GLY B 154 -13.90 0.29 -37.57
C GLY B 154 -12.65 -0.06 -36.79
N PHE B 155 -11.94 0.94 -36.27
CA PHE B 155 -10.73 0.67 -35.51
C PHE B 155 -10.74 1.24 -34.10
N GLY B 156 -11.32 2.41 -33.89
CA GLY B 156 -11.33 2.98 -32.56
C GLY B 156 -11.72 4.44 -32.59
N GLY B 157 -11.57 5.08 -31.43
CA GLY B 157 -12.02 6.44 -31.25
C GLY B 157 -11.00 7.51 -31.56
N VAL B 158 -9.86 7.48 -30.88
CA VAL B 158 -8.81 8.49 -31.04
C VAL B 158 -7.48 7.78 -31.25
N ASN B 159 -6.74 8.21 -32.27
CA ASN B 159 -5.37 7.76 -32.52
C ASN B 159 -4.48 8.99 -32.44
N ALA B 160 -3.70 9.09 -31.36
CA ALA B 160 -2.84 10.24 -31.12
C ALA B 160 -1.39 9.80 -31.20
N GLY B 161 -0.61 10.45 -32.07
CA GLY B 161 0.79 10.16 -32.20
C GLY B 161 1.62 11.42 -32.03
N PHE B 162 2.87 11.22 -31.63
CA PHE B 162 3.79 12.32 -31.35
C PHE B 162 5.18 11.95 -31.83
N THR B 163 5.87 12.92 -32.43
CA THR B 163 7.24 12.73 -32.89
C THR B 163 8.24 13.56 -32.09
N THR B 164 7.78 14.37 -31.15
CA THR B 164 8.65 15.12 -30.25
C THR B 164 7.95 15.24 -28.91
N LEU B 165 8.75 15.29 -27.84
CA LEU B 165 8.20 15.25 -26.49
C LEU B 165 7.29 16.44 -26.23
N ALA B 166 6.07 16.15 -25.77
CA ALA B 166 5.09 17.16 -25.44
C ALA B 166 4.02 16.53 -24.55
N ARG B 167 3.06 17.34 -24.14
CA ARG B 167 1.99 16.85 -23.27
C ARG B 167 1.08 15.90 -24.04
N GLY B 168 0.84 14.72 -23.45
CA GLY B 168 -0.05 13.76 -24.04
C GLY B 168 -1.51 14.14 -23.86
N PRO B 169 -2.39 13.34 -24.44
CA PRO B 169 -3.81 13.65 -24.41
C PRO B 169 -4.45 13.31 -23.06
N LYS B 170 -5.61 13.91 -22.83
CA LYS B 170 -6.43 13.66 -21.64
C LYS B 170 -7.79 13.18 -22.10
N PHE B 171 -8.12 11.93 -21.79
CA PHE B 171 -9.41 11.34 -22.14
C PHE B 171 -10.21 11.17 -20.85
N ILE B 172 -11.22 12.01 -20.66
CA ILE B 172 -12.03 12.02 -19.45
C ILE B 172 -13.45 11.60 -19.81
N ARG B 173 -13.88 10.46 -19.27
CA ARG B 173 -15.25 9.96 -19.44
C ARG B 173 -15.62 9.85 -20.92
N THR B 174 -14.80 9.11 -21.65
CA THR B 174 -15.09 8.80 -23.04
C THR B 174 -15.84 7.48 -23.11
N ARG B 175 -16.80 7.42 -24.05
CA ARG B 175 -17.64 6.24 -24.23
C ARG B 175 -17.29 5.59 -25.56
N HIS B 176 -17.07 4.28 -25.54
CA HIS B 176 -16.63 3.55 -26.72
C HIS B 176 -17.49 2.29 -26.89
N ARG B 177 -18.07 2.13 -28.08
CA ARG B 177 -18.97 1.02 -28.36
C ARG B 177 -18.86 0.61 -29.82
N ASN B 178 -19.03 -0.69 -30.07
CA ASN B 178 -19.16 -1.25 -31.43
C ASN B 178 -17.92 -0.99 -32.28
N THR B 179 -16.75 -1.36 -31.76
CA THR B 179 -15.52 -1.00 -32.46
C THR B 179 -15.12 -2.02 -33.53
N GLY B 180 -15.22 -3.31 -33.27
CA GLY B 180 -14.96 -4.27 -34.32
C GLY B 180 -13.53 -4.79 -34.29
N THR B 181 -13.29 -5.74 -35.21
CA THR B 181 -12.16 -6.65 -35.12
C THR B 181 -10.83 -5.91 -35.18
N GLY B 182 -9.93 -6.25 -34.24
CA GLY B 182 -8.56 -5.79 -34.26
C GLY B 182 -8.36 -4.33 -33.88
N GLY B 183 -9.31 -3.73 -33.20
CA GLY B 183 -9.28 -2.31 -32.92
C GLY B 183 -8.80 -1.95 -31.53
N ALA B 184 -8.40 -0.69 -31.39
CA ALA B 184 -8.03 -0.10 -30.11
C ALA B 184 -8.79 1.21 -29.95
N GLU B 185 -9.56 1.31 -28.87
CA GLU B 185 -10.40 2.49 -28.66
C GLU B 185 -9.57 3.75 -28.53
N ILE B 186 -8.44 3.66 -27.86
CA ILE B 186 -7.51 4.77 -27.69
C ILE B 186 -6.12 4.29 -28.06
N TYR B 187 -5.51 4.93 -29.05
CA TYR B 187 -4.25 4.51 -29.63
C TYR B 187 -3.24 5.64 -29.46
N LEU B 188 -2.23 5.41 -28.62
CA LEU B 188 -1.17 6.39 -28.36
C LEU B 188 0.12 5.92 -29.01
N ARG B 189 0.80 6.84 -29.70
CA ARG B 189 2.02 6.53 -30.41
C ARG B 189 3.10 7.54 -30.09
N GLY B 190 4.35 7.07 -30.02
CA GLY B 190 5.49 7.95 -29.89
C GLY B 190 5.93 8.24 -28.48
N LEU B 191 6.30 9.49 -28.22
CA LEU B 191 6.77 9.93 -26.91
C LEU B 191 5.92 11.11 -26.45
N TYR B 192 5.59 11.12 -25.16
CA TYR B 192 4.67 12.09 -24.61
C TYR B 192 4.84 12.12 -23.10
N GLU B 193 4.33 13.19 -22.49
CA GLU B 193 4.32 13.32 -21.03
C GLU B 193 2.91 13.70 -20.57
N GLY B 194 2.57 13.27 -19.36
CA GLY B 194 1.33 13.70 -18.74
C GLY B 194 0.05 13.22 -19.41
N ALA B 195 0.08 12.07 -20.08
CA ALA B 195 -1.12 11.51 -20.66
C ALA B 195 -1.99 10.85 -19.59
N ASP B 196 -3.31 10.95 -19.75
CA ASP B 196 -4.24 10.50 -18.73
C ASP B 196 -5.50 9.92 -19.37
N VAL B 197 -5.95 8.79 -18.83
CA VAL B 197 -7.22 8.17 -19.22
C VAL B 197 -8.05 8.01 -17.96
N ILE B 198 -9.08 8.84 -17.82
CA ILE B 198 -9.84 8.96 -16.58
C ILE B 198 -11.28 8.54 -16.85
N ASP B 199 -11.75 7.52 -16.11
CA ASP B 199 -13.15 7.11 -16.10
C ASP B 199 -13.64 6.72 -17.49
N ILE B 200 -12.85 5.89 -18.18
CA ILE B 200 -13.24 5.45 -19.52
C ILE B 200 -14.40 4.46 -19.40
N ASP B 201 -15.26 4.46 -20.41
CA ASP B 201 -16.37 3.52 -20.52
C ASP B 201 -16.13 2.72 -21.79
N ALA B 202 -15.38 1.63 -21.67
CA ALA B 202 -14.97 0.81 -22.80
C ALA B 202 -15.68 -0.53 -22.74
N ALA B 203 -16.33 -0.91 -23.84
CA ALA B 203 -17.02 -2.19 -23.95
C ALA B 203 -17.20 -2.53 -25.42
N THR B 204 -16.79 -3.73 -25.80
CA THR B 204 -16.89 -4.18 -27.20
C THR B 204 -17.24 -5.65 -27.25
N SER B 205 -17.42 -6.13 -28.48
CA SER B 205 -17.50 -7.55 -28.77
C SER B 205 -16.38 -8.05 -29.68
N ASN B 206 -15.70 -7.16 -30.41
CA ASN B 206 -14.69 -7.56 -31.37
C ASN B 206 -13.36 -6.82 -31.25
N ALA B 207 -13.29 -5.72 -30.51
CA ALA B 207 -12.06 -4.94 -30.48
C ALA B 207 -11.02 -5.59 -29.58
N ASP B 208 -9.74 -5.33 -29.88
CA ASP B 208 -8.64 -5.96 -29.16
C ASP B 208 -8.26 -5.23 -27.88
N TRP B 209 -8.16 -3.90 -27.91
CA TRP B 209 -7.69 -3.12 -26.77
C TRP B 209 -8.61 -1.95 -26.51
N ALA B 210 -8.69 -1.55 -25.24
CA ALA B 210 -9.31 -0.28 -24.88
C ALA B 210 -8.29 0.85 -24.92
N VAL B 211 -7.15 0.66 -24.26
CA VAL B 211 -6.05 1.62 -24.28
C VAL B 211 -4.80 0.90 -24.78
N PHE B 212 -4.26 1.37 -25.91
CA PHE B 212 -3.05 0.80 -26.48
C PHE B 212 -2.02 1.89 -26.69
N ALA B 213 -0.77 1.60 -26.34
CA ALA B 213 0.34 2.53 -26.49
C ALA B 213 1.52 1.81 -27.12
N PHE B 214 2.12 2.43 -28.13
CA PHE B 214 3.29 1.87 -28.80
C PHE B 214 4.26 3.00 -29.13
N ASP B 215 5.56 2.70 -29.03
CA ASP B 215 6.57 3.73 -29.27
C ASP B 215 6.64 4.13 -30.73
N GLU B 216 6.33 3.20 -31.64
CA GLU B 216 6.44 3.42 -33.09
C GLU B 216 7.85 3.87 -33.47
N GLY B 217 8.85 3.28 -32.82
CA GLY B 217 10.24 3.58 -33.06
C GLY B 217 10.78 4.73 -32.24
N TYR B 218 9.95 5.72 -31.94
CA TYR B 218 10.42 6.90 -31.21
C TYR B 218 10.71 6.53 -29.76
N ALA B 219 11.87 6.96 -29.27
CA ALA B 219 12.31 6.69 -27.92
C ALA B 219 12.17 7.93 -27.04
N GLY B 220 12.09 7.69 -25.73
CA GLY B 220 12.02 8.76 -24.77
C GLY B 220 10.87 8.58 -23.81
N GLN B 221 10.44 9.70 -23.22
CA GLN B 221 9.46 9.67 -22.15
C GLN B 221 8.07 9.31 -22.68
N ARG B 222 7.39 8.41 -21.97
CA ARG B 222 6.02 8.00 -22.31
C ARG B 222 5.27 7.81 -21.00
N ASP B 223 4.68 8.88 -20.48
CA ASP B 223 4.00 8.86 -19.19
C ASP B 223 2.50 8.75 -19.42
N LEU B 224 1.93 7.60 -19.04
CA LEU B 224 0.51 7.34 -19.14
C LEU B 224 -0.02 6.95 -17.78
N GLU B 225 -1.19 7.49 -17.41
CA GLU B 225 -1.80 7.18 -16.12
C GLU B 225 -3.29 6.94 -16.34
N VAL B 226 -3.69 5.67 -16.20
CA VAL B 226 -5.10 5.26 -16.34
C VAL B 226 -5.68 5.12 -14.94
N THR B 227 -6.79 5.80 -14.69
CA THR B 227 -7.46 5.74 -13.39
C THR B 227 -8.94 5.49 -13.60
N ARG B 228 -9.45 4.39 -13.01
CA ARG B 228 -10.86 4.23 -12.70
C ARG B 228 -11.74 4.03 -13.93
N GLY B 229 -11.35 3.11 -14.80
CA GLY B 229 -12.13 2.83 -15.99
C GLY B 229 -13.12 1.68 -15.81
N ASP B 230 -13.86 1.41 -16.87
CA ASP B 230 -14.69 0.22 -16.98
C ASP B 230 -14.39 -0.44 -18.31
N PHE B 231 -13.87 -1.66 -18.27
CA PHE B 231 -13.38 -2.36 -19.45
C PHE B 231 -14.09 -3.71 -19.56
N SER B 232 -14.65 -3.99 -20.72
CA SER B 232 -15.49 -5.18 -20.90
C SER B 232 -15.24 -5.82 -22.25
N GLY B 233 -14.79 -7.08 -22.23
CA GLY B 233 -14.87 -7.94 -23.39
C GLY B 233 -13.82 -7.75 -24.46
N TYR B 234 -12.67 -7.18 -24.12
CA TYR B 234 -11.65 -6.92 -25.13
C TYR B 234 -10.83 -8.18 -25.40
N LYS B 235 -10.63 -8.49 -26.69
CA LYS B 235 -10.10 -9.80 -27.07
C LYS B 235 -8.63 -9.94 -26.66
N ARG B 236 -7.85 -8.89 -26.83
CA ARG B 236 -6.54 -8.82 -26.19
C ARG B 236 -6.73 -8.11 -24.84
N TYR B 237 -5.65 -7.56 -24.29
CA TYR B 237 -5.76 -6.94 -22.97
C TYR B 237 -6.54 -5.62 -23.03
N SER B 238 -7.19 -5.28 -21.92
CA SER B 238 -7.90 -4.00 -21.84
C SER B 238 -6.93 -2.84 -22.02
N ILE B 239 -5.77 -2.91 -21.38
CA ILE B 239 -4.73 -1.89 -21.49
C ILE B 239 -3.48 -2.57 -22.02
N GLY B 240 -3.06 -2.18 -23.22
CA GLY B 240 -1.84 -2.67 -23.84
C GLY B 240 -0.83 -1.55 -23.95
N VAL B 241 0.39 -1.83 -23.51
CA VAL B 241 1.42 -0.81 -23.36
C VAL B 241 2.76 -1.43 -23.75
N SER B 242 3.38 -0.88 -24.80
CA SER B 242 4.52 -1.53 -25.44
C SER B 242 5.63 -0.53 -25.73
N ASP B 243 6.86 -0.97 -25.46
CA ASP B 243 8.07 -0.23 -25.83
C ASP B 243 9.06 -1.24 -26.38
N GLU B 244 9.27 -1.24 -27.70
CA GLU B 244 10.16 -2.22 -28.29
C GLU B 244 11.63 -1.82 -28.17
N ASN B 245 11.92 -0.53 -28.04
CA ASN B 245 13.28 -0.03 -27.87
C ASN B 245 13.36 0.72 -26.55
N PRO B 246 13.56 -0.01 -25.43
CA PRO B 246 13.74 0.67 -24.14
C PRO B 246 15.00 1.52 -24.18
N SER B 247 16.16 0.86 -24.23
CA SER B 247 17.44 1.47 -24.53
C SER B 247 17.71 2.75 -23.73
N ARG B 251 14.41 10.55 -19.13
CA ARG B 251 13.42 11.13 -18.22
C ARG B 251 12.16 10.27 -18.17
N GLY B 252 11.24 10.62 -17.27
CA GLY B 252 9.96 9.95 -17.19
C GLY B 252 9.95 8.78 -16.21
N PHE B 253 8.79 8.12 -16.14
CA PHE B 253 8.64 6.95 -15.31
C PHE B 253 8.06 5.78 -16.09
N GLY B 254 6.83 5.93 -16.59
CA GLY B 254 6.20 4.86 -17.33
C GLY B 254 4.68 4.89 -17.26
N VAL B 255 4.08 3.79 -16.81
CA VAL B 255 2.63 3.65 -16.80
C VAL B 255 2.16 3.49 -15.36
N LYS B 256 1.08 4.19 -15.02
CA LYS B 256 0.41 4.06 -13.74
C LYS B 256 -1.05 3.68 -13.98
N ILE B 257 -1.50 2.63 -13.30
CA ILE B 257 -2.88 2.16 -13.41
C ILE B 257 -3.45 2.12 -12.00
N ASN B 258 -4.40 3.01 -11.72
CA ASN B 258 -4.81 3.31 -10.35
C ASN B 258 -6.13 2.67 -9.95
N GLY B 259 -6.76 1.89 -10.81
CA GLY B 259 -7.96 1.20 -10.41
C GLY B 259 -8.74 0.62 -11.57
N GLY B 260 -10.05 0.91 -11.61
CA GLY B 260 -10.90 0.43 -12.67
C GLY B 260 -11.27 -1.04 -12.49
N HIS B 261 -12.34 -1.44 -13.18
CA HIS B 261 -12.81 -2.82 -13.17
C HIS B 261 -12.78 -3.37 -14.59
N HIS B 262 -12.27 -4.59 -14.72
CA HIS B 262 -12.16 -5.27 -15.99
C HIS B 262 -12.97 -6.57 -15.94
N LYS B 263 -13.59 -6.92 -17.06
CA LYS B 263 -14.32 -8.18 -17.12
C LYS B 263 -14.36 -8.70 -18.55
N ASN B 264 -14.39 -10.03 -18.68
CA ASN B 264 -14.61 -10.74 -19.94
C ASN B 264 -13.50 -10.51 -20.95
N ALA B 265 -12.31 -10.13 -20.49
CA ALA B 265 -11.21 -9.90 -21.41
C ALA B 265 -10.65 -11.23 -21.93
N GLY B 266 -10.21 -11.22 -23.18
CA GLY B 266 -9.81 -12.47 -23.83
C GLY B 266 -8.48 -12.98 -23.33
N LEU B 267 -7.48 -12.10 -23.24
CA LEU B 267 -6.17 -12.48 -22.73
C LEU B 267 -5.92 -11.97 -21.31
N GLY B 268 -6.35 -10.76 -21.00
CA GLY B 268 -6.18 -10.24 -19.66
C GLY B 268 -6.57 -8.78 -19.59
N ALA B 269 -6.21 -8.16 -18.48
CA ALA B 269 -6.52 -6.76 -18.24
C ALA B 269 -5.39 -5.81 -18.59
N VAL B 270 -4.15 -6.16 -18.26
CA VAL B 270 -3.00 -5.28 -18.42
C VAL B 270 -1.84 -6.06 -18.99
N LYS B 271 -1.26 -5.57 -20.08
CA LYS B 271 0.00 -6.07 -20.62
C LYS B 271 0.99 -4.92 -20.74
N VAL B 272 2.23 -5.17 -20.31
CA VAL B 272 3.29 -4.18 -20.38
C VAL B 272 4.54 -4.83 -20.95
N LYS B 273 5.21 -4.13 -21.87
CA LYS B 273 6.42 -4.64 -22.52
C LYS B 273 7.52 -3.59 -22.40
N ASN B 274 8.55 -3.90 -21.63
CA ASN B 274 9.82 -3.17 -21.58
C ASN B 274 9.67 -1.74 -21.05
N TYR B 275 8.61 -1.44 -20.31
CA TYR B 275 8.48 -0.10 -19.74
C TYR B 275 9.40 0.06 -18.54
N ARG B 276 9.92 1.28 -18.36
CA ARG B 276 10.89 1.52 -17.29
C ARG B 276 10.27 1.34 -15.92
N GLY B 277 9.09 1.92 -15.70
CA GLY B 277 8.42 1.80 -14.43
C GLY B 277 6.96 1.41 -14.61
N VAL B 278 6.50 0.53 -13.71
CA VAL B 278 5.13 0.00 -13.75
C VAL B 278 4.52 0.15 -12.37
N LEU B 279 3.39 0.85 -12.30
CA LEU B 279 2.65 1.06 -11.05
C LEU B 279 1.20 0.66 -11.28
N ILE B 280 0.80 -0.49 -10.75
CA ILE B 280 -0.56 -0.99 -10.86
C ILE B 280 -1.13 -1.09 -9.44
N GLN B 281 -2.13 -0.26 -9.13
CA GLN B 281 -2.64 -0.16 -7.77
C GLN B 281 -4.16 -0.27 -7.76
N GLY B 282 -4.67 -1.21 -6.97
CA GLY B 282 -6.10 -1.29 -6.71
C GLY B 282 -6.97 -1.69 -7.88
N VAL B 283 -6.44 -2.48 -8.80
CA VAL B 283 -7.18 -2.91 -9.99
C VAL B 283 -7.91 -4.20 -9.67
N THR B 284 -9.17 -4.30 -10.12
CA THR B 284 -9.97 -5.50 -9.90
C THR B 284 -10.48 -6.02 -11.24
N THR B 285 -10.34 -7.33 -11.45
CA THR B 285 -10.80 -7.98 -12.67
C THR B 285 -11.68 -9.17 -12.30
N ASP B 286 -12.47 -9.62 -13.28
CA ASP B 286 -13.29 -10.81 -13.12
C ASP B 286 -13.48 -11.45 -14.49
N ASN B 287 -13.22 -12.74 -14.58
CA ASN B 287 -13.44 -13.52 -15.80
C ASN B 287 -12.62 -12.96 -16.96
N CYS B 288 -11.34 -12.70 -16.70
CA CYS B 288 -10.43 -12.18 -17.71
C CYS B 288 -9.45 -13.27 -18.15
N GLY B 289 -8.99 -13.15 -19.38
CA GLY B 289 -8.13 -14.18 -19.93
C GLY B 289 -8.87 -15.47 -20.22
N ILE B 290 -10.13 -15.36 -20.64
CA ILE B 290 -10.99 -16.53 -20.79
C ILE B 290 -10.99 -17.09 -22.21
N VAL B 291 -10.39 -16.40 -23.17
CA VAL B 291 -10.26 -16.92 -24.53
C VAL B 291 -8.79 -16.96 -24.90
N PRO B 292 -8.11 -18.10 -24.67
CA PRO B 292 -6.71 -18.21 -25.11
C PRO B 292 -6.60 -18.14 -26.63
N ILE B 293 -5.42 -17.75 -27.09
CA ILE B 293 -5.14 -17.61 -28.51
C ILE B 293 -3.95 -18.48 -28.85
N ALA B 294 -4.16 -19.49 -29.70
CA ALA B 294 -3.08 -20.35 -30.13
C ALA B 294 -2.03 -19.53 -30.87
N GLY B 295 -0.77 -19.68 -30.47
CA GLY B 295 0.30 -18.83 -30.95
C GLY B 295 0.69 -17.72 -29.99
N ILE B 296 -0.03 -17.56 -28.88
CA ILE B 296 0.28 -16.54 -27.89
C ILE B 296 0.20 -17.16 -26.50
N SER B 297 -0.96 -17.71 -26.16
CA SER B 297 -1.21 -18.17 -24.80
C SER B 297 -0.44 -19.44 -24.44
N ASN B 298 0.06 -20.16 -25.45
CA ASN B 298 0.84 -21.38 -25.20
C ASN B 298 2.34 -21.15 -25.39
N THR B 299 2.77 -19.89 -25.42
CA THR B 299 4.18 -19.55 -25.60
C THR B 299 4.79 -18.96 -24.33
N GLY B 300 4.12 -19.09 -23.20
CA GLY B 300 4.59 -18.50 -21.96
C GLY B 300 3.96 -17.17 -21.63
N GLU B 301 3.31 -16.53 -22.60
CA GLU B 301 2.57 -15.29 -22.32
C GLU B 301 1.18 -15.68 -21.84
N SER B 302 0.95 -15.54 -20.54
CA SER B 302 -0.32 -15.90 -19.95
C SER B 302 -0.49 -15.13 -18.66
N GLY B 303 -1.71 -14.68 -18.38
CA GLY B 303 -1.98 -13.93 -17.18
C GLY B 303 -2.80 -12.69 -17.43
N THR B 304 -3.82 -12.45 -16.60
CA THR B 304 -4.63 -11.24 -16.76
C THR B 304 -3.83 -9.98 -16.46
N PHE B 305 -2.73 -10.09 -15.73
CA PHE B 305 -1.67 -9.10 -15.70
C PHE B 305 -0.43 -9.75 -16.31
N TYR B 306 0.11 -9.16 -17.37
CA TYR B 306 1.31 -9.69 -18.03
C TYR B 306 2.32 -8.56 -18.15
N ILE B 307 3.26 -8.52 -17.23
CA ILE B 307 4.29 -7.47 -17.18
C ILE B 307 5.60 -8.12 -17.62
N ASN B 308 6.11 -7.71 -18.79
CA ASN B 308 7.25 -8.36 -19.42
C ASN B 308 8.43 -7.40 -19.46
N SER B 309 9.52 -7.78 -18.78
CA SER B 309 10.83 -7.12 -18.89
C SER B 309 10.76 -5.64 -18.52
N ALA B 310 10.03 -5.32 -17.46
CA ALA B 310 9.95 -3.95 -16.96
C ALA B 310 11.06 -3.69 -15.97
N GLY B 311 11.61 -2.47 -16.00
CA GLY B 311 12.68 -2.12 -15.09
C GLY B 311 12.21 -2.02 -13.65
N LEU B 312 10.99 -1.57 -13.44
CA LEU B 312 10.44 -1.38 -12.09
C LEU B 312 8.98 -1.82 -12.12
N VAL B 313 8.59 -2.64 -11.14
CA VAL B 313 7.23 -3.17 -11.06
C VAL B 313 6.75 -3.06 -9.63
N ASP B 314 5.58 -2.44 -9.44
CA ASP B 314 4.91 -2.36 -8.14
C ASP B 314 3.42 -2.55 -8.39
N ILE B 315 2.91 -3.72 -8.06
CA ILE B 315 1.49 -4.01 -8.17
C ILE B 315 0.97 -4.35 -6.77
N GLY B 316 -0.07 -3.65 -6.36
CA GLY B 316 -0.57 -3.79 -5.00
C GLY B 316 -2.07 -3.53 -4.93
N GLY B 317 -2.71 -4.20 -3.98
CA GLY B 317 -4.14 -4.01 -3.78
C GLY B 317 -5.00 -4.47 -4.93
N CYS B 318 -4.49 -5.37 -5.77
CA CYS B 318 -5.21 -5.84 -6.94
C CYS B 318 -5.94 -7.13 -6.63
N LYS B 319 -7.23 -7.17 -6.95
CA LYS B 319 -8.09 -8.33 -6.65
C LYS B 319 -8.54 -8.93 -7.98
N LEU B 320 -8.00 -10.08 -8.32
CA LEU B 320 -8.21 -10.73 -9.62
C LEU B 320 -8.99 -12.01 -9.39
N ARG B 321 -10.24 -12.05 -9.82
CA ARG B 321 -11.13 -13.18 -9.60
C ARG B 321 -11.39 -13.93 -10.90
N ASP B 322 -11.46 -15.26 -10.79
CA ASP B 322 -11.90 -16.14 -11.87
C ASP B 322 -11.11 -15.88 -13.16
N ASN B 323 -9.79 -15.98 -13.05
CA ASN B 323 -8.93 -15.83 -14.20
C ASN B 323 -8.95 -17.11 -15.03
N GLY B 324 -9.34 -16.99 -16.30
CA GLY B 324 -9.36 -18.16 -17.16
C GLY B 324 -8.00 -18.76 -17.41
N MET B 325 -6.96 -17.95 -17.33
CA MET B 325 -5.60 -18.46 -17.43
C MET B 325 -4.83 -18.13 -16.15
N ASP B 326 -3.57 -17.69 -16.27
CA ASP B 326 -2.76 -17.39 -15.10
C ASP B 326 -3.20 -16.07 -14.46
N GLY B 327 -2.78 -15.86 -13.22
CA GLY B 327 -3.17 -14.66 -12.49
C GLY B 327 -2.30 -13.45 -12.79
N ILE B 328 -1.20 -13.32 -12.06
CA ILE B 328 -0.25 -12.23 -12.23
C ILE B 328 1.07 -12.80 -12.71
N THR B 329 1.57 -12.26 -13.82
CA THR B 329 2.79 -12.74 -14.45
C THR B 329 3.75 -11.56 -14.63
N VAL B 330 4.91 -11.65 -13.98
CA VAL B 330 5.95 -10.62 -14.07
C VAL B 330 7.23 -11.32 -14.53
N ILE B 331 7.67 -11.00 -15.76
CA ILE B 331 8.74 -11.73 -16.43
C ILE B 331 9.83 -10.74 -16.84
N GLN B 332 11.08 -11.19 -16.77
CA GLN B 332 12.23 -10.42 -17.22
C GLN B 332 12.96 -11.17 -18.34
N GLY B 333 13.49 -10.41 -19.30
CA GLY B 333 14.28 -11.01 -20.36
C GLY B 333 15.76 -10.70 -20.22
N ALA B 334 16.33 -10.01 -21.21
CA ALA B 334 17.73 -9.62 -21.15
C ALA B 334 18.00 -8.45 -22.09
N ALA B 345 16.54 0.38 -15.11
CA ALA B 345 16.84 -0.83 -15.87
C ALA B 345 16.65 -2.03 -14.95
N ARG B 346 17.39 -2.02 -13.84
CA ARG B 346 17.25 -3.02 -12.78
C ARG B 346 16.74 -2.32 -11.53
N ASN B 347 15.51 -2.64 -11.11
CA ASN B 347 14.88 -2.03 -9.95
C ASN B 347 13.96 -3.07 -9.29
N GLN B 348 13.15 -2.61 -8.35
CA GLN B 348 12.36 -3.50 -7.52
C GLN B 348 11.23 -4.16 -8.31
N TYR B 349 10.89 -5.38 -7.89
CA TYR B 349 9.67 -6.07 -8.28
C TYR B 349 8.91 -6.33 -6.99
N ILE B 350 7.91 -5.50 -6.69
CA ILE B 350 7.08 -5.70 -5.50
C ILE B 350 5.72 -6.21 -5.95
N VAL B 351 5.30 -7.35 -5.38
CA VAL B 351 3.96 -7.87 -5.53
C VAL B 351 3.40 -8.02 -4.13
N HIS B 352 2.50 -7.12 -3.74
CA HIS B 352 2.05 -7.06 -2.36
C HIS B 352 0.56 -6.78 -2.28
N ASP B 353 -0.09 -7.38 -1.27
CA ASP B 353 -1.48 -7.09 -0.93
C ASP B 353 -2.45 -7.39 -2.07
N ASN B 354 -2.14 -8.40 -2.88
CA ASN B 354 -3.03 -8.82 -3.96
C ASN B 354 -3.73 -10.12 -3.58
N GLN B 355 -4.86 -10.37 -4.24
CA GLN B 355 -5.64 -11.58 -4.05
C GLN B 355 -5.98 -12.20 -5.40
N ILE B 356 -5.85 -13.52 -5.49
CA ILE B 356 -6.29 -14.28 -6.65
C ILE B 356 -7.37 -15.25 -6.18
N ASP B 357 -8.53 -15.22 -6.83
CA ASP B 357 -9.67 -16.01 -6.40
C ASP B 357 -9.87 -17.27 -7.23
N GLY B 358 -9.73 -17.18 -8.55
CA GLY B 358 -9.83 -18.35 -9.40
C GLY B 358 -8.80 -18.28 -10.51
N CYS B 359 -8.28 -19.44 -10.87
CA CYS B 359 -7.27 -19.51 -11.92
C CYS B 359 -7.52 -20.74 -12.80
N GLY B 360 -7.22 -20.58 -14.09
CA GLY B 360 -7.31 -21.68 -15.02
C GLY B 360 -8.72 -22.14 -15.35
N THR B 361 -9.71 -21.26 -15.24
CA THR B 361 -11.08 -21.65 -15.54
C THR B 361 -11.27 -22.03 -17.00
N ALA B 362 -10.38 -21.58 -17.89
CA ALA B 362 -10.46 -21.93 -19.30
C ALA B 362 -9.92 -23.32 -19.61
N SER B 363 -9.26 -23.97 -18.63
CA SER B 363 -8.70 -25.31 -18.81
C SER B 363 -7.73 -25.36 -19.98
N TYR B 364 -6.88 -24.33 -20.08
CA TYR B 364 -5.79 -24.31 -21.04
C TYR B 364 -4.56 -24.96 -20.43
N ALA B 365 -3.90 -25.83 -21.19
CA ALA B 365 -2.77 -26.57 -20.65
C ALA B 365 -1.59 -25.65 -20.39
N GLY B 366 -0.76 -26.03 -19.42
CA GLY B 366 0.37 -25.21 -19.03
C GLY B 366 -0.04 -23.86 -18.49
N THR B 367 -1.14 -23.82 -17.75
CA THR B 367 -1.80 -22.56 -17.44
C THR B 367 -2.74 -22.78 -16.26
N GLY B 368 -2.79 -21.79 -15.36
CA GLY B 368 -3.60 -21.89 -14.17
C GLY B 368 -2.81 -21.52 -12.93
N THR B 369 -1.80 -20.68 -13.10
CA THR B 369 -0.89 -20.30 -12.03
C THR B 369 -1.28 -18.94 -11.46
N GLY B 370 -1.27 -18.85 -10.12
CA GLY B 370 -1.63 -17.63 -9.44
C GLY B 370 -0.62 -16.51 -9.65
N PHE B 371 0.59 -16.69 -9.15
CA PHE B 371 1.66 -15.71 -9.29
C PHE B 371 2.81 -16.31 -10.09
N ARG B 372 3.19 -15.64 -11.16
CA ARG B 372 4.35 -16.01 -11.96
C ARG B 372 5.38 -14.89 -11.82
N ILE B 373 6.34 -15.09 -10.93
CA ILE B 373 7.40 -14.12 -10.68
C ILE B 373 8.71 -14.73 -11.13
N LYS B 374 9.22 -14.26 -12.27
CA LYS B 374 10.54 -14.60 -12.78
C LYS B 374 11.32 -13.30 -12.82
N SER B 375 12.01 -12.98 -11.72
CA SER B 375 12.56 -11.65 -11.51
C SER B 375 13.92 -11.43 -12.16
N GLY B 376 14.77 -12.46 -12.20
CA GLY B 376 16.11 -12.25 -12.71
C GLY B 376 16.89 -11.29 -11.84
N VAL B 377 17.48 -10.27 -12.47
CA VAL B 377 18.32 -9.32 -11.76
C VAL B 377 17.54 -8.51 -10.73
N HIS B 378 16.23 -8.33 -10.92
CA HIS B 378 15.44 -7.60 -9.95
C HIS B 378 15.24 -8.42 -8.69
N GLN B 379 15.38 -7.77 -7.54
CA GLN B 379 15.13 -8.40 -6.24
C GLN B 379 13.64 -8.28 -5.95
N ALA B 380 12.94 -9.41 -5.97
CA ALA B 380 11.48 -9.42 -5.88
C ALA B 380 11.02 -9.47 -4.43
N PHE B 381 9.82 -8.93 -4.20
CA PHE B 381 9.20 -8.86 -2.88
C PHE B 381 7.76 -9.35 -2.99
N LEU B 382 7.50 -10.53 -2.42
CA LEU B 382 6.15 -11.10 -2.34
C LEU B 382 5.67 -10.96 -0.90
N THR B 383 4.76 -10.03 -0.66
CA THR B 383 4.34 -9.68 0.70
C THR B 383 2.83 -9.64 0.81
N ASN B 384 2.29 -10.38 1.78
CA ASN B 384 0.89 -10.28 2.18
C ASN B 384 -0.07 -10.47 1.00
N ASN B 385 0.25 -11.42 0.14
CA ASN B 385 -0.65 -11.84 -0.91
C ASN B 385 -1.39 -13.11 -0.50
N SER B 386 -2.51 -13.38 -1.16
CA SER B 386 -3.25 -14.61 -0.96
C SER B 386 -3.82 -15.06 -2.30
N ALA B 387 -4.01 -16.37 -2.43
CA ALA B 387 -4.51 -16.92 -3.68
C ALA B 387 -5.36 -18.15 -3.40
N ARG B 388 -6.45 -18.29 -4.14
CA ARG B 388 -7.34 -19.44 -4.05
C ARG B 388 -7.67 -19.94 -5.44
N GLY B 389 -7.99 -21.23 -5.54
CA GLY B 389 -8.52 -21.79 -6.78
C GLY B 389 -7.55 -21.81 -7.94
N CYS B 390 -6.30 -22.20 -7.70
CA CYS B 390 -5.30 -22.34 -8.76
C CYS B 390 -5.19 -23.80 -9.18
N THR B 391 -5.01 -24.02 -10.48
CA THR B 391 -4.98 -25.37 -11.02
C THR B 391 -3.59 -25.85 -11.37
N ARG B 392 -2.58 -24.97 -11.39
CA ARG B 392 -1.21 -25.36 -11.70
C ARG B 392 -0.36 -25.09 -10.47
N PHE B 393 0.33 -23.97 -10.42
CA PHE B 393 1.09 -23.55 -9.25
C PHE B 393 0.45 -22.31 -8.64
N VAL B 394 0.36 -22.26 -7.32
CA VAL B 394 -0.14 -21.05 -6.68
C VAL B 394 0.85 -19.91 -6.88
N ALA B 395 2.14 -20.20 -6.80
CA ALA B 395 3.17 -19.22 -7.12
C ALA B 395 4.39 -19.96 -7.63
N GLU B 396 4.80 -19.70 -8.87
CA GLU B 396 6.03 -20.24 -9.41
C GLU B 396 7.05 -19.11 -9.51
N LEU B 397 8.23 -19.36 -8.95
CA LEU B 397 9.26 -18.34 -8.78
C LEU B 397 10.48 -18.71 -9.60
N GLY B 398 10.96 -17.77 -10.41
CA GLY B 398 12.05 -18.05 -11.32
C GLY B 398 11.66 -19.00 -12.43
N ASN B 399 12.17 -20.22 -12.36
CA ASN B 399 11.83 -21.29 -13.32
C ASN B 399 12.26 -20.93 -14.74
N ASP B 400 13.43 -20.33 -14.89
CA ASP B 400 14.04 -20.09 -16.19
C ASP B 400 15.45 -20.66 -16.19
N PRO B 401 15.70 -21.76 -16.89
CA PRO B 401 17.08 -22.29 -16.95
C PRO B 401 18.03 -21.36 -17.66
N SER B 402 17.51 -20.42 -18.46
CA SER B 402 18.37 -19.48 -19.17
C SER B 402 18.76 -18.32 -18.29
N ASN B 403 17.80 -17.72 -17.59
CA ASN B 403 18.00 -16.49 -16.83
C ASN B 403 17.79 -16.76 -15.34
N ILE B 404 18.87 -16.72 -14.57
CA ILE B 404 18.82 -17.02 -13.15
C ILE B 404 18.24 -15.83 -12.40
N SER B 405 17.31 -16.11 -11.48
CA SER B 405 16.76 -15.09 -10.59
C SER B 405 17.63 -15.01 -9.34
N GLU B 406 18.02 -13.80 -8.97
CA GLU B 406 18.96 -13.64 -7.85
C GLU B 406 18.28 -13.79 -6.50
N THR B 407 17.50 -12.78 -6.09
CA THR B 407 16.90 -12.76 -4.77
C THR B 407 15.38 -12.63 -4.86
N ILE B 408 14.70 -13.55 -4.18
CA ILE B 408 13.25 -13.53 -4.03
C ILE B 408 12.95 -13.82 -2.56
N THR B 409 12.37 -12.84 -1.86
CA THR B 409 12.05 -13.00 -0.45
C THR B 409 10.53 -12.98 -0.25
N VAL B 410 10.04 -13.91 0.56
CA VAL B 410 8.61 -14.22 0.65
C VAL B 410 8.17 -14.01 2.09
N ILE B 411 7.35 -13.01 2.33
CA ILE B 411 6.90 -12.67 3.68
C ILE B 411 5.39 -12.72 3.73
N GLY B 412 4.87 -13.46 4.71
CA GLY B 412 3.47 -13.41 5.12
C GLY B 412 2.45 -13.59 4.02
N ASN B 413 2.62 -14.60 3.18
CA ASN B 413 1.65 -14.92 2.14
C ASN B 413 0.81 -16.11 2.57
N ASP B 414 -0.40 -16.19 2.03
CA ASP B 414 -1.33 -17.28 2.32
C ASP B 414 -1.73 -17.93 1.02
N PHE B 415 -1.16 -19.10 0.72
CA PHE B 415 -1.46 -19.84 -0.49
C PHE B 415 -2.26 -21.10 -0.18
N SER B 416 -3.11 -21.05 0.84
CA SER B 416 -3.83 -22.22 1.32
C SER B 416 -5.07 -22.50 0.47
N GLN B 417 -5.62 -23.70 0.66
CA GLN B 417 -6.91 -24.11 0.09
C GLN B 417 -6.91 -23.99 -1.44
N ASN B 418 -5.88 -24.55 -2.06
CA ASN B 418 -5.79 -24.69 -3.52
C ASN B 418 -5.70 -26.20 -3.80
N LEU B 419 -6.83 -26.88 -3.67
CA LEU B 419 -6.84 -28.34 -3.76
C LEU B 419 -6.55 -28.83 -5.18
N SER B 420 -6.76 -28.00 -6.20
CA SER B 420 -6.51 -28.41 -7.58
C SER B 420 -5.09 -28.09 -8.05
N ALA B 421 -4.31 -27.36 -7.26
CA ALA B 421 -2.95 -27.03 -7.66
C ALA B 421 -2.04 -28.24 -7.46
N THR B 422 -1.01 -28.32 -8.31
CA THR B 422 -0.01 -29.37 -8.16
C THR B 422 1.15 -28.95 -7.26
N ASN B 423 1.35 -27.65 -7.07
CA ASN B 423 2.37 -27.13 -6.16
C ASN B 423 1.85 -25.85 -5.55
N GLY B 424 2.08 -25.68 -4.25
CA GLY B 424 1.82 -24.41 -3.62
C GLY B 424 2.84 -23.39 -4.11
N ILE B 425 4.10 -23.64 -3.81
CA ILE B 425 5.22 -22.84 -4.33
C ILE B 425 6.10 -23.75 -5.16
N TYR B 426 6.34 -23.35 -6.40
CA TYR B 426 7.30 -24.01 -7.28
C TYR B 426 8.43 -23.03 -7.54
N ALA B 427 9.64 -23.36 -7.08
CA ALA B 427 10.77 -22.45 -7.15
C ALA B 427 11.94 -23.16 -7.82
N ARG B 428 12.49 -22.55 -8.87
CA ARG B 428 13.62 -23.14 -9.57
C ARG B 428 14.51 -22.04 -10.13
N TYR B 429 15.80 -22.36 -10.27
CA TYR B 429 16.79 -21.48 -10.87
C TYR B 429 16.82 -20.12 -10.14
N ILE B 430 16.99 -20.18 -8.83
CA ILE B 430 17.04 -19.01 -7.97
C ILE B 430 18.34 -19.05 -7.18
N ASN B 431 18.94 -17.88 -6.95
CA ASN B 431 20.15 -17.83 -6.13
C ASN B 431 19.82 -17.90 -4.65
N ARG B 432 19.00 -16.96 -4.16
CA ARG B 432 18.60 -16.90 -2.76
C ARG B 432 17.10 -16.74 -2.65
N LEU B 433 16.46 -17.64 -1.91
CA LEU B 433 15.02 -17.59 -1.66
C LEU B 433 14.80 -17.45 -0.16
N LYS B 434 14.22 -16.33 0.26
CA LYS B 434 13.94 -16.05 1.66
C LYS B 434 12.45 -16.17 1.91
N MET B 435 12.07 -16.90 2.96
CA MET B 435 10.67 -17.14 3.27
C MET B 435 10.46 -17.14 4.78
N ASP B 436 9.36 -16.51 5.20
CA ASP B 436 8.93 -16.54 6.60
C ASP B 436 7.50 -16.03 6.67
N MET B 437 6.80 -16.44 7.73
CA MET B 437 5.43 -16.04 8.03
C MET B 437 4.42 -16.49 6.99
N ASN B 438 4.79 -17.41 6.10
CA ASN B 438 3.89 -17.88 5.06
C ASN B 438 3.03 -19.04 5.58
N GLN B 439 1.82 -19.14 5.02
CA GLN B 439 0.84 -20.14 5.44
C GLN B 439 0.30 -20.82 4.20
N ILE B 440 0.67 -22.09 4.01
CA ILE B 440 0.20 -22.87 2.86
C ILE B 440 -0.26 -24.23 3.40
N GLU B 441 -1.56 -24.43 3.49
CA GLU B 441 -2.15 -25.69 3.93
C GLU B 441 -3.13 -26.19 2.88
N ASN B 442 -3.17 -27.51 2.70
CA ASN B 442 -4.16 -28.17 1.84
C ASN B 442 -4.03 -27.75 0.38
N THR B 443 -2.79 -27.63 -0.10
CA THR B 443 -2.55 -27.33 -1.51
C THR B 443 -1.37 -28.16 -2.03
N GLY B 444 -1.56 -28.72 -3.22
CA GLY B 444 -0.46 -29.33 -3.96
C GLY B 444 -0.11 -30.74 -3.56
N ALA B 445 0.43 -31.51 -4.52
CA ALA B 445 1.06 -32.78 -4.18
C ALA B 445 2.26 -32.53 -3.28
N GLN B 446 3.14 -31.62 -3.68
CA GLN B 446 4.16 -31.04 -2.80
C GLN B 446 3.73 -29.63 -2.45
N VAL B 447 3.70 -29.31 -1.16
CA VAL B 447 3.32 -27.97 -0.74
C VAL B 447 4.32 -26.95 -1.28
N VAL B 448 5.60 -27.17 -1.00
CA VAL B 448 6.68 -26.36 -1.52
C VAL B 448 7.65 -27.26 -2.25
N TYR B 449 7.97 -26.90 -3.50
CA TYR B 449 8.89 -27.67 -4.33
C TYR B 449 9.97 -26.72 -4.84
N GLY B 450 11.19 -26.90 -4.36
CA GLY B 450 12.34 -26.13 -4.81
C GLY B 450 13.29 -27.00 -5.60
N LEU B 451 13.91 -26.41 -6.62
CA LEU B 451 14.87 -27.13 -7.46
C LEU B 451 15.94 -26.15 -7.90
N ASP B 452 17.20 -26.59 -7.87
CA ASP B 452 18.32 -25.81 -8.36
C ASP B 452 18.32 -24.40 -7.76
N ILE B 453 18.27 -24.34 -6.44
CA ILE B 453 18.37 -23.08 -5.70
C ILE B 453 19.60 -23.16 -4.81
N ASP B 454 20.42 -22.11 -4.84
CA ASP B 454 21.66 -22.15 -4.09
C ASP B 454 21.40 -22.03 -2.58
N THR B 455 20.59 -21.06 -2.18
CA THR B 455 20.32 -20.81 -0.77
C THR B 455 18.83 -20.64 -0.57
N VAL B 456 18.24 -21.49 0.26
CA VAL B 456 16.84 -21.40 0.66
C VAL B 456 16.79 -21.16 2.16
N TYR B 457 15.91 -20.26 2.58
CA TYR B 457 15.66 -20.01 4.00
C TYR B 457 14.17 -19.99 4.24
N SER B 458 13.71 -20.83 5.16
CA SER B 458 12.31 -20.88 5.56
C SER B 458 12.26 -20.69 7.07
N GLY B 459 11.79 -19.52 7.51
CA GLY B 459 11.89 -19.14 8.90
C GLY B 459 10.92 -19.89 9.78
N PRO B 460 10.98 -19.60 11.09
CA PRO B 460 10.10 -20.31 12.04
C PRO B 460 8.62 -20.03 11.83
N GLY B 461 8.27 -18.85 11.34
CA GLY B 461 6.89 -18.52 11.09
C GLY B 461 6.27 -19.20 9.89
N ASP B 462 7.08 -19.80 9.02
CA ASP B 462 6.55 -20.50 7.86
C ASP B 462 5.76 -21.73 8.30
N ARG B 463 4.76 -22.08 7.48
CA ARG B 463 3.93 -23.26 7.73
C ARG B 463 3.53 -23.83 6.38
N PHE B 464 4.14 -24.95 6.01
CA PHE B 464 3.84 -25.66 4.77
C PHE B 464 3.48 -27.09 5.13
N GLY B 465 2.25 -27.50 4.85
CA GLY B 465 1.85 -28.85 5.21
C GLY B 465 0.46 -29.18 4.71
N ASN B 466 0.02 -30.38 5.09
CA ASN B 466 -1.28 -30.95 4.74
C ASN B 466 -1.40 -31.14 3.24
N ASN B 467 -0.93 -32.30 2.77
CA ASN B 467 -0.91 -32.63 1.36
C ASN B 467 -2.31 -32.91 0.84
N THR B 468 -2.41 -33.06 -0.49
CA THR B 468 -3.55 -33.65 -1.15
C THR B 468 -3.24 -35.02 -1.71
N VAL B 469 -1.99 -35.46 -1.65
CA VAL B 469 -1.55 -36.73 -2.21
C VAL B 469 -0.45 -37.28 -1.31
N ALA B 470 -0.41 -38.61 -1.17
CA ALA B 470 0.65 -39.25 -0.40
C ALA B 470 2.02 -38.91 -0.96
N ASP B 471 2.50 -37.70 -0.66
CA ASP B 471 3.76 -37.20 -1.21
C ASP B 471 4.42 -36.34 -0.14
N PHE B 472 5.44 -35.59 -0.53
CA PHE B 472 6.25 -34.82 0.40
C PHE B 472 5.68 -33.42 0.59
N HIS B 473 5.59 -32.99 1.86
CA HIS B 473 5.18 -31.62 2.15
C HIS B 473 6.13 -30.63 1.50
N VAL B 474 7.43 -30.86 1.64
CA VAL B 474 8.45 -29.93 1.18
C VAL B 474 9.56 -30.75 0.52
N ARG B 475 9.86 -30.45 -0.74
CA ARG B 475 10.87 -31.18 -1.49
C ARG B 475 11.84 -30.20 -2.14
N PHE B 476 13.13 -30.53 -2.11
CA PHE B 476 14.18 -29.69 -2.68
C PHE B 476 15.11 -30.56 -3.51
N ASP B 477 15.30 -30.19 -4.78
CA ASP B 477 16.12 -30.94 -5.72
C ASP B 477 17.35 -30.13 -6.06
N SER B 478 18.52 -30.70 -5.81
CA SER B 478 19.80 -30.11 -6.19
C SER B 478 19.92 -28.67 -5.67
N CYS B 479 19.60 -28.50 -4.39
CA CYS B 479 19.74 -27.24 -3.70
C CYS B 479 20.89 -27.31 -2.71
N ARG B 480 21.73 -26.28 -2.69
CA ARG B 480 22.98 -26.34 -1.94
C ARG B 480 22.77 -26.07 -0.46
N ASP B 481 22.27 -24.88 -0.12
CA ASP B 481 22.18 -24.41 1.26
C ASP B 481 20.73 -24.28 1.66
N LEU B 482 20.31 -25.07 2.65
CA LEU B 482 18.91 -25.11 3.07
C LEU B 482 18.81 -24.87 4.56
N THR B 483 18.07 -23.84 4.96
CA THR B 483 17.77 -23.55 6.35
C THR B 483 16.26 -23.60 6.52
N LEU B 484 15.77 -24.65 7.18
CA LEU B 484 14.34 -24.93 7.29
C LEU B 484 13.97 -24.92 8.77
N LEU B 485 13.36 -23.83 9.22
CA LEU B 485 12.99 -23.66 10.61
C LEU B 485 11.49 -23.67 10.85
N GLY B 486 10.68 -23.88 9.80
CA GLY B 486 9.25 -23.73 9.90
C GLY B 486 8.52 -24.99 10.34
N ASP B 487 7.19 -24.89 10.35
CA ASP B 487 6.31 -25.99 10.69
C ASP B 487 5.92 -26.70 9.40
N TYR B 488 6.55 -27.85 9.14
CA TYR B 488 6.25 -28.65 7.97
C TYR B 488 5.56 -29.96 8.34
N SER B 489 4.78 -29.94 9.42
CA SER B 489 4.12 -31.13 9.93
C SER B 489 2.78 -31.34 9.23
N SER B 490 2.14 -32.46 9.54
CA SER B 490 0.74 -32.67 9.19
C SER B 490 -0.11 -32.27 10.39
N THR B 491 -1.25 -31.65 10.11
CA THR B 491 -2.18 -31.31 11.18
C THR B 491 -2.72 -32.59 11.82
N ASP B 492 -2.52 -32.72 13.12
CA ASP B 492 -3.06 -33.85 13.88
C ASP B 492 -4.47 -33.51 14.31
N TYR B 493 -5.42 -33.71 13.38
CA TYR B 493 -6.80 -33.32 13.61
C TYR B 493 -7.42 -34.13 14.74
N THR B 494 -8.35 -33.50 15.46
CA THR B 494 -9.21 -34.22 16.39
C THR B 494 -10.29 -34.96 15.59
N GLN B 495 -10.65 -36.14 16.06
CA GLN B 495 -11.51 -37.02 15.30
C GLN B 495 -12.97 -36.61 15.40
N TRP B 496 -13.74 -36.97 14.37
CA TRP B 496 -15.18 -36.71 14.34
C TRP B 496 -15.91 -37.70 15.24
N VAL B 497 -16.76 -37.19 16.12
CA VAL B 497 -17.54 -37.99 17.04
C VAL B 497 -19.00 -37.55 16.96
N THR B 498 -19.91 -38.48 17.26
CA THR B 498 -21.32 -38.19 17.28
C THR B 498 -21.74 -37.66 18.65
N ALA B 499 -22.64 -36.67 18.63
CA ALA B 499 -23.24 -36.11 19.84
C ALA B 499 -22.22 -35.37 20.70
N THR B 500 -21.37 -34.57 20.05
CA THR B 500 -20.40 -33.72 20.73
C THR B 500 -20.55 -32.30 20.23
N ALA B 501 -20.28 -31.33 21.11
CA ALA B 501 -20.49 -29.93 20.79
C ALA B 501 -19.29 -29.37 20.04
N VAL B 502 -19.54 -28.83 18.85
CA VAL B 502 -18.48 -28.26 18.02
C VAL B 502 -18.89 -26.87 17.55
N PRO B 503 -18.00 -25.89 17.57
CA PRO B 503 -18.33 -24.56 17.04
C PRO B 503 -18.04 -24.46 15.54
N VAL B 504 -18.65 -23.46 14.92
CA VAL B 504 -18.43 -23.23 13.49
C VAL B 504 -16.99 -22.75 13.30
N GLY B 505 -16.24 -23.48 12.48
CA GLY B 505 -14.82 -23.28 12.34
C GLY B 505 -13.97 -24.43 12.88
N ALA B 506 -14.56 -25.28 13.70
CA ALA B 506 -13.85 -26.46 14.19
C ALA B 506 -13.57 -27.42 13.03
N LYS B 507 -12.53 -28.22 13.20
CA LYS B 507 -12.05 -29.10 12.13
C LYS B 507 -11.97 -30.53 12.65
N ARG B 508 -12.76 -31.42 12.07
CA ARG B 508 -12.76 -32.83 12.41
C ARG B 508 -12.33 -33.66 11.21
N TRP B 509 -11.85 -34.87 11.48
CA TRP B 509 -11.38 -35.78 10.45
C TRP B 509 -12.13 -37.11 10.54
N ASN B 510 -12.29 -37.76 9.39
CA ASN B 510 -12.95 -39.06 9.30
C ASN B 510 -12.40 -39.79 8.08
N GLY B 511 -11.86 -40.98 8.30
CA GLY B 511 -11.26 -41.73 7.20
C GLY B 511 -9.97 -41.11 6.72
N ALA B 512 -9.95 -40.69 5.45
CA ALA B 512 -8.76 -40.09 4.86
C ALA B 512 -8.92 -38.59 4.63
N ASN B 513 -9.99 -37.98 5.11
CA ASN B 513 -10.31 -36.60 4.82
C ASN B 513 -10.47 -35.78 6.09
N ALA B 514 -10.49 -34.46 5.91
CA ALA B 514 -10.69 -33.50 7.00
C ALA B 514 -11.76 -32.50 6.57
N TYR B 515 -12.44 -31.92 7.56
CA TYR B 515 -13.59 -31.08 7.29
C TYR B 515 -13.63 -29.90 8.26
N VAL B 516 -14.36 -28.86 7.85
CA VAL B 516 -14.59 -27.68 8.66
C VAL B 516 -16.09 -27.51 8.87
N ALA B 517 -16.48 -27.04 10.05
CA ALA B 517 -17.88 -26.80 10.35
C ALA B 517 -18.30 -25.45 9.78
N GLU B 518 -19.40 -25.45 9.02
CA GLU B 518 -19.93 -24.23 8.42
C GLU B 518 -21.10 -23.65 9.21
N ALA B 519 -21.55 -24.33 10.27
CA ALA B 519 -22.63 -23.83 11.10
C ALA B 519 -22.51 -24.45 12.48
N ALA B 520 -22.51 -23.61 13.51
CA ALA B 520 -22.42 -24.10 14.87
C ALA B 520 -23.67 -24.92 15.21
N GLY B 521 -23.45 -26.17 15.60
CA GLY B 521 -24.56 -27.04 15.92
C GLY B 521 -24.10 -28.29 16.61
N THR B 522 -24.96 -29.30 16.58
CA THR B 522 -24.69 -30.58 17.22
C THR B 522 -24.51 -31.66 16.18
N THR B 523 -23.53 -32.53 16.41
CA THR B 523 -23.18 -33.55 15.43
C THR B 523 -24.32 -34.54 15.22
N GLY B 524 -24.56 -34.89 13.96
CA GLY B 524 -25.48 -35.96 13.63
C GLY B 524 -24.82 -37.31 13.76
N ALA B 525 -25.47 -38.31 13.17
CA ALA B 525 -24.98 -39.67 13.20
C ALA B 525 -24.38 -40.11 11.87
N THR B 526 -24.45 -39.27 10.84
CA THR B 526 -23.91 -39.60 9.52
C THR B 526 -22.48 -39.06 9.46
N ALA B 527 -21.52 -39.95 9.73
CA ALA B 527 -20.12 -39.56 9.70
C ALA B 527 -19.76 -39.04 8.31
N PRO B 528 -19.02 -37.92 8.23
CA PRO B 528 -18.73 -37.33 6.92
C PRO B 528 -17.75 -38.17 6.12
N THR B 529 -18.07 -38.39 4.85
CA THR B 529 -17.28 -39.22 3.97
C THR B 529 -16.99 -38.57 2.61
N HIS B 530 -17.47 -37.36 2.37
CA HIS B 530 -17.39 -36.77 1.04
C HIS B 530 -16.01 -36.21 0.77
N THR B 531 -15.70 -36.06 -0.52
CA THR B 531 -14.40 -35.58 -0.97
C THR B 531 -14.46 -34.19 -1.60
N SER B 532 -15.58 -33.49 -1.45
CA SER B 532 -15.74 -32.17 -2.04
C SER B 532 -17.02 -31.53 -1.50
N GLY B 533 -17.04 -30.21 -1.47
CA GLY B 533 -18.22 -29.46 -1.12
C GLY B 533 -18.64 -29.64 0.35
N THR B 534 -19.91 -29.35 0.58
CA THR B 534 -20.50 -29.38 1.92
C THR B 534 -21.60 -30.44 1.98
N VAL B 535 -21.67 -31.15 3.09
CA VAL B 535 -22.66 -32.20 3.31
C VAL B 535 -23.07 -32.17 4.78
N SER B 536 -24.38 -32.17 5.03
CA SER B 536 -24.89 -32.23 6.39
C SER B 536 -24.67 -33.62 6.99
N ASP B 537 -24.20 -33.66 8.23
CA ASP B 537 -24.00 -34.92 8.94
C ASP B 537 -25.24 -35.36 9.71
N GLY B 538 -26.36 -34.67 9.52
CA GLY B 538 -27.56 -34.90 10.31
C GLY B 538 -28.06 -33.59 10.88
N GLY B 539 -27.12 -32.67 11.12
CA GLY B 539 -27.44 -31.31 11.52
C GLY B 539 -26.33 -30.34 11.16
N VAL B 540 -25.09 -30.73 11.42
CA VAL B 540 -23.93 -29.88 11.16
C VAL B 540 -23.55 -29.99 9.69
N ASN B 541 -23.27 -28.84 9.07
CA ASN B 541 -22.77 -28.80 7.70
C ASN B 541 -21.24 -28.87 7.72
N TRP B 542 -20.69 -29.91 7.10
CA TRP B 542 -19.25 -30.11 7.03
C TRP B 542 -18.75 -29.82 5.62
N ARG B 543 -17.72 -28.99 5.52
CA ARG B 543 -17.10 -28.66 4.24
C ARG B 543 -15.74 -29.34 4.16
N TYR B 544 -15.47 -29.98 3.02
CA TYR B 544 -14.20 -30.65 2.82
C TYR B 544 -13.07 -29.64 2.66
N ILE B 545 -11.93 -29.93 3.31
CA ILE B 545 -10.80 -29.00 3.27
C ILE B 545 -9.54 -29.70 2.76
N GLY B 546 -9.41 -30.99 3.01
CA GLY B 546 -8.23 -31.71 2.53
C GLY B 546 -8.11 -33.07 3.17
N LYS B 547 -6.92 -33.65 3.02
CA LYS B 547 -6.63 -34.99 3.50
C LYS B 547 -5.92 -34.94 4.85
N ARG B 548 -6.14 -35.99 5.65
CA ARG B 548 -5.59 -36.07 7.00
C ARG B 548 -4.32 -36.92 6.99
N ARG B 549 -3.19 -36.28 7.29
CA ARG B 549 -1.92 -36.96 7.53
C ARG B 549 -1.57 -37.93 6.39
N ILE B 550 -1.81 -37.49 5.16
CA ILE B 550 -1.56 -38.32 3.99
C ILE B 550 -0.12 -38.25 3.50
N ALA B 551 0.65 -37.26 3.97
CA ALA B 551 1.98 -37.04 3.42
C ALA B 551 2.89 -38.24 3.68
N ALA B 552 3.74 -38.55 2.70
CA ALA B 552 4.75 -39.59 2.87
C ALA B 552 5.95 -39.12 3.66
N ALA B 553 6.20 -37.80 3.70
CA ALA B 553 7.29 -37.23 4.46
C ALA B 553 7.09 -35.72 4.52
N ALA B 554 7.74 -35.10 5.50
CA ALA B 554 7.67 -33.66 5.67
C ALA B 554 8.71 -32.94 4.81
N VAL B 555 9.97 -33.33 4.92
CA VAL B 555 11.06 -32.70 4.19
C VAL B 555 11.78 -33.79 3.39
N ALA B 556 11.87 -33.57 2.07
CA ALA B 556 12.49 -34.53 1.18
C ALA B 556 13.55 -33.86 0.33
N LEU B 557 14.61 -34.61 0.04
CA LEU B 557 15.72 -34.14 -0.77
C LEU B 557 15.97 -35.12 -1.92
N ARG B 558 16.27 -34.58 -3.10
CA ARG B 558 16.54 -35.37 -4.29
C ARG B 558 17.61 -34.64 -5.10
N GLY B 559 17.92 -35.19 -6.29
CA GLY B 559 18.93 -34.59 -7.13
C GLY B 559 20.33 -34.71 -6.53
N THR B 560 21.19 -33.75 -6.86
CA THR B 560 22.51 -33.73 -6.25
C THR B 560 22.40 -33.37 -4.78
N ALA B 561 23.35 -33.86 -4.00
CA ALA B 561 23.28 -33.73 -2.55
C ALA B 561 23.41 -32.28 -2.13
N ALA B 562 22.61 -31.89 -1.14
CA ALA B 562 22.75 -30.59 -0.53
C ALA B 562 24.06 -30.50 0.23
N ALA B 563 24.69 -29.32 0.20
CA ALA B 563 25.90 -29.13 0.99
C ALA B 563 25.55 -28.96 2.47
N LEU B 564 24.43 -28.31 2.77
CA LEU B 564 24.04 -28.05 4.14
C LEU B 564 22.52 -28.04 4.25
N VAL B 565 22.00 -28.73 5.27
CA VAL B 565 20.61 -28.67 5.67
C VAL B 565 20.59 -28.31 7.14
N ARG B 566 20.17 -27.10 7.47
CA ARG B 566 20.21 -26.58 8.83
C ARG B 566 18.78 -26.46 9.36
N MET B 567 18.47 -27.25 10.37
CA MET B 567 17.21 -27.18 11.08
C MET B 567 17.45 -26.68 12.51
N GLY B 568 16.37 -26.41 13.22
CA GLY B 568 16.46 -25.92 14.58
C GLY B 568 15.35 -26.43 15.48
N GLY B 569 15.23 -25.84 16.66
CA GLY B 569 14.23 -26.26 17.62
C GLY B 569 12.80 -25.99 17.17
N THR B 570 12.61 -25.10 16.21
CA THR B 570 11.27 -24.80 15.70
C THR B 570 10.89 -25.62 14.48
N THR B 571 11.81 -26.39 13.91
CA THR B 571 11.49 -27.21 12.75
C THR B 571 10.55 -28.34 13.17
N ARG B 572 9.46 -28.51 12.43
CA ARG B 572 8.45 -29.51 12.72
C ARG B 572 8.31 -30.45 11.53
N THR B 573 8.53 -31.74 11.76
CA THR B 573 8.44 -32.76 10.72
C THR B 573 7.49 -33.89 11.11
N ASN B 574 6.59 -33.63 12.05
CA ASN B 574 5.87 -34.69 12.74
C ASN B 574 4.56 -35.06 12.06
N SER B 575 4.03 -36.22 12.43
CA SER B 575 2.67 -36.66 12.17
C SER B 575 2.40 -37.01 10.71
N THR B 576 3.42 -37.31 9.92
CA THR B 576 3.19 -37.81 8.58
C THR B 576 3.11 -39.34 8.64
N SER B 577 3.23 -39.99 7.48
CA SER B 577 3.10 -41.44 7.42
C SER B 577 4.16 -42.14 8.27
N THR B 578 5.30 -41.50 8.48
CA THR B 578 6.33 -42.00 9.38
C THR B 578 6.42 -41.13 10.62
N ALA B 579 7.17 -41.60 11.60
CA ALA B 579 7.35 -40.87 12.84
C ALA B 579 8.29 -39.68 12.67
N HIS B 580 9.21 -39.75 11.71
CA HIS B 580 10.25 -38.75 11.54
C HIS B 580 9.96 -37.76 10.42
N GLY B 581 9.28 -38.20 9.35
CA GLY B 581 9.03 -37.30 8.23
C GLY B 581 10.24 -36.93 7.41
N ILE B 582 11.35 -37.65 7.57
CA ILE B 582 12.59 -37.39 6.84
C ILE B 582 12.70 -38.39 5.69
N ASP B 583 12.96 -37.88 4.49
CA ASP B 583 13.20 -38.72 3.31
C ASP B 583 14.31 -38.05 2.50
N PHE B 584 15.55 -38.41 2.80
CA PHE B 584 16.72 -37.95 2.06
C PHE B 584 17.27 -39.13 1.27
N SER B 585 17.01 -39.17 -0.04
CA SER B 585 17.49 -40.29 -0.83
C SER B 585 18.93 -40.04 -1.29
N PRO B 586 19.26 -38.82 -1.75
CA PRO B 586 20.68 -38.45 -1.80
C PRO B 586 21.00 -37.61 -0.58
N SER B 587 21.82 -38.16 0.31
CA SER B 587 21.97 -37.57 1.62
C SER B 587 22.81 -36.30 1.57
N PRO B 588 22.44 -35.31 2.37
CA PRO B 588 23.22 -34.06 2.43
C PRO B 588 24.56 -34.28 3.12
N THR B 589 25.60 -33.64 2.59
CA THR B 589 26.95 -33.84 3.10
C THR B 589 27.10 -33.36 4.54
N ARG B 590 26.17 -32.55 5.02
CA ARG B 590 26.15 -32.15 6.43
C ARG B 590 24.73 -31.74 6.80
N TRP B 591 24.15 -32.41 7.78
CA TRP B 591 22.78 -32.16 8.23
C TRP B 591 22.82 -31.70 9.68
N GLU B 592 22.63 -30.41 9.89
CA GLU B 592 22.58 -29.85 11.24
C GLU B 592 21.15 -29.74 11.71
N TRP B 593 20.91 -30.11 12.97
CA TRP B 593 19.61 -29.95 13.60
C TRP B 593 19.84 -29.70 15.08
N SER B 594 19.56 -28.48 15.52
CA SER B 594 19.78 -28.08 16.90
C SER B 594 18.49 -28.23 17.71
N ASP B 595 18.67 -28.53 18.99
CA ASP B 595 17.56 -28.59 19.96
C ASP B 595 16.47 -29.56 19.49
N ILE B 596 16.88 -30.77 19.12
CA ILE B 596 15.92 -31.79 18.72
C ILE B 596 15.07 -32.21 19.90
N ASP B 597 15.71 -32.58 21.00
CA ASP B 597 15.01 -33.03 22.21
C ASP B 597 15.94 -32.86 23.40
N ALA B 598 15.34 -32.87 24.59
CA ALA B 598 16.08 -32.73 25.83
C ALA B 598 15.21 -33.22 26.97
N GLY B 599 15.85 -33.51 28.10
CA GLY B 599 15.12 -33.95 29.27
C GLY B 599 16.06 -34.44 30.34
N THR B 600 15.45 -34.96 31.42
CA THR B 600 16.17 -35.59 32.50
C THR B 600 15.63 -36.99 32.70
N ALA B 601 16.52 -37.97 32.81
CA ALA B 601 16.15 -39.35 33.07
C ALA B 601 16.74 -39.80 34.39
N THR B 602 16.23 -40.91 34.91
CA THR B 602 16.71 -41.50 36.15
C THR B 602 17.02 -42.96 35.92
N LEU B 603 18.26 -43.37 36.20
CA LEU B 603 18.70 -44.71 35.89
C LEU B 603 18.12 -45.73 36.87
N ALA B 604 18.12 -46.99 36.43
CA ALA B 604 17.75 -48.11 37.28
C ALA B 604 18.53 -49.33 36.80
N ALA B 605 19.17 -50.03 37.74
CA ALA B 605 20.08 -51.13 37.41
C ALA B 605 21.16 -50.68 36.43
N GLY B 606 21.54 -49.41 36.54
CA GLY B 606 22.64 -48.86 35.75
C GLY B 606 22.30 -48.46 34.33
N THR B 607 21.02 -48.44 33.94
CA THR B 607 20.65 -48.17 32.57
C THR B 607 19.32 -47.42 32.51
N VAL B 608 19.14 -46.69 31.41
CA VAL B 608 17.83 -46.28 30.93
C VAL B 608 17.87 -46.30 29.41
N THR B 609 16.73 -46.54 28.80
CA THR B 609 16.53 -46.30 27.37
C THR B 609 15.54 -45.14 27.26
N VAL B 610 16.03 -44.00 26.83
CA VAL B 610 15.21 -42.78 26.77
C VAL B 610 14.42 -42.77 25.47
N ASN B 611 13.11 -42.55 25.58
CA ASN B 611 12.26 -42.41 24.41
C ASN B 611 12.22 -40.96 23.98
N ILE B 612 12.59 -40.69 22.72
CA ILE B 612 12.42 -39.36 22.17
C ILE B 612 10.93 -39.06 22.06
N THR B 613 10.58 -37.79 22.25
CA THR B 613 9.19 -37.39 22.08
C THR B 613 8.72 -37.71 20.67
N ASP B 614 7.43 -38.04 20.56
CA ASP B 614 6.91 -38.58 19.31
C ASP B 614 7.08 -37.60 18.15
N ASN B 615 6.97 -36.30 18.41
CA ASN B 615 7.07 -35.32 17.34
C ASN B 615 8.50 -35.11 16.86
N ARG B 616 9.50 -35.63 17.57
CA ARG B 616 10.90 -35.45 17.20
C ARG B 616 11.65 -36.77 17.05
N ARG B 617 10.93 -37.88 16.87
CA ARG B 617 11.57 -39.15 16.58
C ARG B 617 12.36 -39.06 15.28
N GLN B 618 13.53 -39.68 15.27
CA GLN B 618 14.50 -39.46 14.20
C GLN B 618 14.40 -40.53 13.12
N VAL B 619 15.10 -40.29 12.02
CA VAL B 619 15.10 -41.21 10.89
C VAL B 619 16.13 -42.32 11.08
N ASP B 620 17.20 -42.05 11.82
CA ASP B 620 18.19 -43.06 12.14
C ASP B 620 18.74 -42.76 13.53
N GLY B 621 19.76 -43.52 13.93
CA GLY B 621 20.37 -43.32 15.23
C GLY B 621 21.72 -42.63 15.15
N ASN B 622 21.92 -41.82 14.10
CA ASN B 622 23.17 -41.11 13.92
C ASN B 622 23.17 -39.72 14.54
N TYR B 623 22.08 -39.33 15.20
CA TYR B 623 22.08 -38.07 15.93
C TYR B 623 23.05 -38.13 17.09
N ARG B 624 23.52 -36.96 17.51
CA ARG B 624 24.44 -36.86 18.63
C ARG B 624 23.68 -36.72 19.94
N VAL B 625 24.25 -37.28 21.00
CA VAL B 625 23.67 -37.21 22.34
C VAL B 625 24.72 -36.65 23.29
N LEU B 626 24.34 -35.70 24.11
CA LEU B 626 25.14 -35.25 25.23
C LEU B 626 24.43 -35.59 26.52
N VAL B 627 25.21 -35.85 27.57
CA VAL B 627 24.66 -36.26 28.85
C VAL B 627 25.69 -36.03 29.96
N THR B 628 25.27 -35.43 31.06
CA THR B 628 26.07 -35.36 32.27
C THR B 628 25.22 -35.76 33.45
N GLY B 629 25.84 -36.45 34.41
CA GLY B 629 25.12 -37.02 35.53
C GLY B 629 25.11 -36.13 36.75
N THR B 630 24.50 -36.66 37.82
CA THR B 630 24.34 -35.94 39.06
C THR B 630 25.15 -36.53 40.21
N VAL B 631 25.91 -37.60 39.96
CA VAL B 631 26.73 -38.26 40.96
C VAL B 631 28.10 -38.54 40.37
N ASN B 632 28.99 -39.07 41.20
CA ASN B 632 30.36 -39.39 40.78
C ASN B 632 30.38 -40.76 40.09
N GLU B 633 29.84 -40.77 38.87
CA GLU B 633 29.86 -41.95 38.02
C GLU B 633 30.10 -41.52 36.59
N THR B 634 30.61 -42.45 35.78
CA THR B 634 30.86 -42.20 34.37
C THR B 634 29.63 -42.64 33.57
N PHE B 635 28.98 -41.69 32.93
CA PHE B 635 27.79 -41.95 32.12
C PHE B 635 28.14 -41.85 30.65
N TYR B 636 27.52 -42.70 29.84
CA TYR B 636 27.82 -42.75 28.42
C TYR B 636 26.61 -43.31 27.68
N VAL B 637 26.56 -43.02 26.38
CA VAL B 637 25.48 -43.48 25.50
C VAL B 637 25.95 -44.75 24.81
N SER B 638 25.36 -45.89 25.19
CA SER B 638 25.80 -47.17 24.67
C SER B 638 25.04 -47.61 23.42
N ALA B 639 23.89 -47.00 23.13
CA ALA B 639 23.11 -47.38 21.96
C ALA B 639 22.31 -46.19 21.48
N ARG B 640 22.05 -46.16 20.17
CA ARG B 640 21.26 -45.10 19.56
C ARG B 640 20.36 -45.71 18.50
N ALA B 641 19.05 -45.57 18.67
CA ALA B 641 18.05 -46.04 17.72
C ALA B 641 17.30 -44.85 17.13
N ALA B 642 16.41 -45.14 16.19
CA ALA B 642 15.66 -44.08 15.52
C ALA B 642 14.72 -43.36 16.48
N SER B 643 14.13 -44.09 17.42
CA SER B 643 13.15 -43.53 18.34
C SER B 643 13.59 -43.55 19.79
N ASN B 644 14.78 -44.05 20.10
CA ASN B 644 15.25 -44.11 21.48
C ASN B 644 16.76 -44.20 21.49
N PHE B 645 17.31 -44.05 22.70
CA PHE B 645 18.74 -44.23 22.95
C PHE B 645 18.89 -44.61 24.42
N THR B 646 19.98 -45.31 24.73
CA THR B 646 20.19 -45.85 26.06
C THR B 646 21.39 -45.20 26.73
N ILE B 647 21.24 -44.91 28.01
CA ILE B 647 22.30 -44.32 28.83
C ILE B 647 22.64 -45.32 29.93
N THR B 648 23.89 -45.75 29.98
CA THR B 648 24.36 -46.64 31.02
C THR B 648 25.47 -45.97 31.82
N SER B 649 25.68 -46.45 33.04
CA SER B 649 26.65 -45.88 33.95
C SER B 649 27.75 -46.89 34.25
N SER B 650 28.85 -46.38 34.82
CA SER B 650 29.92 -47.26 35.29
C SER B 650 29.49 -48.08 36.50
N ASN B 651 28.48 -47.63 37.24
CA ASN B 651 27.94 -48.35 38.38
C ASN B 651 26.75 -49.19 37.89
N ALA B 652 26.95 -50.51 37.83
CA ALA B 652 25.89 -51.40 37.37
C ALA B 652 24.66 -51.38 38.27
N ALA B 653 24.72 -50.73 39.43
CA ALA B 653 23.57 -50.54 40.30
C ALA B 653 23.12 -49.08 40.32
N SER B 654 23.44 -48.31 39.27
CA SER B 654 23.16 -46.89 39.27
C SER B 654 21.66 -46.62 39.37
N THR B 655 21.32 -45.61 40.17
CA THR B 655 19.94 -45.13 40.27
C THR B 655 19.89 -43.62 40.11
N ALA B 656 20.93 -43.01 39.57
CA ALA B 656 21.08 -41.57 39.54
C ALA B 656 20.23 -40.96 38.43
N THR B 657 20.14 -39.64 38.46
CA THR B 657 19.50 -38.87 37.42
C THR B 657 20.55 -38.28 36.49
N VAL B 658 20.29 -38.31 35.19
CA VAL B 658 21.18 -37.74 34.20
C VAL B 658 20.40 -36.74 33.36
N MET B 659 21.09 -35.70 32.91
CA MET B 659 20.51 -34.69 32.04
C MET B 659 21.08 -34.90 30.64
N TRP B 660 20.22 -34.90 29.64
CA TRP B 660 20.61 -35.25 28.28
C TRP B 660 20.09 -34.24 27.27
N LYS B 661 20.64 -34.29 26.06
CA LYS B 661 20.29 -33.37 24.99
C LYS B 661 20.51 -34.07 23.65
N ILE B 662 19.57 -33.87 22.73
CA ILE B 662 19.59 -34.51 21.42
C ILE B 662 19.74 -33.43 20.35
N PHE B 663 20.62 -33.67 19.38
CA PHE B 663 20.92 -32.69 18.34
C PHE B 663 21.65 -33.40 17.20
N ARG B 664 21.98 -32.64 16.16
CA ARG B 664 22.75 -33.16 15.05
C ARG B 664 23.86 -32.20 14.65
N GLY C 9 -36.31 48.30 -30.86
CA GLY C 9 -35.22 47.49 -31.35
C GLY C 9 -35.44 45.99 -31.15
N ALA C 10 -34.56 45.37 -30.35
CA ALA C 10 -34.69 43.94 -30.10
C ALA C 10 -35.89 43.64 -29.21
N ALA C 11 -36.33 44.61 -28.40
CA ALA C 11 -37.45 44.41 -27.51
C ALA C 11 -38.79 44.44 -28.22
N SER C 12 -38.83 44.71 -29.51
CA SER C 12 -40.07 44.72 -30.27
C SER C 12 -40.13 43.63 -31.33
N ILE C 13 -39.13 42.75 -31.41
CA ILE C 13 -39.11 41.65 -32.35
C ILE C 13 -39.57 40.41 -31.60
N GLY C 14 -40.80 39.97 -31.89
CA GLY C 14 -41.33 38.79 -31.23
C GLY C 14 -40.62 37.53 -31.71
N TYR C 15 -40.39 36.61 -30.77
CA TYR C 15 -39.82 35.31 -31.06
C TYR C 15 -40.70 34.23 -30.45
N LYS C 16 -40.93 33.17 -31.22
CA LYS C 16 -41.75 32.05 -30.77
C LYS C 16 -41.25 30.79 -31.46
N ARG C 17 -40.81 29.81 -30.68
CA ARG C 17 -40.34 28.56 -31.26
C ARG C 17 -41.48 27.82 -31.96
N GLU C 18 -42.65 27.76 -31.33
CA GLU C 18 -43.81 27.11 -31.93
C GLU C 18 -45.05 27.65 -31.24
N SER C 19 -46.22 27.24 -31.74
CA SER C 19 -47.48 27.75 -31.21
C SER C 19 -47.60 27.51 -29.71
N GLY C 20 -47.11 26.36 -29.21
CA GLY C 20 -47.25 26.03 -27.81
C GLY C 20 -46.24 26.65 -26.87
N ALA C 21 -45.32 27.46 -27.38
CA ALA C 21 -44.29 28.07 -26.56
C ALA C 21 -44.69 29.49 -26.17
N ARG C 22 -44.02 30.02 -25.15
CA ARG C 22 -44.25 31.39 -24.73
C ARG C 22 -43.88 32.36 -25.85
N LEU C 23 -44.62 33.46 -25.92
CA LEU C 23 -44.28 34.54 -26.84
C LEU C 23 -43.37 35.52 -26.10
N ARG C 24 -42.11 35.53 -26.49
CA ARG C 24 -41.11 36.43 -25.92
C ARG C 24 -40.57 37.33 -27.03
N THR C 25 -39.69 38.24 -26.63
CA THR C 25 -38.96 39.07 -27.58
C THR C 25 -37.55 38.52 -27.75
N THR C 26 -36.91 38.93 -28.85
CA THR C 26 -35.53 38.52 -29.07
C THR C 26 -34.61 39.08 -27.98
N ALA C 27 -34.97 40.23 -27.40
CA ALA C 27 -34.21 40.76 -26.28
C ALA C 27 -34.37 39.89 -25.03
N ASP C 28 -35.57 39.31 -24.83
CA ASP C 28 -35.78 38.44 -23.69
C ASP C 28 -34.89 37.20 -23.76
N MET C 29 -34.70 36.67 -24.97
CA MET C 29 -33.83 35.50 -25.12
C MET C 29 -32.39 35.80 -24.71
N PHE C 30 -31.95 37.05 -24.91
CA PHE C 30 -30.61 37.43 -24.46
C PHE C 30 -30.59 37.77 -22.98
N LYS C 31 -31.65 38.40 -22.48
CA LYS C 31 -31.69 38.84 -21.09
C LYS C 31 -31.76 37.68 -20.10
N ASP C 32 -31.89 36.44 -20.58
CA ASP C 32 -31.86 35.29 -19.68
C ASP C 32 -30.45 35.03 -19.16
N HIS C 33 -29.43 35.41 -19.93
CA HIS C 33 -28.03 35.27 -19.55
C HIS C 33 -27.40 36.66 -19.42
N LEU C 34 -26.08 36.70 -19.30
CA LEU C 34 -25.36 37.97 -19.29
C LEU C 34 -24.05 37.78 -20.06
N ASN C 35 -24.01 38.27 -21.29
CA ASN C 35 -22.78 38.31 -22.06
C ASN C 35 -21.93 39.46 -21.58
N LEU C 36 -20.67 39.17 -21.22
CA LEU C 36 -19.79 40.22 -20.74
C LEU C 36 -19.62 41.34 -21.76
N LYS C 37 -19.66 41.00 -23.05
CA LYS C 37 -19.48 42.01 -24.09
C LYS C 37 -20.68 42.94 -24.22
N GLU C 38 -21.76 42.70 -23.48
CA GLU C 38 -22.81 43.71 -23.37
C GLU C 38 -22.33 44.93 -22.59
N TYR C 39 -21.22 44.81 -21.85
CA TYR C 39 -20.64 45.92 -21.12
C TYR C 39 -19.17 46.19 -21.46
N CYS C 40 -18.41 45.19 -21.91
CA CYS C 40 -17.00 45.35 -22.20
C CYS C 40 -16.74 45.14 -23.69
N PRO C 41 -15.97 46.02 -24.34
CA PRO C 41 -15.70 45.82 -25.77
C PRO C 41 -14.76 44.66 -26.07
N GLY C 42 -13.92 44.26 -25.13
CA GLY C 42 -12.95 43.21 -25.39
C GLY C 42 -11.90 43.59 -26.41
N ASP C 43 -11.53 44.86 -26.48
CA ASP C 43 -10.64 45.37 -27.52
C ASP C 43 -9.24 45.68 -26.98
N GLY C 44 -8.90 45.21 -25.80
CA GLY C 44 -7.60 45.46 -25.21
C GLY C 44 -7.52 46.71 -24.35
N THR C 45 -8.55 47.55 -24.35
CA THR C 45 -8.54 48.75 -23.54
C THR C 45 -8.75 48.40 -22.06
N ASN C 46 -8.46 49.38 -21.21
CA ASN C 46 -8.73 49.24 -19.78
C ASN C 46 -10.24 49.23 -19.54
N GLN C 47 -10.77 48.11 -19.04
CA GLN C 47 -12.21 47.90 -18.99
C GLN C 47 -12.68 47.52 -17.58
N THR C 48 -12.03 48.02 -16.54
CA THR C 48 -12.41 47.62 -15.19
C THR C 48 -13.75 48.23 -14.79
N THR C 49 -13.99 49.49 -15.15
CA THR C 49 -15.28 50.12 -14.85
C THR C 49 -16.41 49.37 -15.52
N ALA C 50 -16.22 48.97 -16.78
CA ALA C 50 -17.25 48.22 -17.49
C ALA C 50 -17.42 46.82 -16.91
N PHE C 51 -16.31 46.14 -16.64
CA PHE C 51 -16.38 44.80 -16.05
C PHE C 51 -17.06 44.85 -14.68
N ASN C 52 -16.77 45.89 -13.89
CA ASN C 52 -17.47 46.03 -12.61
C ASN C 52 -18.95 46.26 -12.81
N ALA C 53 -19.32 47.02 -13.84
CA ALA C 53 -20.74 47.22 -14.14
C ALA C 53 -21.40 45.92 -14.58
N ALA C 54 -20.66 45.04 -15.27
CA ALA C 54 -21.21 43.77 -15.67
C ALA C 54 -21.47 42.87 -14.47
N ILE C 55 -20.48 42.77 -13.57
CA ILE C 55 -20.64 41.94 -12.37
C ILE C 55 -21.80 42.48 -11.51
N ALA C 56 -21.87 43.80 -11.35
CA ALA C 56 -22.94 44.38 -10.54
C ALA C 56 -24.30 44.17 -11.17
N ARG C 57 -24.38 44.13 -12.50
CA ARG C 57 -25.66 43.88 -13.15
C ARG C 57 -26.13 42.45 -12.92
N ALA C 58 -25.21 41.49 -13.00
CA ALA C 58 -25.57 40.11 -12.71
C ALA C 58 -26.11 39.95 -11.31
N VAL C 59 -25.50 40.65 -10.34
CA VAL C 59 -25.91 40.52 -8.94
C VAL C 59 -27.33 41.06 -8.75
N SER C 60 -27.59 42.27 -9.25
CA SER C 60 -28.90 42.88 -9.05
C SER C 60 -29.99 42.14 -9.81
N GLU C 61 -29.66 41.54 -10.96
CA GLU C 61 -30.63 40.79 -11.73
C GLU C 61 -30.80 39.36 -11.24
N GLY C 62 -29.97 38.90 -10.30
CA GLY C 62 -30.07 37.54 -9.80
C GLY C 62 -29.55 36.48 -10.73
N ILE C 63 -28.64 36.83 -11.63
CA ILE C 63 -28.03 35.89 -12.56
C ILE C 63 -26.68 35.46 -11.98
N SER C 64 -26.32 34.19 -12.21
CA SER C 64 -25.05 33.65 -11.73
C SER C 64 -23.96 33.64 -12.79
N ARG C 65 -24.23 33.06 -13.96
CA ARG C 65 -23.23 32.93 -14.99
C ARG C 65 -23.01 34.23 -15.74
N ILE C 66 -21.75 34.57 -15.98
CA ILE C 66 -21.35 35.69 -16.82
C ILE C 66 -20.49 35.13 -17.93
N ILE C 67 -21.06 35.04 -19.14
CA ILE C 67 -20.34 34.46 -20.26
C ILE C 67 -19.26 35.41 -20.73
N VAL C 68 -18.04 34.90 -20.90
CA VAL C 68 -16.91 35.69 -21.37
C VAL C 68 -16.50 35.17 -22.75
N PRO C 69 -16.98 35.78 -23.83
CA PRO C 69 -16.58 35.33 -25.17
C PRO C 69 -15.13 35.67 -25.47
N ALA C 70 -14.65 35.28 -26.65
CA ALA C 70 -13.30 35.62 -27.07
C ALA C 70 -13.11 37.13 -27.04
N GLY C 71 -12.04 37.58 -26.42
CA GLY C 71 -11.78 39.00 -26.30
C GLY C 71 -10.59 39.25 -25.40
N HIS C 72 -10.23 40.53 -25.32
CA HIS C 72 -9.11 41.00 -24.51
C HIS C 72 -9.65 42.03 -23.54
N TYR C 73 -9.74 41.65 -22.26
CA TYR C 73 -10.32 42.50 -21.23
C TYR C 73 -9.21 42.89 -20.25
N LEU C 74 -8.76 44.14 -20.31
CA LEU C 74 -7.78 44.66 -19.36
C LEU C 74 -8.52 45.12 -18.12
N VAL C 75 -8.01 44.72 -16.95
CA VAL C 75 -8.80 44.70 -15.73
C VAL C 75 -7.88 44.84 -14.53
N THR C 76 -8.36 45.50 -13.48
CA THR C 76 -7.59 45.72 -12.26
C THR C 76 -8.47 45.57 -11.03
N ASP C 77 -8.09 44.66 -10.14
CA ASP C 77 -8.66 44.52 -8.78
C ASP C 77 -10.18 44.59 -8.79
N LEU C 78 -10.79 43.64 -9.50
CA LEU C 78 -12.26 43.55 -9.55
C LEU C 78 -12.77 42.86 -8.30
N SER C 79 -13.48 43.60 -7.46
CA SER C 79 -14.05 43.06 -6.25
C SER C 79 -15.42 42.47 -6.57
N VAL C 80 -15.58 41.17 -6.29
CA VAL C 80 -16.88 40.53 -6.33
C VAL C 80 -17.15 39.97 -4.93
N THR C 81 -18.26 40.40 -4.33
CA THR C 81 -18.61 39.98 -2.99
C THR C 81 -19.84 39.07 -2.95
N ALA C 82 -20.57 38.93 -4.05
CA ALA C 82 -21.73 38.05 -4.09
C ALA C 82 -21.27 36.60 -4.24
N ASN C 83 -22.25 35.69 -4.22
CA ASN C 83 -21.95 34.27 -3.98
C ASN C 83 -22.14 33.36 -5.18
N GLY C 84 -23.20 33.50 -5.96
CA GLY C 84 -23.39 32.42 -6.90
C GLY C 84 -22.62 32.49 -8.21
N LEU C 85 -21.82 33.54 -8.41
CA LEU C 85 -21.38 33.91 -9.76
C LEU C 85 -20.50 32.85 -10.40
N VAL C 86 -20.71 32.63 -11.69
CA VAL C 86 -19.91 31.74 -12.52
C VAL C 86 -19.31 32.56 -13.65
N PHE C 87 -17.99 32.66 -13.69
CA PHE C 87 -17.30 33.34 -14.78
C PHE C 87 -16.97 32.30 -15.83
N GLU C 88 -17.80 32.22 -16.88
CA GLU C 88 -17.78 31.12 -17.83
C GLU C 88 -17.07 31.57 -19.11
N GLY C 89 -15.76 31.36 -19.15
CA GLY C 89 -15.01 31.58 -20.38
C GLY C 89 -15.36 30.56 -21.43
N GLN C 90 -14.87 30.82 -22.64
CA GLN C 90 -15.16 29.97 -23.79
C GLN C 90 -13.92 29.32 -24.38
N GLY C 91 -12.76 29.49 -23.76
CA GLY C 91 -11.52 28.99 -24.30
C GLY C 91 -10.38 29.93 -23.94
N GLU C 92 -9.23 29.69 -24.56
CA GLU C 92 -8.05 30.46 -24.23
C GLU C 92 -8.06 31.86 -24.83
N SER C 93 -8.88 32.10 -25.85
CA SER C 93 -9.01 33.45 -26.39
C SER C 93 -9.87 34.35 -25.51
N SER C 94 -10.46 33.81 -24.44
CA SER C 94 -11.12 34.63 -23.42
C SER C 94 -10.05 35.12 -22.45
N ARG C 95 -9.39 36.21 -22.85
CA ARG C 95 -8.18 36.68 -22.19
C ARG C 95 -8.50 37.83 -21.24
N ILE C 96 -8.19 37.65 -19.97
CA ILE C 96 -8.33 38.69 -18.95
C ILE C 96 -6.93 39.03 -18.47
N GLN C 97 -6.46 40.23 -18.82
CA GLN C 97 -5.12 40.67 -18.48
C GLN C 97 -5.16 41.76 -17.43
N VAL C 98 -4.16 41.77 -16.55
CA VAL C 98 -4.05 42.82 -15.55
C VAL C 98 -3.64 44.13 -16.21
N ALA C 99 -4.18 45.24 -15.70
CA ALA C 99 -3.99 46.54 -16.34
C ALA C 99 -2.89 47.38 -15.70
N SER C 100 -2.46 47.05 -14.48
CA SER C 100 -1.45 47.83 -13.79
C SER C 100 -0.32 46.92 -13.34
N ASN C 101 0.84 47.52 -13.08
CA ASN C 101 1.92 46.81 -12.43
C ASN C 101 1.57 46.53 -10.98
N ASN C 102 2.16 45.47 -10.43
CA ASN C 102 2.03 45.13 -9.01
C ASN C 102 0.56 45.09 -8.58
N SER C 103 -0.26 44.40 -9.37
CA SER C 103 -1.69 44.40 -9.14
C SER C 103 -2.23 43.00 -9.45
N ARG C 104 -3.56 42.89 -9.44
CA ARG C 104 -4.25 41.64 -9.69
C ARG C 104 -5.53 41.93 -10.48
N CYS C 105 -6.12 40.87 -11.03
CA CYS C 105 -7.35 41.03 -11.81
C CYS C 105 -8.60 40.94 -10.95
N PHE C 106 -8.61 40.03 -9.96
CA PHE C 106 -9.77 39.84 -9.09
C PHE C 106 -9.33 39.85 -7.64
N SER C 107 -10.27 40.25 -6.77
CA SER C 107 -10.11 40.13 -5.32
C SER C 107 -11.42 39.57 -4.78
N LEU C 108 -11.39 38.30 -4.35
CA LEU C 108 -12.60 37.57 -4.01
C LEU C 108 -12.84 37.56 -2.50
N SER C 109 -14.08 37.81 -2.10
CA SER C 109 -14.55 37.51 -0.75
C SER C 109 -15.85 36.71 -0.74
N GLY C 110 -16.47 36.47 -1.89
CA GLY C 110 -17.72 35.74 -1.93
C GLY C 110 -17.52 34.24 -2.04
N ASP C 111 -18.49 33.51 -1.49
CA ASP C 111 -18.44 32.06 -1.43
C ASP C 111 -19.09 31.46 -2.67
N ARG C 112 -18.69 30.22 -2.99
CA ARG C 112 -19.28 29.45 -4.08
C ARG C 112 -19.05 30.10 -5.44
N LEU C 113 -17.95 30.83 -5.60
CA LEU C 113 -17.59 31.39 -6.89
C LEU C 113 -16.86 30.33 -7.72
N THR C 114 -16.94 30.47 -9.04
CA THR C 114 -16.28 29.51 -9.91
C THR C 114 -15.78 30.19 -11.17
N PHE C 115 -14.58 29.80 -11.59
CA PHE C 115 -13.93 30.30 -12.79
C PHE C 115 -13.65 29.14 -13.73
N ARG C 116 -13.98 29.31 -15.01
CA ARG C 116 -13.97 28.18 -15.94
C ARG C 116 -13.66 28.68 -17.34
N GLY C 117 -12.67 28.07 -17.98
CA GLY C 117 -12.40 28.32 -19.39
C GLY C 117 -11.84 29.68 -19.74
N LEU C 118 -10.99 30.25 -18.88
CA LEU C 118 -10.40 31.56 -19.12
C LEU C 118 -8.88 31.43 -19.29
N LYS C 119 -8.28 32.53 -19.74
CA LYS C 119 -6.82 32.67 -19.76
C LYS C 119 -6.48 34.00 -19.10
N PHE C 120 -5.89 33.94 -17.90
CA PHE C 120 -5.43 35.14 -17.21
C PHE C 120 -3.99 35.41 -17.60
N ILE C 121 -3.69 36.69 -17.83
CA ILE C 121 -2.36 37.13 -18.21
C ILE C 121 -1.93 38.25 -17.27
N GLY C 122 -0.72 38.12 -16.71
CA GLY C 122 -0.12 39.18 -15.94
C GLY C 122 0.81 40.05 -16.77
N ASP C 123 1.56 40.91 -16.08
CA ASP C 123 2.55 41.76 -16.73
C ASP C 123 3.96 41.52 -16.20
N GLY C 124 4.18 40.41 -15.50
CA GLY C 124 5.50 40.03 -15.04
C GLY C 124 5.97 40.71 -13.78
N THR C 125 5.22 41.67 -13.25
CA THR C 125 5.66 42.42 -12.07
C THR C 125 4.91 41.95 -10.83
N ALA C 126 5.54 42.16 -9.68
CA ALA C 126 4.98 41.81 -8.38
C ALA C 126 5.82 42.48 -7.30
N SER C 127 5.14 43.03 -6.30
CA SER C 127 5.80 43.65 -5.15
C SER C 127 5.46 42.96 -3.84
N ALA C 128 4.56 41.98 -3.85
CA ALA C 128 4.18 41.22 -2.66
C ALA C 128 3.37 40.01 -3.12
N SER C 129 3.22 39.05 -2.21
CA SER C 129 2.50 37.82 -2.55
C SER C 129 1.04 38.09 -2.93
N ALA C 130 0.50 39.25 -2.55
CA ALA C 130 -0.86 39.62 -2.94
C ALA C 130 -0.91 40.44 -4.23
N ASN C 131 0.23 40.78 -4.81
CA ASN C 131 0.31 41.40 -6.13
C ASN C 131 0.83 40.39 -7.13
N GLY C 132 0.95 40.83 -8.39
CA GLY C 132 1.37 39.94 -9.46
C GLY C 132 0.57 38.66 -9.54
N ILE C 133 -0.72 38.73 -9.20
CA ILE C 133 -1.57 37.56 -9.02
C ILE C 133 -2.76 37.67 -9.97
N GLY C 134 -3.24 36.53 -10.45
CA GLY C 134 -4.48 36.54 -11.22
C GLY C 134 -5.70 36.79 -10.34
N ILE C 135 -5.79 36.06 -9.24
CA ILE C 135 -6.96 36.11 -8.36
C ILE C 135 -6.48 36.09 -6.91
N LEU C 136 -6.84 37.13 -6.15
CA LEU C 136 -6.67 37.13 -4.71
C LEU C 136 -8.00 36.76 -4.06
N ALA C 137 -7.94 35.90 -3.05
CA ALA C 137 -9.14 35.44 -2.36
C ALA C 137 -8.98 35.61 -0.86
N GLY C 138 -10.04 36.06 -0.21
CA GLY C 138 -10.07 36.20 1.23
C GLY C 138 -11.39 35.74 1.81
N ASP C 139 -11.38 34.59 2.48
CA ASP C 139 -12.61 33.97 2.97
C ASP C 139 -13.61 33.76 1.84
N ALA C 140 -13.09 33.34 0.69
CA ALA C 140 -13.92 33.00 -0.47
C ALA C 140 -14.06 31.49 -0.47
N THR C 141 -15.04 31.00 0.28
CA THR C 141 -15.22 29.57 0.45
C THR C 141 -15.81 28.96 -0.82
N ASP C 142 -15.68 27.62 -0.91
CA ASP C 142 -16.26 26.84 -2.02
C ASP C 142 -15.86 27.40 -3.38
N LEU C 143 -14.62 27.86 -3.48
CA LEU C 143 -14.11 28.37 -4.75
C LEU C 143 -13.75 27.19 -5.65
N LEU C 144 -14.22 27.24 -6.90
CA LEU C 144 -13.82 26.29 -7.92
C LEU C 144 -13.20 27.06 -9.07
N VAL C 145 -12.12 26.52 -9.62
CA VAL C 145 -11.34 27.17 -10.67
C VAL C 145 -10.84 26.05 -11.57
N GLU C 146 -11.36 25.97 -12.78
CA GLU C 146 -11.25 24.77 -13.59
C GLU C 146 -11.00 25.13 -15.05
N ASP C 147 -9.99 24.49 -15.65
CA ASP C 147 -9.66 24.66 -17.07
C ASP C 147 -9.38 26.12 -17.41
N VAL C 148 -8.57 26.77 -16.59
CA VAL C 148 -8.19 28.16 -16.80
C VAL C 148 -6.68 28.27 -16.74
N TRP C 149 -6.13 29.14 -17.59
CA TRP C 149 -4.70 29.25 -17.85
C TRP C 149 -4.20 30.55 -17.23
N PHE C 150 -3.19 30.43 -16.36
CA PHE C 150 -2.52 31.59 -15.76
C PHE C 150 -1.14 31.73 -16.39
N ASP C 151 -0.84 32.91 -16.92
CA ASP C 151 0.37 33.12 -17.69
C ASP C 151 0.99 34.47 -17.38
N SER C 152 2.31 34.46 -17.16
CA SER C 152 3.12 35.68 -17.09
C SER C 152 2.74 36.57 -15.90
N PHE C 153 2.36 35.95 -14.79
CA PHE C 153 2.09 36.70 -13.56
C PHE C 153 3.36 36.78 -12.73
N GLY C 154 3.52 37.92 -12.04
CA GLY C 154 4.75 38.16 -11.30
C GLY C 154 4.94 37.21 -10.14
N PHE C 155 3.85 36.84 -9.45
CA PHE C 155 3.93 35.95 -8.31
C PHE C 155 3.20 34.64 -8.52
N GLY C 156 2.05 34.64 -9.19
CA GLY C 156 1.36 33.39 -9.44
C GLY C 156 -0.06 33.65 -9.90
N GLY C 157 -0.84 32.57 -9.90
CA GLY C 157 -2.20 32.61 -10.37
C GLY C 157 -3.23 32.94 -9.30
N VAL C 158 -3.25 32.17 -8.22
CA VAL C 158 -4.28 32.31 -7.19
C VAL C 158 -3.63 32.34 -5.81
N ASN C 159 -3.95 33.36 -5.02
CA ASN C 159 -3.59 33.46 -3.61
C ASN C 159 -4.90 33.49 -2.84
N ALA C 160 -5.25 32.38 -2.21
CA ALA C 160 -6.50 32.24 -1.47
C ALA C 160 -6.21 32.09 0.01
N GLY C 161 -6.68 33.04 0.81
CA GLY C 161 -6.49 33.00 2.25
C GLY C 161 -7.78 32.83 3.01
N PHE C 162 -7.69 32.38 4.26
CA PHE C 162 -8.87 32.05 5.05
C PHE C 162 -8.62 32.42 6.51
N THR C 163 -9.59 33.11 7.11
CA THR C 163 -9.51 33.49 8.52
C THR C 163 -10.48 32.72 9.41
N THR C 164 -11.45 32.03 8.83
CA THR C 164 -12.33 31.14 9.58
C THR C 164 -12.47 29.83 8.82
N LEU C 165 -12.68 28.76 9.58
CA LEU C 165 -12.75 27.42 9.00
C LEU C 165 -13.92 27.33 8.01
N ALA C 166 -13.61 26.88 6.79
CA ALA C 166 -14.59 26.69 5.74
C ALA C 166 -13.92 25.88 4.63
N ARG C 167 -14.67 25.60 3.56
CA ARG C 167 -14.16 24.74 2.50
C ARG C 167 -13.19 25.51 1.61
N GLY C 168 -11.97 25.02 1.49
CA GLY C 168 -10.98 25.63 0.65
C GLY C 168 -11.29 25.46 -0.82
N PRO C 169 -10.38 25.93 -1.67
CA PRO C 169 -10.64 25.94 -3.11
C PRO C 169 -10.39 24.58 -3.75
N LYS C 170 -10.90 24.45 -4.97
CA LYS C 170 -10.64 23.30 -5.82
C LYS C 170 -10.06 23.79 -7.14
N PHE C 171 -8.81 23.41 -7.41
CA PHE C 171 -8.11 23.81 -8.64
C PHE C 171 -8.01 22.58 -9.54
N ILE C 172 -8.82 22.56 -10.60
CA ILE C 172 -8.97 21.40 -11.46
C ILE C 172 -8.42 21.75 -12.84
N ARG C 173 -7.32 21.10 -13.22
CA ARG C 173 -6.73 21.28 -14.55
C ARG C 173 -6.40 22.75 -14.82
N THR C 174 -5.73 23.39 -13.86
CA THR C 174 -5.27 24.76 -14.03
C THR C 174 -3.85 24.74 -14.59
N ARG C 175 -3.62 25.57 -15.60
CA ARG C 175 -2.33 25.67 -16.28
C ARG C 175 -1.59 26.91 -15.80
N HIS C 176 -0.29 26.77 -15.55
CA HIS C 176 0.53 27.86 -15.02
C HIS C 176 1.83 27.93 -15.79
N ARG C 177 2.19 29.13 -16.27
CA ARG C 177 3.38 29.33 -17.07
C ARG C 177 3.96 30.72 -16.82
N ASN C 178 5.29 30.80 -16.79
CA ASN C 178 6.03 32.07 -16.81
C ASN C 178 5.74 32.92 -15.57
N THR C 179 5.96 32.34 -14.39
CA THR C 179 5.58 33.03 -13.16
C THR C 179 6.69 33.93 -12.63
N GLY C 180 7.94 33.57 -12.77
CA GLY C 180 8.99 34.49 -12.39
C GLY C 180 9.47 34.33 -10.96
N THR C 181 10.48 35.15 -10.64
CA THR C 181 11.28 34.96 -9.45
C THR C 181 10.45 34.97 -8.18
N GLY C 182 10.69 33.97 -7.32
CA GLY C 182 10.14 33.96 -5.98
C GLY C 182 8.64 33.80 -5.86
N GLY C 183 7.99 33.23 -6.86
CA GLY C 183 6.55 33.11 -6.86
C GLY C 183 6.05 31.70 -6.53
N ALA C 184 4.74 31.62 -6.32
CA ALA C 184 4.04 30.36 -6.11
C ALA C 184 2.75 30.40 -6.91
N GLU C 185 2.54 29.40 -7.77
CA GLU C 185 1.37 29.42 -8.65
C GLU C 185 0.08 29.41 -7.85
N ILE C 186 0.03 28.62 -6.78
CA ILE C 186 -1.15 28.51 -5.93
C ILE C 186 -0.71 28.73 -4.50
N TYR C 187 -1.35 29.67 -3.81
CA TYR C 187 -0.95 30.12 -2.49
C TYR C 187 -2.16 30.00 -1.56
N LEU C 188 -2.10 29.07 -0.61
CA LEU C 188 -3.16 28.86 0.36
C LEU C 188 -2.71 29.35 1.73
N ARG C 189 -3.52 30.20 2.36
CA ARG C 189 -3.20 30.78 3.65
C ARG C 189 -4.31 30.49 4.64
N GLY C 190 -3.92 30.28 5.90
CA GLY C 190 -4.88 30.14 6.98
C GLY C 190 -5.34 28.74 7.27
N LEU C 191 -6.60 28.60 7.65
CA LEU C 191 -7.22 27.33 8.01
C LEU C 191 -8.40 27.05 7.08
N TYR C 192 -8.53 25.80 6.67
CA TYR C 192 -9.58 25.40 5.73
C TYR C 192 -9.74 23.89 5.76
N GLU C 193 -10.80 23.42 5.11
CA GLU C 193 -11.07 22.01 4.95
C GLU C 193 -11.38 21.71 3.49
N GLY C 194 -10.98 20.52 3.05
CA GLY C 194 -11.38 20.04 1.74
C GLY C 194 -10.80 20.79 0.56
N ALA C 195 -9.58 21.30 0.68
CA ALA C 195 -8.91 21.91 -0.46
C ALA C 195 -8.35 20.82 -1.38
N ASP C 196 -8.41 21.07 -2.69
CA ASP C 196 -8.02 20.08 -3.68
C ASP C 196 -7.25 20.75 -4.81
N VAL C 197 -6.22 20.05 -5.30
CA VAL C 197 -5.48 20.46 -6.49
C VAL C 197 -5.38 19.22 -7.36
N ILE C 198 -6.20 19.17 -8.41
CA ILE C 198 -6.35 17.97 -9.23
C ILE C 198 -5.85 18.26 -10.63
N ASP C 199 -4.87 17.48 -11.09
CA ASP C 199 -4.40 17.50 -12.47
C ASP C 199 -3.82 18.87 -12.86
N ILE C 200 -3.01 19.43 -11.98
CA ILE C 200 -2.40 20.73 -12.26
C ILE C 200 -1.37 20.59 -13.35
N ASP C 201 -1.27 21.61 -14.19
CA ASP C 201 -0.24 21.69 -15.23
C ASP C 201 0.69 22.84 -14.81
N ALA C 202 1.79 22.49 -14.15
CA ALA C 202 2.70 23.46 -13.55
C ALA C 202 4.08 23.34 -14.18
N ALA C 203 4.60 24.47 -14.67
CA ALA C 203 5.90 24.50 -15.31
C ALA C 203 6.41 25.93 -15.32
N THR C 204 7.60 26.15 -14.76
CA THR C 204 8.24 27.47 -14.81
C THR C 204 9.74 27.30 -14.97
N SER C 205 10.40 28.45 -15.13
CA SER C 205 11.85 28.54 -15.05
C SER C 205 12.32 29.34 -13.83
N ASN C 206 11.45 30.16 -13.25
CA ASN C 206 11.86 31.09 -12.21
C ASN C 206 11.06 31.00 -10.91
N ALA C 207 9.88 30.37 -10.93
CA ALA C 207 9.05 30.33 -9.74
C ALA C 207 9.61 29.36 -8.71
N ASP C 208 9.25 29.60 -7.44
CA ASP C 208 9.72 28.79 -6.33
C ASP C 208 8.83 27.58 -6.06
N TRP C 209 7.51 27.76 -6.07
CA TRP C 209 6.58 26.71 -5.73
C TRP C 209 5.46 26.63 -6.76
N ALA C 210 4.90 25.43 -6.92
CA ALA C 210 3.65 25.26 -7.66
C ALA C 210 2.46 25.42 -6.72
N VAL C 211 2.49 24.72 -5.59
CA VAL C 211 1.49 24.86 -4.54
C VAL C 211 2.24 25.16 -3.24
N PHE C 212 1.84 26.23 -2.56
CA PHE C 212 2.43 26.60 -1.28
C PHE C 212 1.32 26.91 -0.29
N ALA C 213 1.52 26.52 0.97
CA ALA C 213 0.53 26.75 2.00
C ALA C 213 1.22 26.99 3.34
N PHE C 214 0.75 28.00 4.06
CA PHE C 214 1.19 28.22 5.43
C PHE C 214 0.05 28.82 6.24
N ASP C 215 0.22 28.78 7.57
CA ASP C 215 -0.86 29.12 8.49
C ASP C 215 -1.10 30.62 8.58
N GLU C 216 -0.06 31.45 8.44
CA GLU C 216 -0.16 32.89 8.63
C GLU C 216 -0.78 33.23 9.98
N GLY C 217 -0.40 32.46 11.01
CA GLY C 217 -0.80 32.71 12.36
C GLY C 217 -2.14 32.12 12.76
N TYR C 218 -2.86 31.50 11.83
CA TYR C 218 -4.18 30.94 12.11
C TYR C 218 -4.03 29.43 12.35
N ALA C 219 -4.15 29.01 13.60
CA ALA C 219 -4.13 27.59 13.92
C ALA C 219 -5.48 26.96 13.63
N GLY C 220 -5.45 25.70 13.21
CA GLY C 220 -6.66 24.98 12.93
C GLY C 220 -6.43 23.96 11.83
N GLN C 221 -7.55 23.38 11.38
CA GLN C 221 -7.52 22.40 10.32
C GLN C 221 -7.04 23.03 9.01
N ARG C 222 -6.14 22.32 8.31
CA ARG C 222 -5.60 22.76 7.03
C ARG C 222 -5.52 21.55 6.09
N ASP C 223 -6.68 21.07 5.67
CA ASP C 223 -6.76 19.84 4.89
C ASP C 223 -6.56 20.15 3.41
N LEU C 224 -5.51 19.57 2.81
CA LEU C 224 -5.20 19.75 1.41
C LEU C 224 -4.94 18.40 0.78
N GLU C 225 -5.49 18.18 -0.41
CA GLU C 225 -5.29 16.94 -1.16
C GLU C 225 -4.86 17.29 -2.57
N VAL C 226 -3.69 16.77 -2.97
CA VAL C 226 -3.15 16.97 -4.31
C VAL C 226 -3.20 15.63 -5.04
N THR C 227 -3.73 15.63 -6.26
CA THR C 227 -3.89 14.40 -7.03
C THR C 227 -3.44 14.63 -8.47
N ARG C 228 -2.41 13.91 -8.90
CA ARG C 228 -2.11 13.66 -10.31
C ARG C 228 -1.70 14.93 -11.06
N GLY C 229 -0.79 15.70 -10.47
CA GLY C 229 -0.32 16.90 -11.13
C GLY C 229 0.81 16.65 -12.13
N ASP C 230 1.27 17.75 -12.73
CA ASP C 230 2.48 17.76 -13.54
C ASP C 230 3.30 18.97 -13.10
N PHE C 231 4.49 18.73 -12.59
CA PHE C 231 5.32 19.77 -12.00
C PHE C 231 6.72 19.72 -12.61
N SER C 232 7.23 20.88 -13.03
CA SER C 232 8.55 20.92 -13.63
C SER C 232 9.24 22.25 -13.37
N GLY C 233 10.46 22.19 -12.84
CA GLY C 233 11.38 23.31 -12.86
C GLY C 233 11.34 24.24 -11.66
N TYR C 234 10.51 23.96 -10.66
CA TYR C 234 10.33 24.92 -9.57
C TYR C 234 11.57 24.97 -8.69
N LYS C 235 12.02 26.20 -8.39
CA LYS C 235 13.33 26.40 -7.79
C LYS C 235 13.38 25.93 -6.34
N ARG C 236 12.28 26.05 -5.61
CA ARG C 236 12.16 25.36 -4.33
C ARG C 236 11.44 24.05 -4.55
N TYR C 237 10.51 23.69 -3.68
CA TYR C 237 9.75 22.45 -3.85
C TYR C 237 8.50 22.69 -4.68
N SER C 238 8.13 21.67 -5.46
CA SER C 238 6.89 21.75 -6.22
C SER C 238 5.70 21.97 -5.30
N ILE C 239 5.63 21.19 -4.22
CA ILE C 239 4.57 21.32 -3.22
C ILE C 239 5.24 21.68 -1.90
N GLY C 240 4.99 22.90 -1.42
CA GLY C 240 5.50 23.34 -0.15
C GLY C 240 4.37 23.59 0.82
N VAL C 241 4.51 23.12 2.05
CA VAL C 241 3.40 23.08 2.99
C VAL C 241 3.96 23.29 4.39
N SER C 242 3.45 24.28 5.11
CA SER C 242 4.07 24.71 6.36
C SER C 242 3.02 25.11 7.39
N ASP C 243 3.33 24.82 8.65
CA ASP C 243 2.48 25.19 9.76
C ASP C 243 3.36 25.49 10.97
N GLU C 244 2.95 26.49 11.75
CA GLU C 244 3.68 26.92 12.92
C GLU C 244 2.95 26.72 14.25
N ASN C 245 1.67 26.34 14.21
CA ASN C 245 0.96 25.92 15.43
C ASN C 245 0.20 24.64 15.11
N PRO C 246 0.84 23.49 15.29
CA PRO C 246 0.23 22.22 14.85
C PRO C 246 -0.64 21.52 15.88
N SER C 247 -0.44 21.80 17.17
CA SER C 247 -1.18 21.08 18.20
C SER C 247 -2.68 21.28 18.05
N GLY C 248 -3.10 22.49 17.69
CA GLY C 248 -4.50 22.76 17.49
C GLY C 248 -4.91 22.66 16.03
N GLU C 249 -4.76 21.48 15.43
CA GLU C 249 -5.22 21.24 14.08
C GLU C 249 -6.68 20.81 14.03
N ASP C 250 -7.40 20.94 15.15
CA ASP C 250 -8.87 20.84 15.22
C ASP C 250 -9.31 19.49 14.66
N ARG C 251 -10.27 19.45 13.74
CA ARG C 251 -10.87 18.21 13.25
C ARG C 251 -10.25 17.74 11.95
N GLY C 252 -8.99 18.08 11.69
CA GLY C 252 -8.37 17.86 10.39
C GLY C 252 -7.19 16.91 10.45
N PHE C 253 -6.92 16.26 9.32
CA PHE C 253 -5.80 15.32 9.22
C PHE C 253 -4.50 16.02 8.85
N GLY C 254 -4.42 16.52 7.62
CA GLY C 254 -3.20 17.11 7.11
C GLY C 254 -3.20 17.22 5.60
N VAL C 255 -2.08 16.86 4.97
CA VAL C 255 -1.90 16.99 3.52
C VAL C 255 -1.83 15.60 2.91
N LYS C 256 -2.55 15.40 1.81
CA LYS C 256 -2.52 14.16 1.06
C LYS C 256 -2.01 14.45 -0.35
N ILE C 257 -1.05 13.66 -0.81
CA ILE C 257 -0.52 13.75 -2.16
C ILE C 257 -0.59 12.37 -2.78
N ASN C 258 -1.36 12.23 -3.86
CA ASN C 258 -1.75 10.94 -4.40
C ASN C 258 -1.27 10.75 -5.83
N GLY C 259 -0.05 11.20 -6.13
CA GLY C 259 0.51 10.97 -7.44
C GLY C 259 1.14 12.19 -8.06
N GLY C 260 1.04 12.28 -9.39
CA GLY C 260 1.70 13.34 -10.12
C GLY C 260 3.15 13.01 -10.44
N HIS C 261 3.68 13.71 -11.44
CA HIS C 261 5.07 13.55 -11.85
C HIS C 261 5.78 14.89 -11.70
N HIS C 262 6.92 14.87 -11.00
CA HIS C 262 7.76 16.04 -10.79
C HIS C 262 9.06 15.89 -11.56
N LYS C 263 9.64 17.02 -11.96
CA LYS C 263 10.92 16.97 -12.64
C LYS C 263 11.61 18.33 -12.55
N ASN C 264 12.95 18.29 -12.53
CA ASN C 264 13.80 19.49 -12.62
C ASN C 264 13.55 20.45 -11.45
N ALA C 265 13.14 19.93 -10.31
CA ALA C 265 12.92 20.77 -9.13
C ALA C 265 14.25 21.15 -8.50
N GLY C 266 14.35 22.39 -8.04
CA GLY C 266 15.55 22.87 -7.41
C GLY C 266 15.93 22.11 -6.15
N LEU C 267 15.04 22.11 -5.16
CA LEU C 267 15.30 21.43 -3.89
C LEU C 267 14.60 20.09 -3.78
N GLY C 268 13.37 19.98 -4.29
CA GLY C 268 12.67 18.71 -4.21
C GLY C 268 11.24 18.86 -4.68
N ALA C 269 10.49 17.78 -4.48
CA ALA C 269 9.11 17.74 -4.94
C ALA C 269 8.12 18.11 -3.85
N VAL C 270 8.37 17.69 -2.61
CA VAL C 270 7.44 17.89 -1.50
C VAL C 270 8.22 18.33 -0.26
N LYS C 271 7.79 19.44 0.33
CA LYS C 271 8.29 19.87 1.64
C LYS C 271 7.12 20.02 2.60
N VAL C 272 7.27 19.48 3.81
CA VAL C 272 6.27 19.60 4.86
C VAL C 272 6.97 20.01 6.15
N LYS C 273 6.40 20.99 6.85
CA LYS C 273 6.91 21.40 8.16
C LYS C 273 5.76 21.42 9.15
N ASN C 274 5.76 20.46 10.07
CA ASN C 274 4.91 20.47 11.26
C ASN C 274 3.42 20.31 10.93
N TYR C 275 3.12 19.46 9.95
CA TYR C 275 1.74 19.07 9.71
C TYR C 275 1.40 17.85 10.55
N ARG C 276 0.17 17.82 11.07
CA ARG C 276 -0.23 16.71 11.94
C ARG C 276 -0.24 15.39 11.17
N GLY C 277 -0.63 15.43 9.89
CA GLY C 277 -0.64 14.24 9.08
C GLY C 277 -0.07 14.48 7.70
N VAL C 278 0.71 13.51 7.21
CA VAL C 278 1.27 13.55 5.87
C VAL C 278 1.00 12.20 5.21
N LEU C 279 0.35 12.23 4.05
CA LEU C 279 0.05 11.03 3.28
C LEU C 279 0.51 11.25 1.85
N ILE C 280 1.57 10.55 1.45
CA ILE C 280 2.13 10.64 0.11
C ILE C 280 2.11 9.23 -0.50
N GLN C 281 1.54 9.10 -1.69
CA GLN C 281 1.41 7.79 -2.31
C GLN C 281 1.44 7.92 -3.83
N GLY C 282 2.25 7.09 -4.48
CA GLY C 282 2.24 6.99 -5.93
C GLY C 282 2.92 8.13 -6.66
N VAL C 283 3.68 8.96 -5.96
CA VAL C 283 4.35 10.09 -6.60
C VAL C 283 5.63 9.62 -7.25
N THR C 284 5.86 10.06 -8.49
CA THR C 284 7.07 9.76 -9.22
C THR C 284 7.79 11.07 -9.54
N THR C 285 9.12 11.06 -9.35
CA THR C 285 9.95 12.24 -9.59
C THR C 285 11.15 11.85 -10.42
N ASP C 286 11.70 12.84 -11.13
CA ASP C 286 12.86 12.64 -11.97
C ASP C 286 13.69 13.91 -12.00
N ASN C 287 14.97 13.81 -11.68
CA ASN C 287 15.89 14.95 -11.71
C ASN C 287 15.42 16.08 -10.79
N CYS C 288 15.05 15.71 -9.56
CA CYS C 288 14.60 16.68 -8.58
C CYS C 288 15.66 16.85 -7.49
N GLY C 289 15.72 18.06 -6.93
CA GLY C 289 16.78 18.40 -6.01
C GLY C 289 18.10 18.66 -6.69
N ILE C 290 18.07 19.28 -7.88
CA ILE C 290 19.27 19.41 -8.72
C ILE C 290 19.92 20.78 -8.62
N VAL C 291 19.29 21.74 -7.98
CA VAL C 291 19.91 23.07 -7.81
C VAL C 291 19.99 23.36 -6.33
N PRO C 292 21.07 22.96 -5.66
CA PRO C 292 21.21 23.28 -4.24
C PRO C 292 21.24 24.78 -3.99
N ILE C 293 20.88 25.16 -2.78
CA ILE C 293 20.81 26.57 -2.39
C ILE C 293 21.63 26.73 -1.11
N ALA C 294 22.65 27.57 -1.17
CA ALA C 294 23.48 27.82 0.00
C ALA C 294 22.63 28.43 1.11
N GLY C 295 22.84 27.95 2.33
CA GLY C 295 22.02 28.33 3.46
C GLY C 295 20.80 27.46 3.68
N ILE C 296 20.53 26.50 2.79
CA ILE C 296 19.44 25.56 2.97
C ILE C 296 19.97 24.14 2.82
N SER C 297 20.50 23.83 1.64
CA SER C 297 20.91 22.47 1.32
C SER C 297 22.03 21.95 2.20
N ASN C 298 22.85 22.84 2.76
CA ASN C 298 23.96 22.46 3.61
C ASN C 298 23.68 22.67 5.09
N THR C 299 22.41 22.71 5.49
CA THR C 299 22.02 22.85 6.88
C THR C 299 21.24 21.64 7.39
N GLY C 300 21.24 20.53 6.64
CA GLY C 300 20.46 19.37 6.97
C GLY C 300 19.18 19.23 6.15
N GLU C 301 18.66 20.32 5.62
CA GLU C 301 17.47 20.27 4.77
C GLU C 301 17.88 19.79 3.39
N SER C 302 17.58 18.52 3.09
CA SER C 302 17.89 17.94 1.80
C SER C 302 16.95 16.78 1.56
N GLY C 303 16.65 16.53 0.29
CA GLY C 303 15.74 15.46 -0.08
C GLY C 303 14.59 15.92 -0.95
N THR C 304 14.37 15.23 -2.07
CA THR C 304 13.23 15.56 -2.92
C THR C 304 11.90 15.35 -2.18
N PHE C 305 11.88 14.50 -1.17
CA PHE C 305 10.86 14.50 -0.13
C PHE C 305 11.53 14.96 1.17
N TYR C 306 11.12 16.11 1.69
CA TYR C 306 11.65 16.62 2.95
C TYR C 306 10.48 16.85 3.90
N ILE C 307 10.27 15.92 4.83
CA ILE C 307 9.18 15.98 5.79
C ILE C 307 9.79 16.25 7.16
N ASN C 308 9.55 17.44 7.69
CA ASN C 308 10.17 17.89 8.92
C ASN C 308 9.13 17.99 10.03
N SER C 309 9.29 17.16 11.07
CA SER C 309 8.54 17.27 12.32
C SER C 309 7.03 17.14 12.10
N ALA C 310 6.64 16.26 11.19
CA ALA C 310 5.23 15.92 11.05
C ALA C 310 4.85 14.87 12.09
N GLY C 311 3.60 14.94 12.54
CA GLY C 311 3.14 14.01 13.56
C GLY C 311 2.86 12.61 13.05
N LEU C 312 2.63 12.46 11.76
CA LEU C 312 2.30 11.18 11.16
C LEU C 312 2.79 11.21 9.71
N VAL C 313 3.54 10.20 9.30
CA VAL C 313 4.10 10.15 7.96
C VAL C 313 3.88 8.75 7.40
N ASP C 314 3.15 8.69 6.29
CA ASP C 314 2.97 7.47 5.51
C ASP C 314 3.30 7.80 4.06
N ILE C 315 4.43 7.31 3.57
CA ILE C 315 4.81 7.48 2.18
C ILE C 315 5.03 6.09 1.58
N GLY C 316 4.37 5.82 0.47
CA GLY C 316 4.40 4.50 -0.12
C GLY C 316 4.16 4.56 -1.62
N GLY C 317 4.75 3.60 -2.33
CA GLY C 317 4.55 3.51 -3.77
C GLY C 317 5.17 4.63 -4.57
N CYS C 318 6.14 5.35 -4.01
CA CYS C 318 6.78 6.47 -4.67
C CYS C 318 8.10 6.03 -5.31
N LYS C 319 8.33 6.48 -6.54
CA LYS C 319 9.52 6.13 -7.30
C LYS C 319 10.28 7.41 -7.62
N LEU C 320 11.42 7.62 -6.95
CA LEU C 320 12.20 8.84 -7.06
C LEU C 320 13.47 8.52 -7.84
N ARG C 321 13.60 9.12 -9.02
CA ARG C 321 14.70 8.83 -9.93
C ARG C 321 15.61 10.04 -10.09
N ASP C 322 16.93 9.78 -10.03
CA ASP C 322 17.96 10.78 -10.31
C ASP C 322 17.81 12.01 -9.43
N ASN C 323 17.84 11.78 -8.12
CA ASN C 323 17.77 12.88 -7.17
C ASN C 323 19.13 13.56 -7.07
N GLY C 324 19.14 14.89 -7.17
CA GLY C 324 20.40 15.61 -7.08
C GLY C 324 21.00 15.64 -5.69
N MET C 325 20.18 15.49 -4.65
CA MET C 325 20.68 15.74 -3.31
C MET C 325 20.36 14.60 -2.34
N ASP C 326 19.11 14.46 -1.92
CA ASP C 326 18.73 13.33 -1.07
C ASP C 326 17.41 12.76 -1.57
N GLY C 327 17.12 11.53 -1.13
CA GLY C 327 15.91 10.86 -1.55
C GLY C 327 14.69 11.24 -0.72
N ILE C 328 14.35 10.39 0.25
CA ILE C 328 13.25 10.64 1.17
C ILE C 328 13.84 10.97 2.53
N THR C 329 13.49 12.14 3.05
CA THR C 329 14.01 12.63 4.33
C THR C 329 12.84 12.88 5.26
N VAL C 330 12.83 12.19 6.40
CA VAL C 330 11.79 12.33 7.41
C VAL C 330 12.47 12.63 8.74
N ILE C 331 12.23 13.83 9.29
CA ILE C 331 12.94 14.31 10.46
C ILE C 331 11.95 14.79 11.52
N GLN C 332 12.37 14.69 12.78
CA GLN C 332 11.58 15.15 13.92
C GLN C 332 12.48 15.78 14.96
N GLY C 333 12.13 16.99 15.39
CA GLY C 333 12.87 17.66 16.46
C GLY C 333 12.23 17.43 17.81
N ALA C 334 12.03 18.50 18.59
CA ALA C 334 11.36 18.40 19.87
C ALA C 334 10.84 19.75 20.34
N ALA C 345 0.39 13.73 16.89
CA ALA C 345 1.41 14.08 17.87
C ALA C 345 2.62 13.16 17.77
N ARG C 346 2.46 11.91 18.18
CA ARG C 346 3.55 10.94 18.25
C ARG C 346 3.17 9.66 17.50
N ASN C 347 2.66 9.82 16.29
CA ASN C 347 2.10 8.69 15.55
C ASN C 347 3.15 8.10 14.60
N GLN C 348 2.71 7.18 13.75
CA GLN C 348 3.61 6.30 13.02
C GLN C 348 4.40 7.06 11.95
N TYR C 349 5.59 6.54 11.66
CA TYR C 349 6.41 6.92 10.52
C TYR C 349 6.58 5.67 9.67
N ILE C 350 5.80 5.54 8.60
CA ILE C 350 5.88 4.39 7.71
C ILE C 350 6.45 4.83 6.37
N VAL C 351 7.54 4.20 5.96
CA VAL C 351 8.09 4.37 4.62
C VAL C 351 8.14 2.97 4.01
N HIS C 352 7.34 2.74 2.98
CA HIS C 352 7.15 1.39 2.48
C HIS C 352 6.97 1.41 0.96
N ASP C 353 7.45 0.34 0.31
CA ASP C 353 7.21 0.10 -1.11
C ASP C 353 7.67 1.26 -1.99
N ASN C 354 8.74 1.94 -1.58
CA ASN C 354 9.30 3.03 -2.36
C ASN C 354 10.56 2.58 -3.09
N GLN C 355 11.00 3.40 -4.04
CA GLN C 355 12.19 3.10 -4.83
C GLN C 355 12.98 4.38 -5.08
N ILE C 356 14.28 4.33 -4.76
CA ILE C 356 15.23 5.34 -5.18
C ILE C 356 16.07 4.76 -6.31
N ASP C 357 16.13 5.47 -7.44
CA ASP C 357 16.92 5.02 -8.58
C ASP C 357 18.25 5.73 -8.71
N GLY C 358 18.35 6.97 -8.26
CA GLY C 358 19.60 7.70 -8.31
C GLY C 358 19.64 8.75 -7.22
N CYS C 359 20.85 9.04 -6.75
CA CYS C 359 21.01 9.99 -5.67
C CYS C 359 22.33 10.73 -5.80
N GLY C 360 22.35 11.97 -5.31
CA GLY C 360 23.56 12.77 -5.30
C GLY C 360 24.11 13.09 -6.67
N THR C 361 23.24 13.24 -7.67
CA THR C 361 23.71 13.54 -9.02
C THR C 361 24.31 14.94 -9.12
N ALA C 362 23.92 15.86 -8.23
CA ALA C 362 24.45 17.21 -8.24
C ALA C 362 25.81 17.32 -7.55
N SER C 363 26.30 16.23 -6.95
CA SER C 363 27.61 16.19 -6.31
C SER C 363 27.75 17.24 -5.21
N TYR C 364 26.62 17.63 -4.62
CA TYR C 364 26.65 18.53 -3.46
C TYR C 364 27.19 17.79 -2.25
N ALA C 365 27.89 18.53 -1.38
CA ALA C 365 28.61 17.93 -0.28
C ALA C 365 27.66 17.52 0.85
N GLY C 366 28.04 16.47 1.57
CA GLY C 366 27.24 15.95 2.68
C GLY C 366 25.86 15.51 2.25
N THR C 367 25.76 14.81 1.13
CA THR C 367 24.51 14.77 0.39
C THR C 367 24.58 13.65 -0.63
N GLY C 368 23.47 12.91 -0.78
CA GLY C 368 23.45 11.75 -1.65
C GLY C 368 22.78 10.55 -1.03
N THR C 369 22.08 10.77 0.08
CA THR C 369 21.47 9.69 0.85
C THR C 369 20.07 9.39 0.33
N GLY C 370 19.80 8.11 0.09
CA GLY C 370 18.51 7.67 -0.42
C GLY C 370 17.39 7.73 0.61
N PHE C 371 17.66 7.24 1.82
CA PHE C 371 16.68 7.23 2.91
C PHE C 371 17.27 7.93 4.12
N ARG C 372 16.62 8.99 4.58
CA ARG C 372 17.01 9.71 5.78
C ARG C 372 15.82 9.67 6.74
N ILE C 373 15.92 8.81 7.75
CA ILE C 373 14.83 8.58 8.70
C ILE C 373 15.34 8.93 10.09
N LYS C 374 14.86 10.06 10.61
CA LYS C 374 15.15 10.52 11.98
C LYS C 374 13.81 10.59 12.70
N SER C 375 13.45 9.50 13.39
CA SER C 375 12.07 9.34 13.86
C SER C 375 11.82 9.94 15.24
N GLY C 376 12.80 9.87 16.14
CA GLY C 376 12.58 10.33 17.50
C GLY C 376 11.51 9.54 18.25
N VAL C 377 10.44 10.23 18.64
CA VAL C 377 9.38 9.58 19.39
C VAL C 377 8.51 8.69 18.50
N HIS C 378 8.47 8.96 17.20
CA HIS C 378 7.68 8.15 16.29
C HIS C 378 8.31 6.78 16.10
N GLN C 379 7.49 5.73 16.18
CA GLN C 379 7.95 4.37 15.89
C GLN C 379 7.97 4.19 14.38
N ALA C 380 9.17 4.04 13.82
CA ALA C 380 9.39 4.07 12.37
C ALA C 380 9.43 2.67 11.78
N PHE C 381 8.90 2.53 10.57
CA PHE C 381 8.84 1.25 9.87
C PHE C 381 9.39 1.44 8.46
N LEU C 382 10.39 0.62 8.09
CA LEU C 382 11.00 0.61 6.77
C LEU C 382 10.70 -0.76 6.16
N THR C 383 9.76 -0.81 5.23
CA THR C 383 9.26 -2.09 4.70
C THR C 383 9.30 -2.08 3.19
N ASN C 384 10.02 -3.04 2.62
CA ASN C 384 9.94 -3.36 1.19
C ASN C 384 10.32 -2.18 0.30
N ASN C 385 11.32 -1.42 0.72
CA ASN C 385 11.87 -0.35 -0.10
C ASN C 385 13.14 -0.83 -0.78
N SER C 386 13.52 -0.14 -1.86
CA SER C 386 14.78 -0.41 -2.54
C SER C 386 15.39 0.91 -2.99
N ALA C 387 16.71 0.91 -3.11
CA ALA C 387 17.44 2.12 -3.50
C ALA C 387 18.67 1.72 -4.30
N ARG C 388 18.93 2.46 -5.37
CA ARG C 388 20.08 2.25 -6.23
C ARG C 388 20.76 3.59 -6.49
N GLY C 389 22.02 3.51 -6.94
CA GLY C 389 22.75 4.70 -7.36
C GLY C 389 22.95 5.74 -6.27
N CYS C 390 23.09 5.31 -5.03
CA CYS C 390 23.29 6.25 -3.93
C CYS C 390 24.77 6.47 -3.68
N THR C 391 25.16 7.72 -3.51
CA THR C 391 26.40 8.06 -2.85
C THR C 391 26.08 8.18 -1.36
N ARG C 392 27.05 8.62 -0.55
CA ARG C 392 26.84 8.76 0.88
C ARG C 392 26.31 7.46 1.50
N PHE C 393 25.12 7.49 2.09
CA PHE C 393 24.49 6.32 2.68
C PHE C 393 23.22 5.97 1.90
N VAL C 394 22.97 4.67 1.74
CA VAL C 394 21.70 4.25 1.13
C VAL C 394 20.55 4.55 2.08
N ALA C 395 20.73 4.27 3.37
CA ALA C 395 19.73 4.61 4.38
C ALA C 395 20.45 4.96 5.67
N GLU C 396 20.31 6.20 6.13
CA GLU C 396 20.85 6.59 7.42
C GLU C 396 19.70 6.80 8.40
N LEU C 397 19.77 6.11 9.54
CA LEU C 397 18.71 6.08 10.53
C LEU C 397 19.15 6.82 11.78
N GLY C 398 18.24 7.63 12.34
CA GLY C 398 18.57 8.44 13.49
C GLY C 398 19.67 9.42 13.20
N ASN C 399 20.83 9.22 13.83
CA ASN C 399 21.99 10.09 13.65
C ASN C 399 21.66 11.54 14.02
N ASP C 400 21.15 11.72 15.23
CA ASP C 400 20.94 13.03 15.82
C ASP C 400 21.42 13.01 17.27
N PRO C 401 22.54 13.66 17.58
CA PRO C 401 22.96 13.74 18.99
C PRO C 401 21.96 14.48 19.85
N SER C 402 21.14 15.34 19.24
CA SER C 402 20.02 15.97 19.93
C SER C 402 19.02 14.90 20.37
N ASN C 403 18.28 14.35 19.41
CA ASN C 403 17.06 13.61 19.66
C ASN C 403 17.25 12.12 19.35
N ILE C 404 17.10 11.29 20.38
CA ILE C 404 17.21 9.84 20.19
C ILE C 404 16.02 9.33 19.38
N SER C 405 16.31 8.44 18.43
CA SER C 405 15.25 7.71 17.74
C SER C 405 14.95 6.44 18.53
N GLU C 406 13.69 6.29 18.95
CA GLU C 406 13.38 5.27 19.96
C GLU C 406 13.27 3.88 19.35
N THR C 407 12.50 3.73 18.27
CA THR C 407 12.32 2.43 17.65
C THR C 407 12.26 2.57 16.14
N ILE C 408 13.18 1.90 15.45
CA ILE C 408 13.18 1.79 13.99
C ILE C 408 13.32 0.32 13.65
N THR C 409 12.39 -0.22 12.86
CA THR C 409 12.40 -1.62 12.47
C THR C 409 12.37 -1.72 10.96
N VAL C 410 13.29 -2.51 10.41
CA VAL C 410 13.63 -2.50 8.98
C VAL C 410 13.39 -3.90 8.44
N ILE C 411 12.38 -4.05 7.59
CA ILE C 411 11.93 -5.35 7.12
C ILE C 411 11.99 -5.39 5.59
N GLY C 412 12.69 -6.39 5.06
CA GLY C 412 12.58 -6.74 3.65
C GLY C 412 12.94 -5.66 2.66
N ASN C 413 13.99 -4.91 2.94
CA ASN C 413 14.46 -3.87 2.03
C ASN C 413 15.67 -4.36 1.24
N ASP C 414 15.86 -3.76 0.06
CA ASP C 414 16.94 -4.14 -0.85
C ASP C 414 17.78 -2.91 -1.13
N PHE C 415 18.98 -2.85 -0.53
CA PHE C 415 19.89 -1.74 -0.73
C PHE C 415 21.15 -2.15 -1.48
N SER C 416 21.08 -3.22 -2.26
CA SER C 416 22.25 -3.79 -2.91
C SER C 416 22.69 -2.97 -4.12
N GLN C 417 23.93 -3.21 -4.55
CA GLN C 417 24.50 -2.67 -5.78
C GLN C 417 24.59 -1.15 -5.77
N ASN C 418 24.82 -0.55 -4.61
CA ASN C 418 25.16 0.86 -4.50
C ASN C 418 26.66 1.00 -4.32
N LEU C 419 27.37 0.77 -5.43
CA LEU C 419 28.84 0.69 -5.38
C LEU C 419 29.48 2.00 -4.92
N SER C 420 28.85 3.14 -5.22
CA SER C 420 29.41 4.43 -4.89
C SER C 420 29.07 4.92 -3.49
N ALA C 421 28.36 4.12 -2.70
CA ALA C 421 27.97 4.50 -1.36
C ALA C 421 29.04 4.07 -0.35
N THR C 422 29.12 4.83 0.75
CA THR C 422 30.05 4.49 1.83
C THR C 422 29.43 3.54 2.84
N ASN C 423 28.13 3.62 3.07
CA ASN C 423 27.41 2.70 3.94
C ASN C 423 26.08 2.34 3.30
N GLY C 424 25.69 1.07 3.44
CA GLY C 424 24.34 0.69 3.09
C GLY C 424 23.38 1.26 4.11
N ILE C 425 23.59 0.93 5.38
CA ILE C 425 22.84 1.48 6.49
C ILE C 425 23.82 2.13 7.46
N TYR C 426 23.58 3.40 7.77
CA TYR C 426 24.33 4.12 8.80
C TYR C 426 23.35 4.48 9.91
N ALA C 427 23.36 3.71 10.99
CA ALA C 427 22.43 3.88 12.09
C ALA C 427 23.15 4.45 13.31
N ARG C 428 22.52 5.42 13.97
CA ARG C 428 23.16 6.07 15.10
C ARG C 428 22.10 6.68 16.02
N TYR C 429 22.40 6.68 17.31
CA TYR C 429 21.55 7.32 18.33
C TYR C 429 20.14 6.76 18.31
N ILE C 430 20.03 5.45 18.15
CA ILE C 430 18.75 4.75 18.19
C ILE C 430 18.72 3.91 19.46
N ASN C 431 17.51 3.77 20.04
CA ASN C 431 17.38 2.95 21.23
C ASN C 431 17.18 1.48 20.88
N ARG C 432 16.39 1.19 19.85
CA ARG C 432 16.10 -0.19 19.46
C ARG C 432 15.99 -0.26 17.95
N LEU C 433 16.86 -1.05 17.33
CA LEU C 433 16.89 -1.23 15.88
C LEU C 433 16.60 -2.70 15.58
N LYS C 434 15.44 -2.96 14.97
CA LYS C 434 15.03 -4.31 14.58
C LYS C 434 15.18 -4.45 13.08
N MET C 435 15.84 -5.53 12.65
CA MET C 435 16.04 -5.77 11.23
C MET C 435 15.88 -7.25 10.92
N ASP C 436 15.23 -7.54 9.79
CA ASP C 436 15.18 -8.89 9.25
C ASP C 436 14.80 -8.81 7.79
N MET C 437 15.23 -9.82 7.02
CA MET C 437 14.82 -10.03 5.63
C MET C 437 15.37 -8.99 4.68
N ASN C 438 16.40 -8.24 5.08
CA ASN C 438 16.99 -7.22 4.24
C ASN C 438 18.10 -7.82 3.37
N GLN C 439 18.32 -7.21 2.22
CA GLN C 439 19.29 -7.68 1.24
C GLN C 439 20.19 -6.52 0.85
N ILE C 440 21.45 -6.55 1.30
CA ILE C 440 22.44 -5.51 1.00
C ILE C 440 23.73 -6.21 0.61
N GLU C 441 23.96 -6.35 -0.69
CA GLU C 441 25.21 -6.89 -1.23
C GLU C 441 25.87 -5.84 -2.11
N ASN C 442 27.19 -5.76 -2.03
CA ASN C 442 28.00 -4.92 -2.92
C ASN C 442 27.68 -3.44 -2.77
N THR C 443 27.59 -2.98 -1.51
CA THR C 443 27.46 -1.55 -1.22
C THR C 443 28.24 -1.21 0.04
N GLY C 444 28.97 -0.10 -0.03
CA GLY C 444 29.60 0.51 1.13
C GLY C 444 30.98 -0.04 1.42
N ALA C 445 31.79 0.79 2.08
CA ALA C 445 32.99 0.29 2.73
C ALA C 445 32.61 -0.59 3.92
N GLN C 446 31.62 -0.17 4.69
CA GLN C 446 30.91 -1.04 5.62
C GLN C 446 29.47 -1.15 5.15
N VAL C 447 29.00 -2.37 4.92
CA VAL C 447 27.63 -2.58 4.48
C VAL C 447 26.66 -1.93 5.47
N VAL C 448 26.81 -2.25 6.75
CA VAL C 448 25.98 -1.67 7.80
C VAL C 448 26.89 -1.24 8.94
N TYR C 449 26.72 0.00 9.40
CA TYR C 449 27.55 0.61 10.43
C TYR C 449 26.63 1.26 11.46
N GLY C 450 26.60 0.70 12.66
CA GLY C 450 25.75 1.20 13.74
C GLY C 450 26.57 1.74 14.88
N LEU C 451 26.13 2.88 15.43
CA LEU C 451 26.84 3.54 16.51
C LEU C 451 25.86 3.99 17.58
N ASP C 452 26.24 3.80 18.85
CA ASP C 452 25.50 4.33 19.99
C ASP C 452 24.03 3.88 19.93
N ILE C 453 23.83 2.58 19.73
CA ILE C 453 22.51 1.97 19.70
C ILE C 453 22.39 1.03 20.89
N ASP C 454 21.32 1.17 21.67
CA ASP C 454 21.18 0.35 22.86
C ASP C 454 20.92 -1.11 22.51
N THR C 455 19.91 -1.37 21.70
CA THR C 455 19.54 -2.74 21.34
C THR C 455 19.46 -2.87 19.83
N VAL C 456 20.19 -3.83 19.28
CA VAL C 456 20.18 -4.13 17.85
C VAL C 456 19.74 -5.58 17.66
N TYR C 457 18.85 -5.82 16.71
CA TYR C 457 18.45 -7.16 16.32
C TYR C 457 18.52 -7.28 14.81
N SER C 458 19.23 -8.31 14.33
CA SER C 458 19.35 -8.59 12.90
C SER C 458 18.97 -10.05 12.69
N GLY C 459 17.78 -10.27 12.11
CA GLY C 459 17.21 -11.58 12.01
C GLY C 459 17.95 -12.51 11.07
N PRO C 460 17.57 -13.79 11.09
CA PRO C 460 18.25 -14.80 10.25
C PRO C 460 18.03 -14.59 8.76
N GLY C 461 17.06 -13.77 8.35
CA GLY C 461 16.88 -13.43 6.96
C GLY C 461 17.68 -12.25 6.47
N ASP C 462 18.35 -11.55 7.38
CA ASP C 462 19.22 -10.44 6.99
C ASP C 462 20.43 -10.95 6.22
N ARG C 463 20.83 -10.21 5.20
CA ARG C 463 22.03 -10.51 4.43
C ARG C 463 22.80 -9.21 4.22
N PHE C 464 23.92 -9.06 4.92
CA PHE C 464 24.80 -7.89 4.79
C PHE C 464 26.19 -8.42 4.47
N GLY C 465 26.61 -8.33 3.21
CA GLY C 465 27.91 -8.85 2.84
C GLY C 465 28.42 -8.27 1.53
N ASN C 466 29.64 -8.68 1.19
CA ASN C 466 30.34 -8.29 -0.03
C ASN C 466 30.65 -6.80 -0.03
N ASN C 467 31.79 -6.44 0.57
CA ASN C 467 32.25 -5.07 0.67
C ASN C 467 32.63 -4.51 -0.71
N THR C 468 32.91 -3.21 -0.73
CA THR C 468 33.63 -2.56 -1.82
C THR C 468 35.02 -2.09 -1.39
N VAL C 469 35.34 -2.19 -0.10
CA VAL C 469 36.63 -1.82 0.46
C VAL C 469 37.10 -2.96 1.33
N ALA C 470 38.42 -3.09 1.48
CA ALA C 470 38.95 -4.06 2.42
C ALA C 470 38.61 -3.64 3.85
N ASP C 471 37.34 -3.76 4.22
CA ASP C 471 36.86 -3.24 5.49
C ASP C 471 35.94 -4.25 6.18
N PHE C 472 35.00 -3.77 6.99
CA PHE C 472 34.12 -4.62 7.76
C PHE C 472 32.74 -4.68 7.12
N HIS C 473 32.22 -5.90 6.93
CA HIS C 473 30.85 -6.06 6.45
C HIS C 473 29.86 -5.35 7.37
N VAL C 474 29.87 -5.73 8.65
CA VAL C 474 29.02 -5.13 9.67
C VAL C 474 29.91 -4.64 10.80
N ARG C 475 29.75 -3.37 11.18
CA ARG C 475 30.54 -2.78 12.25
C ARG C 475 29.62 -2.04 13.22
N PHE C 476 29.92 -2.17 14.50
CA PHE C 476 29.14 -1.52 15.55
C PHE C 476 30.05 -0.83 16.54
N ASP C 477 29.73 0.42 16.86
CA ASP C 477 30.52 1.24 17.78
C ASP C 477 29.67 1.56 19.01
N SER C 478 30.15 1.15 20.18
CA SER C 478 29.56 1.56 21.46
C SER C 478 28.09 1.18 21.58
N CYS C 479 27.74 -0.01 21.09
CA CYS C 479 26.39 -0.54 21.21
C CYS C 479 26.32 -1.56 22.34
N ARG C 480 25.17 -1.63 23.00
CA ARG C 480 25.07 -2.36 24.26
C ARG C 480 24.59 -3.80 24.09
N ASP C 481 23.51 -4.00 23.35
CA ASP C 481 22.87 -5.32 23.23
C ASP C 481 22.72 -5.64 21.75
N LEU C 482 23.51 -6.58 21.25
CA LEU C 482 23.58 -6.87 19.83
C LEU C 482 23.24 -8.34 19.58
N THR C 483 22.20 -8.58 18.79
CA THR C 483 21.78 -9.92 18.40
C THR C 483 21.87 -10.01 16.88
N LEU C 484 22.78 -10.85 16.38
CA LEU C 484 23.10 -10.92 14.96
C LEU C 484 22.98 -12.37 14.50
N LEU C 485 21.87 -12.68 13.83
CA LEU C 485 21.56 -14.04 13.40
C LEU C 485 21.58 -14.22 11.89
N GLY C 486 21.93 -13.19 11.13
CA GLY C 486 21.85 -13.22 9.68
C GLY C 486 23.15 -13.63 9.01
N ASP C 487 23.14 -13.52 7.69
CA ASP C 487 24.29 -13.88 6.86
C ASP C 487 25.15 -12.64 6.61
N TYR C 488 26.29 -12.59 7.27
CA TYR C 488 27.25 -11.50 7.08
C TYR C 488 28.54 -11.99 6.42
N SER C 489 28.43 -13.03 5.61
CA SER C 489 29.58 -13.65 4.97
C SER C 489 29.92 -12.96 3.66
N SER C 490 31.11 -13.27 3.15
CA SER C 490 31.47 -12.93 1.78
C SER C 490 30.99 -14.04 0.86
N THR C 491 30.44 -13.66 -0.29
CA THR C 491 30.03 -14.64 -1.28
C THR C 491 31.26 -15.36 -1.83
N ASP C 492 31.23 -16.70 -1.79
CA ASP C 492 32.33 -17.51 -2.31
C ASP C 492 32.04 -17.82 -3.77
N TYR C 493 32.38 -16.86 -4.63
CA TYR C 493 32.14 -17.01 -6.06
C TYR C 493 32.94 -18.16 -6.62
N THR C 494 32.33 -18.92 -7.53
CA THR C 494 33.06 -19.90 -8.32
C THR C 494 33.86 -19.19 -9.40
N GLN C 495 35.01 -19.77 -9.74
CA GLN C 495 35.98 -19.07 -10.56
C GLN C 495 35.59 -19.07 -12.05
N TRP C 496 36.00 -18.00 -12.73
CA TRP C 496 35.85 -17.92 -14.18
C TRP C 496 36.87 -18.81 -14.87
N VAL C 497 36.40 -19.67 -15.77
CA VAL C 497 37.25 -20.65 -16.46
C VAL C 497 36.90 -20.66 -17.94
N THR C 498 37.91 -20.89 -18.78
CA THR C 498 37.73 -20.92 -20.22
C THR C 498 36.93 -22.15 -20.65
N ALA C 499 36.07 -21.97 -21.66
CA ALA C 499 35.37 -23.05 -22.35
C ALA C 499 34.38 -23.79 -21.44
N THR C 500 33.52 -23.01 -20.77
CA THR C 500 32.47 -23.57 -19.93
C THR C 500 31.20 -22.77 -20.12
N ALA C 501 30.08 -23.47 -20.34
CA ALA C 501 28.81 -22.81 -20.58
C ALA C 501 28.28 -22.16 -19.31
N VAL C 502 27.76 -20.95 -19.46
CA VAL C 502 27.23 -20.18 -18.33
C VAL C 502 25.86 -19.62 -18.68
N PRO C 503 24.89 -19.67 -17.78
CA PRO C 503 23.60 -19.03 -18.02
C PRO C 503 23.60 -17.58 -17.55
N VAL C 504 22.85 -16.75 -18.28
CA VAL C 504 22.80 -15.32 -17.93
C VAL C 504 22.22 -15.17 -16.54
N GLY C 505 22.93 -14.43 -15.69
CA GLY C 505 22.66 -14.37 -14.27
C GLY C 505 23.70 -15.05 -13.42
N ALA C 506 24.51 -15.93 -14.01
CA ALA C 506 25.58 -16.58 -13.29
C ALA C 506 26.65 -15.57 -12.89
N LYS C 507 27.40 -15.90 -11.84
CA LYS C 507 28.38 -15.00 -11.27
C LYS C 507 29.71 -15.72 -11.14
N ARG C 508 30.74 -15.17 -11.81
CA ARG C 508 32.09 -15.69 -11.72
C ARG C 508 33.04 -14.56 -11.34
N TRP C 509 34.24 -14.93 -10.90
CA TRP C 509 35.20 -13.98 -10.38
C TRP C 509 36.54 -14.10 -11.09
N ASN C 510 37.28 -12.99 -11.07
CA ASN C 510 38.64 -12.96 -11.60
C ASN C 510 39.40 -11.84 -10.92
N GLY C 511 40.55 -12.16 -10.33
CA GLY C 511 41.36 -11.15 -9.68
C GLY C 511 40.75 -10.67 -8.39
N ALA C 512 40.48 -9.36 -8.28
CA ALA C 512 39.85 -8.83 -7.08
C ALA C 512 38.37 -8.50 -7.28
N ASN C 513 37.82 -8.82 -8.45
CA ASN C 513 36.49 -8.37 -8.84
C ASN C 513 35.61 -9.56 -9.22
N ALA C 514 34.30 -9.39 -9.06
CA ALA C 514 33.31 -10.39 -9.42
C ALA C 514 32.41 -9.84 -10.53
N TYR C 515 31.82 -10.76 -11.29
CA TYR C 515 31.08 -10.38 -12.49
C TYR C 515 29.82 -11.24 -12.63
N VAL C 516 28.84 -10.70 -13.35
CA VAL C 516 27.61 -11.39 -13.67
C VAL C 516 27.45 -11.42 -15.19
N ALA C 517 26.79 -12.46 -15.69
CA ALA C 517 26.63 -12.65 -17.12
C ALA C 517 25.47 -11.85 -17.67
N GLU C 518 25.66 -11.24 -18.83
CA GLU C 518 24.61 -10.53 -19.55
C GLU C 518 23.90 -11.41 -20.57
N ALA C 519 24.48 -12.56 -20.92
CA ALA C 519 23.87 -13.47 -21.86
C ALA C 519 24.43 -14.87 -21.61
N ALA C 520 23.66 -15.88 -22.05
CA ALA C 520 24.15 -17.24 -21.96
C ALA C 520 25.17 -17.51 -23.07
N GLY C 521 25.91 -18.59 -22.91
CA GLY C 521 26.90 -18.98 -23.89
C GLY C 521 28.09 -19.62 -23.22
N THR C 522 29.19 -19.67 -23.97
CA THR C 522 30.43 -20.29 -23.51
C THR C 522 31.49 -19.22 -23.33
N THR C 523 32.39 -19.48 -22.38
CA THR C 523 33.41 -18.51 -22.01
C THR C 523 34.38 -18.26 -23.15
N GLY C 524 35.12 -17.16 -23.03
CA GLY C 524 36.18 -16.79 -23.94
C GLY C 524 37.55 -17.19 -23.41
N ALA C 525 38.57 -16.45 -23.82
CA ALA C 525 39.95 -16.75 -23.40
C ALA C 525 40.69 -15.51 -22.90
N THR C 526 39.97 -14.47 -22.50
CA THR C 526 40.55 -13.28 -21.90
C THR C 526 39.76 -12.96 -20.64
N ALA C 527 40.37 -13.16 -19.48
CA ALA C 527 39.67 -13.05 -18.21
C ALA C 527 39.19 -11.61 -17.98
N PRO C 528 38.04 -11.43 -17.33
CA PRO C 528 37.53 -10.07 -17.09
C PRO C 528 38.42 -9.32 -16.10
N THR C 529 38.86 -8.13 -16.50
CA THR C 529 39.75 -7.30 -15.70
C THR C 529 39.20 -5.90 -15.49
N HIS C 530 37.93 -5.65 -15.82
CA HIS C 530 37.35 -4.33 -15.70
C HIS C 530 36.64 -4.17 -14.37
N THR C 531 36.68 -2.95 -13.83
CA THR C 531 36.01 -2.62 -12.58
C THR C 531 34.77 -1.75 -12.81
N SER C 532 34.15 -1.89 -13.97
CA SER C 532 32.99 -1.08 -14.30
C SER C 532 32.31 -1.63 -15.55
N GLY C 533 30.99 -1.45 -15.61
CA GLY C 533 30.27 -1.68 -16.85
C GLY C 533 30.31 -3.12 -17.32
N THR C 534 30.53 -3.29 -18.63
CA THR C 534 30.42 -4.59 -19.29
C THR C 534 31.51 -4.70 -20.33
N VAL C 535 32.17 -5.86 -20.39
CA VAL C 535 33.22 -6.13 -21.37
C VAL C 535 33.16 -7.60 -21.74
N SER C 536 33.21 -7.88 -23.04
CA SER C 536 33.15 -9.26 -23.51
C SER C 536 34.44 -10.00 -23.19
N ASP C 537 34.30 -11.26 -22.76
CA ASP C 537 35.44 -12.14 -22.60
C ASP C 537 35.79 -12.89 -23.87
N GLY C 538 34.97 -12.76 -24.91
CA GLY C 538 35.13 -13.52 -26.13
C GLY C 538 33.81 -14.09 -26.61
N GLY C 539 33.07 -14.71 -25.69
CA GLY C 539 31.80 -15.32 -26.03
C GLY C 539 30.64 -14.89 -25.16
N VAL C 540 30.94 -14.31 -24.00
CA VAL C 540 29.91 -13.85 -23.06
C VAL C 540 30.34 -12.50 -22.50
N ASN C 541 29.37 -11.61 -22.29
CA ASN C 541 29.62 -10.30 -21.72
C ASN C 541 29.43 -10.35 -20.21
N TRP C 542 30.45 -9.93 -19.46
CA TRP C 542 30.42 -9.95 -18.01
C TRP C 542 30.29 -8.54 -17.47
N ARG C 543 29.37 -8.36 -16.52
CA ARG C 543 29.12 -7.07 -15.90
C ARG C 543 29.78 -7.02 -14.53
N TYR C 544 30.52 -5.95 -14.27
CA TYR C 544 31.16 -5.79 -12.96
C TYR C 544 30.10 -5.49 -11.91
N ILE C 545 30.12 -6.24 -10.81
CA ILE C 545 29.13 -6.07 -9.75
C ILE C 545 29.73 -5.79 -8.39
N GLY C 546 31.02 -6.01 -8.16
CA GLY C 546 31.60 -5.75 -6.85
C GLY C 546 32.92 -6.48 -6.68
N LYS C 547 33.36 -6.55 -5.42
CA LYS C 547 34.65 -7.12 -5.07
C LYS C 547 34.50 -8.54 -4.54
N ARG C 548 35.56 -9.32 -4.66
CA ARG C 548 35.56 -10.72 -4.25
C ARG C 548 36.27 -10.87 -2.91
N ARG C 549 35.50 -11.27 -1.89
CA ARG C 549 36.05 -11.68 -0.60
C ARG C 549 37.06 -10.68 -0.06
N ILE C 550 36.78 -9.40 -0.26
CA ILE C 550 37.73 -8.34 0.08
C ILE C 550 37.66 -7.92 1.54
N ALA C 551 36.62 -8.32 2.26
CA ALA C 551 36.38 -7.79 3.60
C ALA C 551 37.50 -8.22 4.56
N ALA C 552 37.83 -7.32 5.49
CA ALA C 552 38.77 -7.67 6.55
C ALA C 552 38.11 -8.56 7.59
N ALA C 553 36.88 -8.24 7.97
CA ALA C 553 36.13 -9.06 8.91
C ALA C 553 34.65 -8.97 8.56
N ALA C 554 33.90 -9.98 9.00
CA ALA C 554 32.46 -9.97 8.79
C ALA C 554 31.76 -9.09 9.83
N VAL C 555 32.06 -9.32 11.10
CA VAL C 555 31.47 -8.55 12.20
C VAL C 555 32.60 -7.89 12.98
N ALA C 556 32.48 -6.60 13.21
CA ALA C 556 33.49 -5.83 13.93
C ALA C 556 32.84 -4.98 15.01
N LEU C 557 33.55 -4.81 16.12
CA LEU C 557 33.08 -4.02 17.25
C LEU C 557 34.17 -3.04 17.67
N ARG C 558 33.77 -1.79 17.89
CA ARG C 558 34.67 -0.75 18.36
C ARG C 558 33.95 0.04 19.45
N GLY C 559 34.54 1.17 19.85
CA GLY C 559 33.93 1.99 20.88
C GLY C 559 33.95 1.32 22.24
N THR C 560 33.04 1.75 23.10
CA THR C 560 32.89 1.09 24.39
C THR C 560 32.37 -0.32 24.20
N ALA C 561 32.87 -1.23 25.02
CA ALA C 561 32.59 -2.65 24.85
C ALA C 561 31.10 -2.93 24.89
N ALA C 562 30.64 -3.84 24.03
CA ALA C 562 29.26 -4.28 24.07
C ALA C 562 29.03 -5.15 25.30
N ALA C 563 27.85 -4.98 25.91
CA ALA C 563 27.49 -5.80 27.05
C ALA C 563 27.11 -7.21 26.65
N LEU C 564 26.60 -7.40 25.43
CA LEU C 564 26.19 -8.71 24.96
C LEU C 564 26.23 -8.75 23.45
N VAL C 565 26.87 -9.79 22.90
CA VAL C 565 26.81 -10.11 21.48
C VAL C 565 26.24 -11.52 21.36
N ARG C 566 25.07 -11.63 20.75
CA ARG C 566 24.34 -12.89 20.66
C ARG C 566 24.27 -13.32 19.20
N MET C 567 24.87 -14.47 18.90
CA MET C 567 24.80 -15.10 17.59
C MET C 567 24.20 -16.49 17.73
N GLY C 568 23.86 -17.09 16.59
CA GLY C 568 23.24 -18.39 16.60
C GLY C 568 23.66 -19.29 15.46
N GLY C 569 23.00 -20.43 15.31
CA GLY C 569 23.35 -21.37 14.26
C GLY C 569 23.15 -20.85 12.86
N THR C 570 22.34 -19.80 12.69
CA THR C 570 22.14 -19.20 11.39
C THR C 570 23.12 -18.07 11.09
N THR C 571 23.96 -17.70 12.06
CA THR C 571 24.90 -16.60 11.85
C THR C 571 26.02 -17.04 10.92
N ARG C 572 26.28 -16.22 9.90
CA ARG C 572 27.31 -16.50 8.91
C ARG C 572 28.38 -15.41 8.96
N THR C 573 29.63 -15.83 9.15
CA THR C 573 30.77 -14.91 9.16
C THR C 573 31.92 -15.43 8.30
N ASN C 574 31.63 -16.30 7.33
CA ASN C 574 32.67 -17.04 6.64
C ASN C 574 33.12 -16.35 5.36
N SER C 575 34.30 -16.76 4.89
CA SER C 575 34.85 -16.46 3.57
C SER C 575 35.37 -15.04 3.42
N THR C 576 35.73 -14.38 4.52
CA THR C 576 36.36 -13.07 4.42
C THR C 576 37.88 -13.24 4.38
N SER C 577 38.63 -12.17 4.70
CA SER C 577 40.09 -12.26 4.71
C SER C 577 40.57 -13.35 5.66
N THR C 578 40.13 -13.28 6.92
CA THR C 578 40.45 -14.31 7.88
C THR C 578 39.50 -15.51 7.71
N ALA C 579 39.71 -16.53 8.53
CA ALA C 579 38.84 -17.69 8.53
C ALA C 579 37.64 -17.53 9.45
N HIS C 580 37.70 -16.59 10.38
CA HIS C 580 36.66 -16.41 11.39
C HIS C 580 35.74 -15.24 11.12
N GLY C 581 36.24 -14.19 10.49
CA GLY C 581 35.43 -12.99 10.28
C GLY C 581 35.23 -12.13 11.51
N ILE C 582 35.87 -12.47 12.62
CA ILE C 582 35.72 -11.75 13.88
C ILE C 582 36.86 -10.73 14.01
N ASP C 583 36.50 -9.49 14.38
CA ASP C 583 37.45 -8.43 14.71
C ASP C 583 36.82 -7.59 15.83
N PHE C 584 36.97 -8.09 17.06
CA PHE C 584 36.50 -7.39 18.26
C PHE C 584 37.72 -6.76 18.93
N SER C 585 37.86 -5.44 18.80
CA SER C 585 39.05 -4.78 19.33
C SER C 585 38.87 -4.46 20.81
N PRO C 586 37.72 -3.86 21.23
CA PRO C 586 37.29 -4.02 22.62
C PRO C 586 36.29 -5.15 22.72
N SER C 587 36.73 -6.26 23.28
CA SER C 587 35.94 -7.47 23.32
C SER C 587 34.67 -7.27 24.14
N PRO C 588 33.57 -7.90 23.73
CA PRO C 588 32.32 -7.77 24.49
C PRO C 588 32.42 -8.48 25.83
N THR C 589 31.76 -7.90 26.83
CA THR C 589 31.78 -8.49 28.17
C THR C 589 31.09 -9.84 28.21
N ARG C 590 30.18 -10.11 27.28
CA ARG C 590 29.62 -11.45 27.13
C ARG C 590 29.36 -11.69 25.64
N TRP C 591 29.76 -12.86 25.16
CA TRP C 591 29.63 -13.24 23.76
C TRP C 591 29.01 -14.63 23.71
N GLU C 592 27.72 -14.69 23.37
CA GLU C 592 27.01 -15.94 23.21
C GLU C 592 26.93 -16.30 21.74
N TRP C 593 27.29 -17.53 21.41
CA TRP C 593 27.15 -18.04 20.05
C TRP C 593 26.69 -19.50 20.16
N SER C 594 25.42 -19.73 19.87
CA SER C 594 24.84 -21.06 19.99
C SER C 594 24.96 -21.82 18.68
N ASP C 595 25.24 -23.12 18.79
CA ASP C 595 25.25 -24.03 17.65
C ASP C 595 26.32 -23.64 16.63
N ILE C 596 27.56 -23.49 17.12
CA ILE C 596 28.68 -23.20 16.22
C ILE C 596 28.98 -24.40 15.36
N ASP C 597 29.23 -25.56 15.98
CA ASP C 597 29.51 -26.79 15.26
C ASP C 597 29.21 -27.97 16.16
N ALA C 598 29.08 -29.14 15.53
CA ALA C 598 28.82 -30.39 16.25
C ALA C 598 29.22 -31.55 15.35
N GLY C 599 29.30 -32.73 15.94
CA GLY C 599 29.64 -33.92 15.19
C GLY C 599 30.07 -35.05 16.11
N THR C 600 30.53 -36.13 15.48
CA THR C 600 31.05 -37.31 16.17
C THR C 600 32.48 -37.58 15.70
N ALA C 601 33.38 -37.79 16.66
CA ALA C 601 34.76 -38.17 16.38
C ALA C 601 35.04 -39.55 16.95
N THR C 602 35.98 -40.25 16.31
CA THR C 602 36.37 -41.59 16.73
C THR C 602 37.85 -41.58 17.08
N LEU C 603 38.17 -41.97 18.32
CA LEU C 603 39.50 -41.80 18.86
C LEU C 603 40.49 -42.80 18.26
N ALA C 604 41.78 -42.49 18.40
CA ALA C 604 42.86 -43.35 17.95
C ALA C 604 44.07 -43.07 18.82
N ALA C 605 44.60 -44.11 19.47
CA ALA C 605 45.68 -43.97 20.46
C ALA C 605 45.29 -43.01 21.58
N GLY C 606 43.99 -42.94 21.88
CA GLY C 606 43.50 -42.20 23.02
C GLY C 606 42.98 -40.81 22.72
N THR C 607 43.34 -40.23 21.58
CA THR C 607 43.01 -38.83 21.30
C THR C 607 42.55 -38.65 19.86
N VAL C 608 41.83 -37.55 19.64
CA VAL C 608 41.59 -36.99 18.32
C VAL C 608 41.69 -35.48 18.42
N THR C 609 42.01 -34.85 17.29
CA THR C 609 41.92 -33.40 17.15
C THR C 609 40.90 -33.11 16.07
N VAL C 610 39.73 -32.65 16.47
CA VAL C 610 38.64 -32.38 15.53
C VAL C 610 38.85 -31.03 14.88
N ASN C 611 38.59 -30.96 13.57
CA ASN C 611 38.65 -29.70 12.83
C ASN C 611 37.25 -29.10 12.77
N ILE C 612 37.13 -27.85 13.23
CA ILE C 612 35.90 -27.10 13.00
C ILE C 612 35.72 -26.93 11.49
N THR C 613 34.46 -26.96 11.05
CA THR C 613 34.18 -26.71 9.64
C THR C 613 34.74 -25.35 9.23
N ASP C 614 35.13 -25.25 7.97
CA ASP C 614 35.84 -24.06 7.48
C ASP C 614 35.02 -22.79 7.73
N ASN C 615 33.70 -22.87 7.55
CA ASN C 615 32.87 -21.68 7.66
C ASN C 615 32.79 -21.15 9.10
N ARG C 616 32.87 -22.05 10.10
CA ARG C 616 32.70 -21.67 11.49
C ARG C 616 34.01 -21.67 12.27
N ARG C 617 35.14 -21.51 11.60
CA ARG C 617 36.41 -21.39 12.30
C ARG C 617 36.38 -20.19 13.24
N GLN C 618 36.99 -20.34 14.40
CA GLN C 618 36.86 -19.37 15.48
C GLN C 618 38.03 -18.40 15.51
N VAL C 619 37.81 -17.28 16.20
CA VAL C 619 38.84 -16.27 16.35
C VAL C 619 39.86 -16.64 17.42
N ASP C 620 39.51 -17.52 18.35
CA ASP C 620 40.42 -17.97 19.38
C ASP C 620 39.95 -19.33 19.88
N GLY C 621 40.58 -19.82 20.95
CA GLY C 621 40.20 -21.08 21.54
C GLY C 621 39.42 -20.91 22.83
N ASN C 622 38.76 -19.76 22.98
CA ASN C 622 37.97 -19.47 24.17
C ASN C 622 36.54 -19.99 24.08
N TYR C 623 36.18 -20.67 23.00
CA TYR C 623 34.85 -21.25 22.88
C TYR C 623 34.70 -22.45 23.82
N ARG C 624 33.47 -22.91 23.97
CA ARG C 624 33.16 -24.03 24.83
C ARG C 624 32.96 -25.30 24.02
N VAL C 625 33.30 -26.44 24.62
CA VAL C 625 33.14 -27.74 24.00
C VAL C 625 32.39 -28.65 24.97
N LEU C 626 31.39 -29.36 24.47
CA LEU C 626 30.74 -30.44 25.19
C LEU C 626 30.98 -31.74 24.44
N VAL C 627 31.06 -32.84 25.18
CA VAL C 627 31.41 -34.13 24.61
C VAL C 627 30.97 -35.22 25.58
N THR C 628 30.38 -36.28 25.05
CA THR C 628 30.12 -37.48 25.82
C THR C 628 30.48 -38.70 24.99
N GLY C 629 30.98 -39.74 25.67
CA GLY C 629 31.50 -40.90 24.99
C GLY C 629 30.47 -42.00 24.83
N THR C 630 30.86 -43.01 24.06
CA THR C 630 30.01 -44.15 23.77
C THR C 630 30.36 -45.39 24.60
N VAL C 631 31.39 -45.31 25.44
CA VAL C 631 31.83 -46.41 26.29
C VAL C 631 32.23 -45.87 27.65
N ASN C 632 32.64 -46.78 28.54
CA ASN C 632 32.96 -46.45 29.93
C ASN C 632 34.39 -45.94 30.05
N GLU C 633 34.60 -44.73 29.53
CA GLU C 633 35.87 -44.03 29.66
C GLU C 633 35.57 -42.56 29.92
N THR C 634 36.49 -41.89 30.62
CA THR C 634 36.32 -40.48 30.94
C THR C 634 36.96 -39.63 29.85
N PHE C 635 36.14 -38.91 29.09
CA PHE C 635 36.60 -38.09 27.99
C PHE C 635 36.63 -36.63 28.41
N TYR C 636 37.62 -35.89 27.89
CA TYR C 636 37.76 -34.48 28.22
C TYR C 636 38.43 -33.76 27.06
N VAL C 637 38.34 -32.44 27.08
CA VAL C 637 38.92 -31.59 26.05
C VAL C 637 40.21 -31.02 26.62
N SER C 638 41.35 -31.58 26.19
CA SER C 638 42.63 -31.17 26.72
C SER C 638 43.18 -29.92 26.06
N ALA C 639 42.68 -29.55 24.88
CA ALA C 639 43.18 -28.37 24.18
C ALA C 639 42.10 -27.83 23.26
N ARG C 640 42.14 -26.52 23.04
CA ARG C 640 41.22 -25.83 22.13
C ARG C 640 41.96 -24.73 21.41
N ALA C 641 41.98 -24.81 20.08
CA ALA C 641 42.60 -23.80 19.24
C ALA C 641 41.55 -23.15 18.36
N ALA C 642 41.96 -22.08 17.66
CA ALA C 642 41.01 -21.30 16.87
C ALA C 642 40.33 -22.15 15.79
N SER C 643 41.05 -23.11 15.22
CA SER C 643 40.53 -23.93 14.14
C SER C 643 40.32 -25.39 14.51
N ASN C 644 40.75 -25.81 15.69
CA ASN C 644 40.61 -27.20 16.07
C ASN C 644 40.67 -27.33 17.59
N PHE C 645 40.19 -28.47 18.08
CA PHE C 645 40.28 -28.83 19.48
C PHE C 645 40.55 -30.33 19.56
N THR C 646 41.13 -30.75 20.69
CA THR C 646 41.52 -32.14 20.87
C THR C 646 40.71 -32.77 21.99
N ILE C 647 40.17 -33.96 21.71
CA ILE C 647 39.50 -34.79 22.71
C ILE C 647 40.43 -35.95 23.06
N THR C 648 40.61 -36.18 24.36
CA THR C 648 41.41 -37.30 24.83
C THR C 648 40.59 -38.11 25.84
N SER C 649 41.00 -39.35 26.04
CA SER C 649 40.33 -40.27 26.94
C SER C 649 41.27 -40.66 28.08
N SER C 650 40.70 -41.34 29.08
CA SER C 650 41.53 -41.94 30.12
C SER C 650 42.33 -43.11 29.55
N ASN C 651 41.65 -44.02 28.86
CA ASN C 651 42.31 -45.14 28.20
C ASN C 651 43.18 -44.60 27.08
N ALA C 652 44.51 -44.76 27.21
CA ALA C 652 45.44 -44.25 26.21
C ALA C 652 45.41 -45.04 24.91
N ALA C 653 44.69 -46.17 24.87
CA ALA C 653 44.48 -46.93 23.66
C ALA C 653 43.03 -46.87 23.20
N SER C 654 42.38 -45.73 23.44
CA SER C 654 40.96 -45.61 23.17
C SER C 654 40.69 -45.55 21.67
N THR C 655 39.75 -46.37 21.22
CA THR C 655 39.25 -46.36 19.85
C THR C 655 37.77 -46.02 19.81
N ALA C 656 37.33 -45.21 20.78
CA ALA C 656 35.91 -44.97 21.01
C ALA C 656 35.41 -43.79 20.19
N THR C 657 34.11 -43.82 19.89
CA THR C 657 33.44 -42.71 19.24
C THR C 657 32.84 -41.79 20.28
N VAL C 658 32.98 -40.49 20.06
CA VAL C 658 32.48 -39.47 20.98
C VAL C 658 31.71 -38.42 20.19
N MET C 659 30.61 -37.96 20.77
CA MET C 659 29.79 -36.90 20.17
C MET C 659 30.06 -35.59 20.88
N TRP C 660 30.17 -34.51 20.10
CA TRP C 660 30.61 -33.23 20.63
C TRP C 660 29.74 -32.10 20.09
N LYS C 661 29.97 -30.89 20.62
CA LYS C 661 29.24 -29.71 20.23
C LYS C 661 30.05 -28.48 20.62
N ILE C 662 30.07 -27.47 19.74
CA ILE C 662 30.83 -26.24 19.94
C ILE C 662 29.86 -25.08 20.06
N PHE C 663 30.13 -24.19 21.01
CA PHE C 663 29.28 -23.03 21.25
C PHE C 663 30.04 -22.02 22.10
N ARG C 664 29.42 -20.86 22.30
CA ARG C 664 29.99 -19.82 23.15
C ARG C 664 28.95 -19.31 24.15
#